data_9QBQ
#
_entry.id   9QBQ
#
_cell.length_a   127.734
_cell.length_b   73.290
_cell.length_c   128.001
_cell.angle_alpha   90.00
_cell.angle_beta   115.17
_cell.angle_gamma   90.00
#
_symmetry.space_group_name_H-M   'P 1 21 1'
#
loop_
_entity.id
_entity.type
_entity.pdbx_description
1 polymer 'DUF4365 domain-containing protein'
2 polymer 'Protein argonaute'
3 non-polymer 'SULFATE ION'
4 water water
#
loop_
_entity_poly.entity_id
_entity_poly.type
_entity_poly.pdbx_seq_one_letter_code
_entity_poly.pdbx_strand_id
1 'polypeptide(L)'
;MGGSHHHHHHGMASMSKRITDSQVLGELGETAIKKIVLETGFLYEQRGRLEAGTDGIIELRDPKSGAPLGKLLGVQVKST
ESGQYVRENDNSFEYLLKPDDLKYWRTSNIPVIIVLWRKSDETAYWKDVSDCVRGEERRLKFDKGTDVFDPRSADRIGAL
TIDRRTPGVFLPPLNKGEDAIINLLRIRLPDEIFISTSPFGSGRDAVPELVKHGNVRFDWVIRKRRFVSFFDPREYGTRA
IVDLDQVEAVDTKLIAFNDEQDDLNDTMDLLRRTVERQTATQLSFLRKDRLFHFKAVGVGKSRSYRYMSNVNETSAKVVS
AYSSKKKDGWGYVRHHAARLRFERLADEWFLVIDPDFHFTTDGFQPHRYPEALLAGKKRLERNAAVRGQVTMWQHLLVES
GKHEVGLFDADKPAPLLQFERLPVIQLSQAVPESSWNRTDPRAKEMEAQDLFEEGGVG
;
A,C
2 'polypeptide(L)'
;MTFKAHVFDEPMLEFGDGGQHCDPRQGLREHGPLQPRSGDVIRVGVIGTDDTVAGFTEFLAETGRGIESGNKQLINLNPD
FPGLGNQNPFRCKFEVPDGATVTISRRQVNDITGIGRHDEAVRHAVELISSQLSALVEGSAKPDVIVLALPIPLIEKLVN
AKSEGEDSDDDVDGGDMLNFRDLLKAKTLHLPVPTQIVWPDTWDDAAKIPRKIKRDSNRQTQVKATRAWNLLNALFYKAG
KVPWRLLPDQAEYRTSFLGIGFYRDLDGQQLWTSTAQMFDERGRGLILRGARAQTETRGRHPYLTAKDAEDLVVQSIAAY
KAHHRHVPARLVVLKTSRFRSEEAEGIDAALGKSGIEMSDLVWVQESSPIAIFRDGNYPVLRGTFVDLDGKGLLYTRGSV
PFYGTFPGLRVPRPLLLVPHENSDSTILTLAKDVLALTKVNWNTTQFDQKLPAPIKAAREVGRILKHVEFGTAVSSDFRR
YT
;
B,D
#
# COMPACT_ATOMS: atom_id res chain seq x y z
N THR A 20 -9.52 -32.21 51.23
CA THR A 20 -10.56 -31.43 51.91
C THR A 20 -11.29 -32.28 52.95
N ASP A 21 -11.31 -31.81 54.20
CA ASP A 21 -11.97 -32.56 55.25
C ASP A 21 -13.48 -32.61 55.05
N SER A 22 -14.07 -31.55 54.52
CA SER A 22 -15.52 -31.49 54.36
C SER A 22 -15.99 -32.19 53.09
N GLN A 23 -15.16 -32.23 52.05
CA GLN A 23 -15.52 -32.92 50.81
C GLN A 23 -15.88 -34.38 51.09
N VAL A 24 -15.06 -35.06 51.88
CA VAL A 24 -15.30 -36.46 52.17
C VAL A 24 -16.61 -36.65 52.95
N LEU A 25 -16.92 -35.70 53.85
CA LEU A 25 -18.10 -35.83 54.69
C LEU A 25 -19.37 -35.89 53.84
N GLY A 26 -19.45 -35.08 52.78
CA GLY A 26 -20.61 -35.04 51.93
C GLY A 26 -20.75 -36.22 50.98
N GLU A 27 -19.63 -36.60 50.34
CA GLU A 27 -19.65 -37.68 49.36
C GLU A 27 -20.22 -38.98 49.92
N LEU A 28 -19.98 -39.24 51.21
CA LEU A 28 -20.59 -40.41 51.85
C LEU A 28 -22.11 -40.30 51.82
N GLY A 29 -22.65 -39.13 52.17
CA GLY A 29 -24.08 -38.92 52.05
C GLY A 29 -24.55 -39.07 50.62
N GLU A 30 -23.91 -38.35 49.69
CA GLU A 30 -24.29 -38.44 48.28
C GLU A 30 -24.33 -39.88 47.79
N THR A 31 -23.34 -40.69 48.21
CA THR A 31 -23.24 -42.06 47.71
C THR A 31 -24.44 -42.90 48.14
N ALA A 32 -24.85 -42.79 49.40
CA ALA A 32 -25.97 -43.58 49.90
C ALA A 32 -27.25 -43.24 49.15
N ILE A 33 -27.65 -41.97 49.21
CA ILE A 33 -28.81 -41.49 48.46
C ILE A 33 -28.70 -41.78 46.96
N LYS A 34 -27.49 -41.71 46.41
CA LYS A 34 -27.35 -41.97 44.97
C LYS A 34 -27.67 -43.43 44.64
N LYS A 35 -27.21 -44.36 45.48
CA LYS A 35 -27.56 -45.76 45.28
C LYS A 35 -29.07 -45.96 45.38
N ILE A 36 -29.75 -45.16 46.21
CA ILE A 36 -31.19 -45.26 46.33
C ILE A 36 -31.87 -44.90 45.02
N VAL A 37 -31.42 -43.81 44.38
CA VAL A 37 -32.17 -43.28 43.24
C VAL A 37 -31.93 -44.12 41.98
N LEU A 38 -30.71 -44.62 41.77
CA LEU A 38 -30.47 -45.46 40.61
C LEU A 38 -31.20 -46.80 40.70
N GLU A 39 -31.49 -47.27 41.91
CA GLU A 39 -32.29 -48.48 42.04
C GLU A 39 -33.68 -48.31 41.45
N THR A 40 -34.12 -47.07 41.22
CA THR A 40 -35.37 -46.78 40.54
C THR A 40 -35.17 -46.23 39.14
N GLY A 41 -33.93 -46.17 38.65
CA GLY A 41 -33.65 -45.69 37.31
C GLY A 41 -33.35 -44.20 37.21
N PHE A 42 -33.50 -43.45 38.29
CA PHE A 42 -33.23 -42.02 38.26
C PHE A 42 -31.72 -41.77 38.14
N LEU A 43 -31.37 -40.53 37.80
CA LEU A 43 -29.98 -40.16 37.59
C LEU A 43 -29.52 -39.18 38.65
N TYR A 44 -28.22 -39.19 38.93
CA TYR A 44 -27.61 -38.24 39.85
C TYR A 44 -26.35 -37.67 39.21
N GLU A 45 -26.19 -36.36 39.29
CA GLU A 45 -25.03 -35.66 38.77
C GLU A 45 -24.53 -34.66 39.81
N GLN A 46 -23.21 -34.65 39.99
CA GLN A 46 -22.61 -33.67 40.90
C GLN A 46 -22.77 -32.27 40.31
N ARG A 47 -23.14 -31.32 41.16
CA ARG A 47 -23.30 -29.93 40.69
C ARG A 47 -22.74 -28.95 41.73
N GLY A 53 -21.98 -31.07 51.99
CA GLY A 53 -21.91 -29.91 51.08
C GLY A 53 -22.00 -30.35 49.63
N THR A 54 -23.04 -31.11 49.28
CA THR A 54 -23.17 -31.64 47.89
C THR A 54 -24.48 -31.21 47.25
N ASP A 55 -24.44 -30.78 45.99
CA ASP A 55 -25.67 -30.42 45.25
C ASP A 55 -25.79 -31.37 44.06
N GLY A 56 -27.01 -31.81 43.74
CA GLY A 56 -27.21 -32.75 42.65
C GLY A 56 -28.54 -32.54 41.98
N ILE A 57 -28.67 -33.10 40.78
CA ILE A 57 -29.88 -33.01 39.97
C ILE A 57 -30.32 -34.42 39.60
N ILE A 58 -31.62 -34.66 39.62
CA ILE A 58 -32.20 -35.97 39.40
C ILE A 58 -32.99 -35.95 38.10
N GLU A 59 -32.77 -36.95 37.24
CA GLU A 59 -33.47 -37.07 35.97
C GLU A 59 -34.09 -38.46 35.85
N LEU A 60 -35.38 -38.51 35.54
CA LEU A 60 -36.09 -39.77 35.48
C LEU A 60 -35.84 -40.48 34.15
N ARG A 61 -35.95 -41.81 34.18
CA ARG A 61 -35.68 -42.64 33.01
C ARG A 61 -36.86 -43.56 32.70
N ASP A 62 -37.21 -43.63 31.42
CA ASP A 62 -38.25 -44.50 30.89
C ASP A 62 -37.71 -45.92 30.76
N PRO A 63 -38.37 -46.94 31.38
CA PRO A 63 -37.77 -48.28 31.45
C PRO A 63 -37.26 -48.88 30.14
N LYS A 64 -38.11 -49.05 29.14
CA LYS A 64 -37.68 -49.71 27.91
C LYS A 64 -36.63 -48.90 27.17
N SER A 65 -36.84 -47.60 27.03
CA SER A 65 -35.93 -46.77 26.25
C SER A 65 -34.56 -46.68 26.89
N GLY A 66 -34.50 -46.66 28.22
CA GLY A 66 -33.24 -46.41 28.90
C GLY A 66 -32.67 -45.04 28.62
N ALA A 67 -33.53 -44.06 28.39
CA ALA A 67 -33.14 -42.73 27.97
C ALA A 67 -33.71 -41.69 28.93
N PRO A 68 -33.10 -40.51 29.01
CA PRO A 68 -33.60 -39.48 29.93
C PRO A 68 -34.98 -38.97 29.52
N LEU A 69 -35.87 -38.87 30.51
CA LEU A 69 -37.17 -38.26 30.28
C LEU A 69 -37.09 -36.75 30.12
N GLY A 70 -36.00 -36.14 30.59
CA GLY A 70 -35.90 -34.69 30.66
C GLY A 70 -36.39 -34.10 31.97
N LYS A 71 -37.25 -34.83 32.69
CA LYS A 71 -37.77 -34.35 33.97
C LYS A 71 -36.65 -34.25 34.99
N LEU A 72 -36.46 -33.06 35.55
CA LEU A 72 -35.37 -32.81 36.48
C LEU A 72 -35.91 -32.45 37.85
N LEU A 73 -35.01 -32.50 38.84
CA LEU A 73 -35.30 -32.15 40.22
C LEU A 73 -34.01 -32.06 41.02
N GLY A 74 -33.82 -30.98 41.76
CA GLY A 74 -32.57 -30.74 42.46
C GLY A 74 -32.57 -31.37 43.84
N VAL A 75 -31.48 -32.05 44.17
CA VAL A 75 -31.31 -32.74 45.45
C VAL A 75 -30.04 -32.23 46.11
N GLN A 76 -30.15 -31.84 47.38
CA GLN A 76 -29.01 -31.44 48.18
C GLN A 76 -28.88 -32.42 49.34
N VAL A 77 -27.73 -33.09 49.41
CA VAL A 77 -27.50 -34.17 50.38
C VAL A 77 -26.62 -33.64 51.50
N LYS A 78 -27.15 -33.65 52.73
CA LYS A 78 -26.42 -33.16 53.89
C LYS A 78 -26.42 -34.22 54.97
N SER A 79 -25.32 -34.29 55.72
CA SER A 79 -25.17 -35.27 56.79
C SER A 79 -24.32 -34.73 57.93
N ASP A 100 -29.24 -17.85 55.49
CA ASP A 100 -28.45 -16.89 54.66
C ASP A 100 -27.45 -17.72 53.87
N ASP A 101 -26.91 -18.78 54.47
CA ASP A 101 -26.03 -19.68 53.71
C ASP A 101 -27.00 -20.55 52.93
N LEU A 102 -27.75 -19.91 52.04
CA LEU A 102 -28.81 -20.62 51.32
C LEU A 102 -28.23 -21.36 50.13
N LYS A 103 -29.09 -22.03 49.38
CA LYS A 103 -28.65 -22.75 48.17
C LYS A 103 -28.31 -21.74 47.07
N TYR A 104 -27.47 -22.14 46.14
CA TYR A 104 -27.16 -21.21 45.03
C TYR A 104 -28.21 -21.44 43.95
N TRP A 105 -29.12 -22.38 44.22
CA TRP A 105 -30.18 -22.68 43.24
C TRP A 105 -31.23 -21.57 43.33
N ARG A 106 -30.95 -20.51 44.09
CA ARG A 106 -31.96 -19.45 44.32
C ARG A 106 -32.40 -18.82 42.99
N THR A 107 -31.48 -18.56 42.08
CA THR A 107 -31.92 -18.05 40.75
C THR A 107 -32.73 -19.13 40.08
N SER A 108 -32.31 -20.39 40.21
CA SER A 108 -32.97 -21.48 39.46
C SER A 108 -34.46 -21.56 39.78
N ASN A 109 -35.26 -21.76 38.74
CA ASN A 109 -36.71 -21.96 38.99
C ASN A 109 -36.93 -23.46 39.09
N ILE A 110 -36.09 -24.14 39.89
CA ILE A 110 -36.19 -25.60 39.97
C ILE A 110 -36.74 -25.97 41.35
N PRO A 111 -37.59 -27.00 41.45
CA PRO A 111 -37.96 -27.48 42.78
C PRO A 111 -36.73 -28.04 43.49
N VAL A 112 -36.55 -27.63 44.75
CA VAL A 112 -35.37 -27.96 45.53
C VAL A 112 -35.80 -28.83 46.69
N ILE A 113 -35.10 -29.95 46.90
CA ILE A 113 -35.34 -30.82 48.04
C ILE A 113 -34.02 -31.00 48.78
N ILE A 114 -34.10 -31.11 50.10
CA ILE A 114 -32.94 -31.32 50.96
C ILE A 114 -33.09 -32.68 51.62
N VAL A 115 -32.00 -33.42 51.70
CA VAL A 115 -31.97 -34.75 52.31
C VAL A 115 -31.11 -34.70 53.56
N LEU A 116 -31.57 -35.37 54.61
CA LEU A 116 -30.95 -35.32 55.92
C LEU A 116 -30.41 -36.69 56.28
N TRP A 117 -29.11 -36.77 56.57
CA TRP A 117 -28.43 -38.02 56.80
C TRP A 117 -27.55 -37.92 58.04
N ARG A 118 -27.05 -39.06 58.49
CA ARG A 118 -26.24 -39.17 59.69
C ARG A 118 -25.29 -40.34 59.51
N LYS A 119 -24.07 -40.20 60.04
CA LYS A 119 -23.08 -41.27 59.94
C LYS A 119 -23.59 -42.56 60.58
N SER A 120 -24.34 -42.44 61.67
CA SER A 120 -24.76 -43.60 62.44
C SER A 120 -26.06 -44.21 61.93
N ASP A 121 -27.09 -43.38 61.69
CA ASP A 121 -28.41 -43.90 61.35
C ASP A 121 -28.43 -44.64 60.00
N ASP A 128 -39.34 -31.39 50.76
CA ASP A 128 -39.38 -30.34 49.74
C ASP A 128 -39.01 -29.00 50.37
N VAL A 129 -37.99 -28.35 49.80
CA VAL A 129 -37.52 -27.07 50.32
C VAL A 129 -37.48 -26.07 49.18
N SER A 130 -38.48 -26.16 48.28
CA SER A 130 -38.60 -25.16 47.21
C SER A 130 -38.73 -23.76 47.78
N ASP A 131 -39.30 -23.63 48.99
CA ASP A 131 -39.30 -22.36 49.69
C ASP A 131 -37.89 -22.05 50.20
N CYS A 132 -37.39 -20.86 49.89
CA CYS A 132 -36.10 -20.39 50.38
C CYS A 132 -36.33 -19.12 51.20
N VAL A 133 -35.90 -19.15 52.46
CA VAL A 133 -36.05 -18.02 53.36
C VAL A 133 -34.67 -17.63 53.89
N ARG A 134 -34.64 -16.52 54.61
CA ARG A 134 -33.43 -15.86 55.10
C ARG A 134 -32.38 -16.83 55.65
N ASP A 147 -42.39 -39.77 56.13
CA ASP A 147 -41.57 -38.93 55.22
C ASP A 147 -40.10 -39.38 55.29
N VAL A 148 -39.70 -40.39 54.51
CA VAL A 148 -38.31 -40.97 54.58
C VAL A 148 -37.82 -41.31 53.17
N PHE A 149 -36.60 -41.82 53.06
CA PHE A 149 -36.01 -42.07 51.72
C PHE A 149 -36.18 -43.53 51.37
N ASP A 150 -37.08 -44.19 52.09
CA ASP A 150 -37.37 -45.57 51.71
C ASP A 150 -37.83 -45.44 50.27
N PRO A 151 -37.48 -46.37 49.37
CA PRO A 151 -37.75 -46.20 47.94
C PRO A 151 -39.21 -45.97 47.51
N ARG A 152 -40.18 -46.27 48.37
CA ARG A 152 -41.58 -45.96 48.03
C ARG A 152 -41.63 -44.44 47.87
N SER A 153 -40.83 -43.74 48.66
CA SER A 153 -40.84 -42.26 48.63
C SER A 153 -40.47 -41.85 47.23
N ALA A 154 -39.70 -42.67 46.54
CA ALA A 154 -39.21 -42.22 45.23
C ALA A 154 -40.40 -41.93 44.33
N ASP A 155 -41.39 -42.81 44.30
CA ASP A 155 -42.48 -42.50 43.36
C ASP A 155 -43.00 -41.12 43.78
N ARG A 156 -43.09 -40.88 45.10
CA ARG A 156 -43.68 -39.61 45.54
C ARG A 156 -42.79 -38.43 45.20
N ILE A 157 -41.49 -38.58 45.41
CA ILE A 157 -40.54 -37.49 45.12
C ILE A 157 -40.51 -37.18 43.63
N GLY A 158 -40.69 -38.20 42.79
CA GLY A 158 -40.71 -37.97 41.36
C GLY A 158 -41.79 -37.00 40.91
N ALA A 159 -42.94 -37.00 41.59
CA ALA A 159 -44.03 -36.12 41.20
C ALA A 159 -43.61 -34.65 41.19
N LEU A 160 -42.64 -34.28 42.01
CA LEU A 160 -42.15 -32.90 42.08
C LEU A 160 -41.10 -32.64 40.98
N THR A 161 -41.52 -32.90 39.75
CA THR A 161 -40.64 -32.61 38.62
C THR A 161 -40.51 -31.11 38.41
N ILE A 162 -39.50 -30.72 37.63
CA ILE A 162 -39.28 -29.28 37.28
C ILE A 162 -40.06 -29.01 36.01
N ASP A 163 -40.78 -30.01 35.52
CA ASP A 163 -41.52 -29.86 34.24
C ASP A 163 -40.50 -29.75 33.10
N ARG A 164 -39.33 -30.35 33.28
CA ARG A 164 -38.33 -30.43 32.18
C ARG A 164 -37.88 -29.07 31.68
N ARG A 165 -37.87 -28.88 30.38
CA ARG A 165 -37.39 -27.62 29.76
C ARG A 165 -38.48 -26.55 29.84
N THR A 166 -38.85 -26.16 31.04
CA THR A 166 -39.82 -25.05 31.18
C THR A 166 -39.01 -23.75 31.15
N PRO A 167 -39.46 -22.68 30.47
CA PRO A 167 -38.65 -21.49 30.37
C PRO A 167 -38.30 -20.91 31.73
N GLY A 168 -37.02 -20.62 31.97
CA GLY A 168 -36.60 -20.08 33.28
C GLY A 168 -35.72 -21.03 34.05
N VAL A 169 -35.51 -22.25 33.56
CA VAL A 169 -34.58 -23.20 34.22
C VAL A 169 -33.18 -22.61 34.07
N PHE A 170 -32.31 -22.72 35.08
CA PHE A 170 -31.02 -22.01 34.95
C PHE A 170 -29.83 -22.89 34.58
N LEU A 171 -29.85 -24.19 34.84
CA LEU A 171 -28.66 -25.05 34.57
C LEU A 171 -27.42 -24.35 35.16
N PRO A 172 -27.37 -24.03 36.47
CA PRO A 172 -26.28 -23.21 37.01
C PRO A 172 -24.87 -23.79 36.96
N PRO A 173 -23.81 -22.94 36.86
CA PRO A 173 -22.44 -23.42 36.73
C PRO A 173 -21.88 -24.14 37.97
N LEU A 174 -20.95 -25.06 37.75
CA LEU A 174 -20.38 -25.84 38.88
C LEU A 174 -19.52 -24.94 39.76
N ASN A 175 -19.41 -25.23 41.05
CA ASN A 175 -18.67 -24.44 42.02
C ASN A 175 -17.25 -24.93 42.25
N LYS A 176 -16.98 -26.21 42.00
CA LYS A 176 -15.71 -26.81 42.38
C LYS A 176 -14.53 -26.07 41.78
N GLY A 177 -14.73 -25.42 40.64
CA GLY A 177 -13.66 -24.72 39.95
C GLY A 177 -12.96 -25.64 38.95
N GLU A 178 -12.13 -25.00 38.12
CA GLU A 178 -11.38 -25.72 37.11
C GLU A 178 -10.21 -24.84 36.68
N ASP A 179 -9.31 -25.43 35.89
CA ASP A 179 -8.10 -24.76 35.45
C ASP A 179 -8.22 -24.33 34.00
N ALA A 180 -7.25 -23.55 33.56
CA ALA A 180 -7.17 -23.07 32.19
C ALA A 180 -5.76 -22.56 31.93
N ILE A 181 -5.32 -22.72 30.68
CA ILE A 181 -3.99 -22.31 30.28
C ILE A 181 -4.10 -21.01 29.48
N ILE A 182 -2.99 -20.28 29.41
CA ILE A 182 -2.94 -19.02 28.69
C ILE A 182 -1.90 -19.14 27.59
N ASN A 183 -2.16 -18.47 26.46
CA ASN A 183 -1.26 -18.52 25.31
C ASN A 183 -0.01 -17.68 25.50
N LEU A 184 0.25 -17.19 26.71
CA LEU A 184 1.43 -16.39 27.00
C LEU A 184 2.60 -17.29 27.40
N LEU A 185 3.81 -16.84 27.09
CA LEU A 185 5.04 -17.46 27.57
C LEU A 185 6.00 -16.38 28.02
N ARG A 186 6.49 -16.50 29.25
CA ARG A 186 7.45 -15.54 29.77
C ARG A 186 8.77 -15.66 29.03
N ILE A 187 9.27 -14.55 28.52
CA ILE A 187 10.54 -14.52 27.79
C ILE A 187 11.64 -14.13 28.76
N ARG A 188 12.69 -14.95 28.81
CA ARG A 188 13.88 -14.66 29.61
C ARG A 188 14.94 -14.09 28.67
N LEU A 189 15.20 -12.79 28.79
CA LEU A 189 16.07 -12.06 27.88
C LEU A 189 17.50 -12.03 28.40
N PRO A 190 18.48 -12.00 27.49
CA PRO A 190 19.87 -11.81 27.92
C PRO A 190 20.02 -10.50 28.68
N ASP A 191 20.82 -10.55 29.75
CA ASP A 191 20.90 -9.42 30.68
C ASP A 191 21.42 -8.14 30.03
N GLU A 192 22.04 -8.25 28.86
CA GLU A 192 22.59 -7.09 28.17
C GLU A 192 22.21 -7.12 26.70
N ILE A 193 22.28 -5.95 26.07
CA ILE A 193 21.97 -5.79 24.65
C ILE A 193 22.98 -4.83 24.04
N PHE A 194 23.50 -5.18 22.87
CA PHE A 194 24.45 -4.33 22.16
C PHE A 194 23.71 -3.34 21.28
N ILE A 195 24.27 -2.14 21.17
CA ILE A 195 23.74 -1.10 20.30
C ILE A 195 24.90 -0.37 19.63
N SER A 196 24.56 0.45 18.64
CA SER A 196 25.51 1.26 17.90
C SER A 196 24.73 2.12 16.91
N THR A 197 25.44 3.05 16.28
CA THR A 197 24.93 3.76 15.13
C THR A 197 25.32 3.02 13.86
N SER A 198 24.68 3.38 12.75
CA SER A 198 24.95 2.76 11.47
C SER A 198 24.88 3.83 10.38
N PRO A 199 25.72 3.71 9.34
CA PRO A 199 25.58 4.60 8.19
C PRO A 199 24.30 4.38 7.40
N PHE A 200 23.59 3.28 7.66
CA PHE A 200 22.40 2.92 6.92
C PHE A 200 21.15 3.38 7.65
N GLY A 201 20.11 3.71 6.88
CA GLY A 201 18.87 4.17 7.48
C GLY A 201 18.09 3.06 8.15
N SER A 202 17.83 1.98 7.42
CA SER A 202 17.09 0.84 7.93
C SER A 202 17.84 -0.46 7.60
N GLY A 203 17.25 -1.58 7.98
CA GLY A 203 17.87 -2.86 7.71
C GLY A 203 17.89 -3.21 6.24
N ARG A 204 16.83 -2.84 5.52
CA ARG A 204 16.75 -3.13 4.09
C ARG A 204 17.82 -2.39 3.29
N ASP A 205 18.37 -1.31 3.83
CA ASP A 205 19.50 -0.65 3.19
C ASP A 205 20.82 -1.37 3.48
N ALA A 206 20.91 -2.03 4.63
CA ALA A 206 22.15 -2.67 5.06
C ALA A 206 22.25 -4.13 4.63
N VAL A 207 21.16 -4.73 4.14
CA VAL A 207 21.21 -6.12 3.69
C VAL A 207 22.21 -6.32 2.55
N PRO A 208 22.25 -5.47 1.52
CA PRO A 208 23.25 -5.69 0.45
C PRO A 208 24.69 -5.69 0.95
N GLU A 209 25.03 -4.79 1.88
CA GLU A 209 26.41 -4.73 2.37
C GLU A 209 26.72 -5.91 3.29
N LEU A 210 25.74 -6.37 4.07
CA LEU A 210 26.00 -7.44 5.03
C LEU A 210 26.28 -8.77 4.34
N VAL A 211 25.61 -9.03 3.21
CA VAL A 211 25.79 -10.31 2.52
C VAL A 211 27.08 -10.41 1.75
N LYS A 212 27.85 -9.34 1.66
CA LYS A 212 29.16 -9.39 1.00
C LYS A 212 30.24 -9.96 1.92
N HIS A 213 29.92 -10.24 3.18
CA HIS A 213 30.87 -10.76 4.15
C HIS A 213 30.34 -12.07 4.71
N GLY A 214 31.22 -12.83 5.38
CA GLY A 214 30.86 -14.12 5.90
C GLY A 214 30.21 -14.05 7.28
N ASN A 215 29.71 -15.20 7.71
CA ASN A 215 29.13 -15.38 9.04
C ASN A 215 27.95 -14.40 9.25
N VAL A 216 26.97 -14.52 8.37
CA VAL A 216 25.84 -13.59 8.31
C VAL A 216 24.74 -14.07 9.26
N ARG A 217 24.10 -13.11 9.93
CA ARG A 217 22.90 -13.38 10.71
C ARG A 217 21.94 -12.20 10.54
N PHE A 218 20.66 -12.46 10.79
CA PHE A 218 19.61 -11.48 10.53
C PHE A 218 18.81 -11.10 11.75
N ASP A 219 19.17 -11.60 12.94
CA ASP A 219 18.43 -11.27 14.16
C ASP A 219 18.94 -9.97 14.78
N TRP A 220 18.81 -8.89 14.01
CA TRP A 220 19.18 -7.56 14.44
C TRP A 220 18.25 -6.56 13.79
N VAL A 221 18.23 -5.34 14.34
CA VAL A 221 17.32 -4.29 13.89
C VAL A 221 18.10 -3.00 13.66
N ILE A 222 17.75 -2.29 12.59
CA ILE A 222 18.27 -0.95 12.32
C ILE A 222 17.10 -0.06 11.94
N ARG A 223 16.84 0.96 12.75
CA ARG A 223 15.78 1.93 12.48
C ARG A 223 16.28 3.31 12.87
N LYS A 224 16.23 4.24 11.92
CA LYS A 224 16.73 5.61 12.11
C LYS A 224 18.19 5.60 12.57
N ARG A 225 19.00 4.77 11.89
CA ARG A 225 20.45 4.72 12.06
C ARG A 225 20.84 4.36 13.49
N ARG A 226 20.11 3.40 14.05
CA ARG A 226 20.47 2.87 15.38
C ARG A 226 20.43 1.35 15.33
N PHE A 227 21.52 0.69 15.64
CA PHE A 227 21.65 -0.76 15.63
C PHE A 227 21.38 -1.32 17.01
N VAL A 228 20.71 -2.47 17.06
CA VAL A 228 20.48 -3.22 18.29
C VAL A 228 20.56 -4.71 17.98
N SER A 229 21.12 -5.48 18.91
CA SER A 229 21.21 -6.92 18.75
C SER A 229 21.59 -7.54 20.08
N PHE A 230 21.18 -8.80 20.28
CA PHE A 230 21.56 -9.53 21.48
C PHE A 230 22.96 -10.12 21.36
N PHE A 231 23.43 -10.37 20.15
CA PHE A 231 24.79 -10.83 19.91
C PHE A 231 25.71 -9.63 19.68
N ASP A 232 27.00 -9.87 19.89
CA ASP A 232 27.98 -8.81 19.68
C ASP A 232 28.19 -8.61 18.19
N PRO A 233 27.90 -7.42 17.65
CA PRO A 233 28.01 -7.24 16.20
C PRO A 233 29.44 -7.26 15.68
N ARG A 234 30.45 -7.07 16.54
CA ARG A 234 31.82 -7.01 16.08
C ARG A 234 32.40 -8.37 15.70
N GLU A 235 31.68 -9.46 15.97
CA GLU A 235 32.18 -10.81 15.70
C GLU A 235 31.46 -11.48 14.54
N TYR A 236 30.70 -10.73 13.75
CA TYR A 236 30.00 -11.28 12.60
C TYR A 236 30.08 -10.28 11.45
N GLY A 237 29.52 -10.66 10.30
CA GLY A 237 29.47 -9.74 9.16
C GLY A 237 28.78 -8.44 9.46
N THR A 238 28.00 -8.38 10.55
CA THR A 238 27.38 -7.14 10.99
C THR A 238 28.40 -6.06 11.30
N ARG A 239 29.68 -6.41 11.48
CA ARG A 239 30.70 -5.41 11.71
C ARG A 239 30.88 -4.46 10.55
N ALA A 240 30.31 -4.78 9.38
CA ALA A 240 30.37 -3.89 8.22
C ALA A 240 29.17 -2.95 8.14
N ILE A 241 28.06 -3.27 8.81
CA ILE A 241 26.89 -2.42 8.79
C ILE A 241 26.80 -1.51 10.01
N VAL A 242 27.68 -1.67 10.98
CA VAL A 242 27.70 -0.83 12.18
C VAL A 242 28.93 0.06 12.13
N ASP A 243 28.80 1.26 12.69
CA ASP A 243 29.97 2.09 12.96
C ASP A 243 30.71 1.50 14.15
N LEU A 244 31.97 1.14 13.94
CA LEU A 244 32.64 0.20 14.84
C LEU A 244 33.04 0.83 16.17
N ASP A 245 33.29 2.13 16.22
CA ASP A 245 33.73 2.76 17.46
C ASP A 245 32.57 3.08 18.41
N GLN A 246 31.32 2.98 17.96
CA GLN A 246 30.16 3.32 18.76
C GLN A 246 29.45 2.11 19.35
N VAL A 247 29.98 0.91 19.13
CA VAL A 247 29.35 -0.30 19.65
C VAL A 247 29.65 -0.42 21.14
N GLU A 248 28.62 -0.73 21.93
CA GLU A 248 28.77 -0.82 23.38
C GLU A 248 27.60 -1.60 23.96
N ALA A 249 27.90 -2.53 24.86
CA ALA A 249 26.88 -3.30 25.53
C ALA A 249 26.35 -2.52 26.74
N VAL A 250 25.04 -2.65 26.97
CA VAL A 250 24.35 -1.95 28.06
C VAL A 250 23.30 -2.88 28.65
N ASP A 251 22.68 -2.42 29.73
CA ASP A 251 21.60 -3.17 30.34
C ASP A 251 20.43 -3.30 29.36
N THR A 252 19.90 -4.51 29.23
CA THR A 252 18.81 -4.75 28.28
C THR A 252 17.57 -3.97 28.63
N LYS A 253 17.40 -3.57 29.89
CA LYS A 253 16.21 -2.82 30.29
C LYS A 253 16.22 -1.40 29.75
N LEU A 254 17.38 -0.87 29.34
CA LEU A 254 17.45 0.48 28.83
C LEU A 254 16.65 0.64 27.54
N ILE A 255 16.47 -0.45 26.79
CA ILE A 255 15.77 -0.42 25.52
C ILE A 255 14.43 -1.15 25.61
N ALA A 256 14.39 -2.29 26.29
CA ALA A 256 13.22 -3.16 26.27
C ALA A 256 12.21 -2.84 27.37
N PHE A 257 12.56 -2.02 28.35
CA PHE A 257 11.69 -1.77 29.49
C PHE A 257 11.50 -0.28 29.74
N ASN A 258 11.43 0.52 28.68
CA ASN A 258 11.10 1.93 28.79
C ASN A 258 9.78 2.20 28.07
N ASP A 259 9.37 3.47 28.08
CA ASP A 259 8.08 3.87 27.56
C ASP A 259 8.16 4.53 26.17
N GLU A 260 9.37 4.69 25.62
CA GLU A 260 9.50 5.24 24.28
C GLU A 260 8.97 4.24 23.26
N GLN A 261 8.09 4.71 22.37
CA GLN A 261 7.43 3.82 21.42
C GLN A 261 8.40 3.29 20.37
N ASP A 262 9.47 4.03 20.08
CA ASP A 262 10.45 3.54 19.11
C ASP A 262 11.29 2.41 19.70
N ASP A 263 11.70 2.55 20.96
CA ASP A 263 12.40 1.44 21.63
C ASP A 263 11.45 0.27 21.87
N LEU A 264 10.20 0.56 22.19
CA LEU A 264 9.20 -0.50 22.31
C LEU A 264 9.01 -1.23 20.99
N ASN A 265 9.06 -0.49 19.88
CA ASN A 265 8.95 -1.12 18.56
C ASN A 265 10.19 -1.93 18.24
N ASP A 266 11.38 -1.34 18.41
CA ASP A 266 12.61 -2.03 18.06
C ASP A 266 12.82 -3.29 18.88
N THR A 267 12.27 -3.32 20.11
CA THR A 267 12.35 -4.54 20.91
C THR A 267 11.45 -5.62 20.34
N MET A 268 10.26 -5.25 19.86
CA MET A 268 9.36 -6.23 19.28
C MET A 268 9.91 -6.80 17.98
N ASP A 269 10.60 -5.97 17.19
CA ASP A 269 11.19 -6.46 15.96
C ASP A 269 12.38 -7.37 16.24
N LEU A 270 13.15 -7.06 17.28
CA LEU A 270 14.29 -7.91 17.64
C LEU A 270 13.84 -9.27 18.12
N LEU A 271 12.83 -9.30 18.99
CA LEU A 271 12.31 -10.57 19.48
C LEU A 271 11.70 -11.38 18.34
N ARG A 272 11.04 -10.71 17.40
CA ARG A 272 10.49 -11.39 16.24
C ARG A 272 11.60 -11.99 15.37
N ARG A 273 12.67 -11.23 15.14
CA ARG A 273 13.76 -11.70 14.30
C ARG A 273 14.65 -12.71 15.01
N THR A 274 14.71 -12.69 16.34
CA THR A 274 15.47 -13.69 17.07
C THR A 274 14.73 -15.02 17.14
N VAL A 275 13.43 -14.98 17.41
CA VAL A 275 12.62 -16.20 17.44
C VAL A 275 12.62 -16.87 16.07
N GLU A 276 12.64 -16.08 15.00
CA GLU A 276 12.71 -16.65 13.66
C GLU A 276 13.99 -17.48 13.49
N ARG A 277 15.13 -16.89 13.82
CA ARG A 277 16.40 -17.61 13.71
C ARG A 277 16.44 -18.84 14.61
N GLN A 278 15.89 -18.71 15.83
CA GLN A 278 15.97 -19.79 16.81
C GLN A 278 15.22 -21.03 16.36
N THR A 279 14.18 -20.86 15.54
CA THR A 279 13.30 -21.97 15.16
C THR A 279 13.34 -22.21 13.65
N ALA A 280 14.49 -21.98 13.02
CA ALA A 280 14.59 -22.13 11.57
C ALA A 280 14.48 -23.58 11.13
N THR A 281 14.70 -24.54 12.03
CA THR A 281 14.63 -25.94 11.65
C THR A 281 13.19 -26.34 11.28
N GLN A 282 12.24 -26.06 12.18
CA GLN A 282 10.87 -26.50 11.99
C GLN A 282 9.99 -25.48 11.29
N LEU A 283 10.35 -24.20 11.32
CA LEU A 283 9.45 -23.13 10.93
C LEU A 283 10.01 -22.31 9.79
N SER A 284 9.09 -21.68 9.05
CA SER A 284 9.42 -20.67 8.05
C SER A 284 8.64 -19.41 8.37
N PHE A 285 9.22 -18.26 8.03
CA PHE A 285 8.60 -16.97 8.29
C PHE A 285 8.08 -16.38 6.99
N LEU A 286 6.86 -15.86 7.03
CA LEU A 286 6.23 -15.19 5.90
C LEU A 286 5.90 -13.77 6.30
N ARG A 287 6.32 -12.80 5.48
CA ARG A 287 6.12 -11.40 5.83
C ARG A 287 4.64 -11.03 5.84
N LYS A 288 3.85 -11.62 4.94
CA LYS A 288 2.41 -11.40 4.96
C LYS A 288 1.81 -11.96 6.24
N ASP A 289 1.23 -11.07 7.05
CA ASP A 289 0.64 -11.36 8.35
C ASP A 289 1.67 -11.75 9.40
N ARG A 290 2.97 -11.63 9.08
CA ARG A 290 4.05 -11.99 10.01
C ARG A 290 3.84 -13.39 10.58
N LEU A 291 3.50 -14.32 9.70
CA LEU A 291 3.01 -15.63 10.09
C LEU A 291 4.12 -16.67 10.00
N PHE A 292 4.44 -17.31 11.13
CA PHE A 292 5.26 -18.51 11.12
C PHE A 292 4.39 -19.71 10.76
N HIS A 293 5.00 -20.70 10.10
CA HIS A 293 4.29 -21.92 9.79
C HIS A 293 5.29 -23.07 9.73
N PHE A 294 4.80 -24.27 10.05
CA PHE A 294 5.61 -25.48 9.91
C PHE A 294 5.97 -25.70 8.45
N LYS A 295 7.26 -25.80 8.17
CA LYS A 295 7.72 -26.04 6.81
C LYS A 295 7.54 -27.50 6.43
N ALA A 296 7.82 -27.80 5.17
CA ALA A 296 7.60 -29.13 4.62
C ALA A 296 8.89 -29.70 4.07
N VAL A 297 8.93 -31.03 3.99
CA VAL A 297 10.01 -31.76 3.35
C VAL A 297 9.39 -32.63 2.27
N GLY A 298 9.81 -32.42 1.02
CA GLY A 298 9.17 -33.06 -0.11
C GLY A 298 8.02 -32.24 -0.64
N VAL A 299 7.36 -32.79 -1.66
CA VAL A 299 6.27 -32.11 -2.36
C VAL A 299 4.98 -32.89 -2.13
N GLY A 300 3.97 -32.21 -1.59
CA GLY A 300 2.72 -32.88 -1.25
C GLY A 300 2.83 -33.98 -0.23
N LYS A 301 3.97 -34.08 0.46
CA LYS A 301 4.22 -35.14 1.42
C LYS A 301 3.94 -34.62 2.82
N SER A 302 3.03 -35.29 3.55
CA SER A 302 2.66 -34.85 4.88
C SER A 302 3.81 -35.11 5.86
N ARG A 303 3.80 -34.34 6.94
CA ARG A 303 4.84 -34.42 7.97
C ARG A 303 4.19 -34.24 9.33
N SER A 304 4.69 -34.97 10.33
CA SER A 304 4.16 -34.93 11.68
C SER A 304 5.23 -34.44 12.65
N TYR A 305 4.80 -33.73 13.68
CA TYR A 305 5.67 -33.16 14.69
C TYR A 305 5.34 -33.78 16.05
N ARG A 306 6.37 -34.24 16.75
CA ARG A 306 6.21 -35.01 17.98
C ARG A 306 6.58 -34.11 19.17
N TYR A 307 5.64 -33.96 20.10
CA TYR A 307 5.79 -33.01 21.20
C TYR A 307 5.17 -33.58 22.47
N MET A 308 5.45 -32.91 23.58
CA MET A 308 5.01 -33.34 24.91
C MET A 308 3.80 -32.52 25.33
N SER A 309 2.70 -33.21 25.64
CA SER A 309 1.50 -32.59 26.19
C SER A 309 1.25 -33.16 27.57
N ASN A 310 1.10 -32.28 28.57
CA ASN A 310 0.99 -32.66 29.98
C ASN A 310 2.25 -33.43 30.34
N VAL A 311 2.16 -34.72 30.70
CA VAL A 311 3.34 -35.56 30.91
C VAL A 311 3.44 -36.64 29.85
N ASN A 312 2.66 -36.54 28.77
CA ASN A 312 2.56 -37.58 27.76
C ASN A 312 3.18 -37.13 26.45
N GLU A 313 3.44 -38.10 25.59
CA GLU A 313 3.99 -37.87 24.25
C GLU A 313 2.86 -37.96 23.23
N THR A 314 2.91 -37.08 22.23
CA THR A 314 1.89 -37.08 21.18
C THR A 314 2.49 -36.45 19.93
N SER A 315 1.74 -36.52 18.83
CA SER A 315 2.19 -36.01 17.55
C SER A 315 1.03 -35.31 16.84
N ALA A 316 1.38 -34.46 15.88
CA ALA A 316 0.39 -33.66 15.16
C ALA A 316 0.76 -33.57 13.69
N LYS A 317 -0.24 -33.73 12.82
CA LYS A 317 -0.06 -33.58 11.38
C LYS A 317 0.04 -32.09 11.06
N VAL A 318 1.25 -31.55 11.20
CA VAL A 318 1.46 -30.13 10.96
C VAL A 318 1.30 -29.78 9.49
N VAL A 319 1.51 -30.75 8.60
CA VAL A 319 1.34 -30.57 7.16
C VAL A 319 0.30 -31.57 6.68
N SER A 320 -0.76 -31.06 6.08
CA SER A 320 -1.89 -31.89 5.66
C SER A 320 -2.17 -31.68 4.19
N ALA A 321 -2.67 -32.73 3.52
CA ALA A 321 -2.96 -32.68 2.10
C ALA A 321 -4.24 -33.46 1.82
N TYR A 322 -4.92 -33.06 0.74
CA TYR A 322 -6.21 -33.65 0.37
C TYR A 322 -6.30 -33.69 -1.15
N SER A 323 -6.53 -34.89 -1.69
CA SER A 323 -6.45 -35.11 -3.13
C SER A 323 -7.84 -35.20 -3.77
N SER A 324 -7.87 -34.92 -5.07
CA SER A 324 -9.11 -35.01 -5.85
C SER A 324 -9.12 -36.27 -6.71
N GLY A 331 -4.65 -29.60 -6.24
CA GLY A 331 -4.74 -29.84 -4.82
C GLY A 331 -4.22 -28.69 -3.98
N TYR A 332 -3.92 -28.98 -2.71
CA TYR A 332 -3.40 -27.97 -1.79
C TYR A 332 -2.78 -28.68 -0.59
N VAL A 333 -2.16 -27.90 0.28
CA VAL A 333 -1.45 -28.42 1.44
C VAL A 333 -1.68 -27.48 2.62
N ARG A 334 -2.08 -28.04 3.76
CA ARG A 334 -2.24 -27.29 4.99
C ARG A 334 -0.91 -27.20 5.73
N HIS A 335 -0.76 -26.15 6.53
CA HIS A 335 0.41 -25.96 7.38
C HIS A 335 -0.03 -25.39 8.72
N HIS A 336 0.26 -26.11 9.80
CA HIS A 336 0.06 -25.55 11.13
C HIS A 336 0.86 -24.26 11.28
N ALA A 337 0.19 -23.18 11.63
CA ALA A 337 0.79 -21.86 11.67
C ALA A 337 0.46 -21.18 13.00
N ALA A 338 1.07 -20.01 13.22
CA ALA A 338 0.83 -19.25 14.43
C ALA A 338 1.35 -17.83 14.23
N ARG A 339 0.56 -16.86 14.66
CA ARG A 339 1.00 -15.47 14.77
C ARG A 339 1.68 -15.31 16.13
N LEU A 340 2.99 -15.04 16.12
CA LEU A 340 3.80 -15.02 17.34
C LEU A 340 4.02 -13.56 17.73
N ARG A 341 3.14 -13.03 18.57
CA ARG A 341 3.18 -11.64 18.98
C ARG A 341 3.88 -11.51 20.33
N PHE A 342 4.11 -10.25 20.73
CA PHE A 342 4.82 -9.95 21.96
C PHE A 342 4.04 -8.92 22.76
N GLU A 343 4.01 -9.11 24.08
CA GLU A 343 3.10 -8.37 24.96
C GLU A 343 3.78 -8.21 26.32
N ARG A 344 4.30 -7.02 26.58
CA ARG A 344 4.89 -6.70 27.87
C ARG A 344 3.82 -6.16 28.80
N LEU A 345 3.69 -6.78 29.98
CA LEU A 345 2.61 -6.47 30.90
C LEU A 345 3.10 -5.71 32.13
N ALA A 346 4.06 -6.26 32.88
CA ALA A 346 4.56 -5.59 34.09
C ALA A 346 6.05 -5.88 34.21
N ASP A 347 6.84 -5.18 33.39
CA ASP A 347 8.30 -5.30 33.37
C ASP A 347 8.76 -6.72 33.09
N GLU A 348 7.94 -7.48 32.37
CA GLU A 348 8.33 -8.78 31.83
C GLU A 348 7.74 -8.92 30.43
N TRP A 349 8.52 -9.50 29.54
CA TRP A 349 8.09 -9.70 28.16
C TRP A 349 7.49 -11.08 27.98
N PHE A 350 6.43 -11.15 27.18
CA PHE A 350 5.70 -12.38 26.95
C PHE A 350 5.52 -12.59 25.45
N LEU A 351 5.63 -13.84 25.02
CA LEU A 351 5.33 -14.22 23.64
C LEU A 351 3.91 -14.76 23.58
N VAL A 352 3.09 -14.18 22.72
CA VAL A 352 1.70 -14.59 22.55
C VAL A 352 1.64 -15.54 21.36
N ILE A 353 0.80 -16.58 21.48
CA ILE A 353 0.70 -17.62 20.48
C ILE A 353 -0.74 -17.64 19.96
N ASP A 354 -0.93 -17.14 18.74
CA ASP A 354 -2.24 -17.15 18.08
C ASP A 354 -2.23 -18.19 16.98
N PRO A 355 -2.76 -19.39 17.22
CA PRO A 355 -2.72 -20.43 16.18
C PRO A 355 -3.57 -20.07 14.98
N ASP A 356 -3.09 -20.46 13.80
CA ASP A 356 -3.80 -20.28 12.55
C ASP A 356 -3.25 -21.32 11.57
N PHE A 357 -3.64 -21.22 10.31
CA PHE A 357 -3.16 -22.14 9.28
C PHE A 357 -2.67 -21.35 8.08
N HIS A 358 -1.80 -21.99 7.30
CA HIS A 358 -1.30 -21.42 6.06
C HIS A 358 -1.35 -22.48 4.98
N PHE A 359 -1.87 -22.12 3.82
CA PHE A 359 -2.13 -23.08 2.75
C PHE A 359 -1.17 -22.86 1.59
N THR A 360 -0.73 -23.96 0.98
CA THR A 360 0.14 -23.93 -0.18
C THR A 360 -0.38 -24.90 -1.24
N THR A 361 -0.02 -24.63 -2.50
CA THR A 361 -0.44 -25.50 -3.60
C THR A 361 0.16 -26.90 -3.44
N ASP A 362 1.50 -26.98 -3.34
CA ASP A 362 2.19 -28.25 -3.12
C ASP A 362 3.39 -27.97 -2.19
N GLY A 363 3.10 -27.85 -0.90
CA GLY A 363 4.15 -27.71 0.09
C GLY A 363 4.84 -26.36 0.12
N PHE A 364 5.40 -25.95 -1.01
CA PHE A 364 6.20 -24.72 -1.08
C PHE A 364 5.57 -23.63 -1.92
N GLN A 365 4.93 -23.98 -3.05
CA GLN A 365 4.29 -22.95 -3.86
C GLN A 365 3.05 -22.42 -3.14
N PRO A 366 2.94 -21.11 -2.94
CA PRO A 366 1.76 -20.59 -2.25
C PRO A 366 0.49 -20.81 -3.07
N HIS A 367 -0.64 -20.89 -2.37
CA HIS A 367 -1.91 -21.11 -3.02
C HIS A 367 -2.36 -19.87 -3.79
N ARG A 368 -3.12 -20.09 -4.85
CA ARG A 368 -3.55 -18.99 -5.71
C ARG A 368 -4.78 -18.29 -5.17
N TYR A 369 -5.67 -19.02 -4.49
CA TYR A 369 -6.92 -18.45 -3.98
C TYR A 369 -7.17 -18.94 -2.56
N PRO A 370 -6.70 -18.20 -1.56
CA PRO A 370 -6.94 -18.62 -0.17
C PRO A 370 -8.40 -18.62 0.24
N GLU A 371 -9.26 -17.92 -0.50
CA GLU A 371 -10.63 -17.70 -0.04
C GLU A 371 -11.44 -18.99 0.00
N ALA A 372 -11.19 -19.90 -0.94
CA ALA A 372 -11.88 -21.19 -0.91
C ALA A 372 -11.46 -22.03 0.29
N LEU A 373 -10.28 -21.77 0.84
CA LEU A 373 -9.76 -22.52 1.98
C LEU A 373 -10.02 -21.85 3.32
N LEU A 374 -10.31 -20.54 3.32
CA LEU A 374 -10.64 -19.85 4.56
C LEU A 374 -11.95 -20.34 5.14
N ALA A 375 -12.85 -20.87 4.30
CA ALA A 375 -14.14 -21.33 4.78
C ALA A 375 -13.99 -22.54 5.69
N GLY A 376 -13.04 -23.43 5.39
CA GLY A 376 -12.82 -24.61 6.22
C GLY A 376 -12.07 -24.34 7.50
N LYS A 377 -11.39 -23.19 7.60
CA LYS A 377 -10.64 -22.87 8.80
C LYS A 377 -11.56 -22.68 10.00
N LYS A 378 -12.65 -21.93 9.83
CA LYS A 378 -13.56 -21.65 10.93
C LYS A 378 -14.37 -22.87 11.35
N ARG A 379 -14.27 -23.99 10.61
CA ARG A 379 -14.77 -25.26 11.12
C ARG A 379 -13.81 -25.91 12.10
N LEU A 380 -12.56 -25.44 12.15
CA LEU A 380 -11.53 -25.99 13.02
C LEU A 380 -11.19 -25.08 14.19
N GLU A 381 -11.88 -23.95 14.34
CA GLU A 381 -11.68 -23.06 15.48
C GLU A 381 -12.61 -23.52 16.60
N ARG A 382 -12.22 -24.61 17.25
CA ARG A 382 -12.93 -25.13 18.40
C ARG A 382 -11.95 -25.24 19.57
N ASN A 383 -12.49 -25.09 20.79
CA ASN A 383 -11.65 -24.89 21.97
C ASN A 383 -10.62 -25.99 22.13
N ALA A 384 -11.05 -27.25 22.09
CA ALA A 384 -10.12 -28.36 22.26
C ALA A 384 -9.08 -28.40 21.16
N ALA A 385 -9.48 -28.14 19.91
CA ALA A 385 -8.54 -28.16 18.81
C ALA A 385 -7.52 -27.04 18.93
N VAL A 386 -7.97 -25.84 19.31
CA VAL A 386 -7.06 -24.71 19.42
C VAL A 386 -6.19 -24.82 20.67
N ARG A 387 -6.75 -25.33 21.77
CA ARG A 387 -5.97 -25.50 22.99
C ARG A 387 -4.80 -26.45 22.77
N GLY A 388 -5.06 -27.58 22.11
CA GLY A 388 -4.00 -28.51 21.77
C GLY A 388 -2.97 -27.93 20.84
N GLN A 389 -3.31 -26.87 20.11
CA GLN A 389 -2.33 -26.22 19.24
C GLN A 389 -1.40 -25.30 20.03
N VAL A 390 -1.94 -24.57 21.01
CA VAL A 390 -1.09 -23.75 21.86
C VAL A 390 -0.16 -24.62 22.69
N THR A 391 -0.68 -25.75 23.20
CA THR A 391 0.16 -26.68 23.93
C THR A 391 1.34 -27.14 23.09
N MET A 392 1.12 -27.39 21.81
CA MET A 392 2.21 -27.75 20.91
C MET A 392 3.20 -26.61 20.74
N TRP A 393 2.71 -25.43 20.36
CA TRP A 393 3.59 -24.33 20.02
C TRP A 393 4.45 -23.91 21.21
N GLN A 394 3.90 -24.00 22.42
CA GLN A 394 4.69 -23.72 23.61
C GLN A 394 5.83 -24.72 23.75
N HIS A 395 5.56 -25.99 23.48
CA HIS A 395 6.61 -27.00 23.54
C HIS A 395 7.71 -26.73 22.52
N LEU A 396 7.33 -26.35 21.29
CA LEU A 396 8.32 -26.02 20.29
C LEU A 396 9.13 -24.79 20.70
N LEU A 397 8.48 -23.83 21.35
CA LEU A 397 9.15 -22.57 21.67
C LEU A 397 10.05 -22.70 22.90
N VAL A 398 9.56 -23.36 23.95
CA VAL A 398 10.37 -23.55 25.14
C VAL A 398 11.55 -24.48 24.84
N GLU A 399 11.32 -25.48 24.00
CA GLU A 399 12.39 -26.41 23.65
C GLU A 399 13.43 -25.79 22.73
N SER A 400 13.09 -24.70 22.03
CA SER A 400 14.04 -24.09 21.11
C SER A 400 15.23 -23.51 21.84
N GLY A 401 15.00 -22.85 22.97
CA GLY A 401 16.08 -22.25 23.73
C GLY A 401 16.62 -23.13 24.84
N LYS A 402 17.25 -24.25 24.47
CA LYS A 402 17.80 -25.17 25.44
C LYS A 402 19.17 -25.64 24.95
N HIS A 403 20.06 -25.88 25.91
CA HIS A 403 21.47 -26.20 25.63
C HIS A 403 22.10 -25.15 24.71
N ALA A 410 32.46 -25.14 23.54
CA ALA A 410 33.11 -23.95 24.05
C ALA A 410 33.42 -22.96 22.93
N ASP A 411 33.10 -23.35 21.69
CA ASP A 411 33.53 -22.59 20.52
C ASP A 411 32.41 -22.41 19.50
N LYS A 412 31.15 -22.39 19.93
CA LYS A 412 30.05 -22.16 19.02
C LYS A 412 28.88 -21.57 19.79
N PRO A 413 28.07 -20.72 19.14
CA PRO A 413 27.02 -20.00 19.87
C PRO A 413 25.86 -20.90 20.27
N ALA A 414 24.98 -20.34 21.10
CA ALA A 414 23.87 -21.04 21.74
C ALA A 414 22.63 -20.14 21.75
N PRO A 415 21.44 -20.68 22.03
CA PRO A 415 20.22 -19.85 22.00
C PRO A 415 20.30 -18.67 22.96
N LEU A 416 19.85 -17.51 22.49
CA LEU A 416 19.86 -16.30 23.28
C LEU A 416 18.60 -16.13 24.11
N LEU A 417 17.48 -16.69 23.68
CA LEU A 417 16.19 -16.50 24.35
C LEU A 417 15.65 -17.82 24.86
N GLN A 418 15.15 -17.80 26.10
CA GLN A 418 14.47 -18.93 26.70
C GLN A 418 13.02 -18.55 27.02
N PHE A 419 12.16 -19.56 27.09
CA PHE A 419 10.75 -19.35 27.34
C PHE A 419 10.28 -20.22 28.48
N GLU A 420 9.30 -19.72 29.23
CA GLU A 420 8.81 -20.36 30.44
C GLU A 420 7.30 -20.42 30.42
N ARG A 421 6.75 -21.61 30.64
CA ARG A 421 5.30 -21.77 30.74
C ARG A 421 4.80 -21.06 32.00
N LEU A 422 3.64 -20.43 31.88
CA LEU A 422 3.06 -19.71 33.01
C LEU A 422 2.23 -20.66 33.86
N PRO A 423 2.00 -20.31 35.13
CA PRO A 423 1.12 -21.14 35.97
C PRO A 423 -0.30 -21.18 35.39
N VAL A 424 -0.99 -22.29 35.67
CA VAL A 424 -2.33 -22.47 35.14
C VAL A 424 -3.29 -21.49 35.80
N ILE A 425 -4.26 -21.01 35.02
CA ILE A 425 -5.23 -20.03 35.53
C ILE A 425 -6.35 -20.78 36.24
N GLN A 426 -6.63 -20.38 37.47
CA GLN A 426 -7.64 -21.02 38.30
C GLN A 426 -8.92 -20.19 38.27
N LEU A 427 -10.02 -20.82 37.85
CA LEU A 427 -11.33 -20.17 37.77
C LEU A 427 -12.21 -20.65 38.91
N SER A 428 -12.97 -19.72 39.49
CA SER A 428 -13.82 -20.05 40.62
C SER A 428 -15.06 -20.84 40.23
N GLN A 429 -15.38 -20.95 38.94
CA GLN A 429 -16.54 -21.70 38.49
C GLN A 429 -16.17 -22.44 37.21
N ALA A 430 -16.84 -23.57 36.99
CA ALA A 430 -16.54 -24.45 35.88
C ALA A 430 -17.76 -24.64 35.00
N VAL A 431 -17.52 -24.89 33.72
CA VAL A 431 -18.57 -25.18 32.76
C VAL A 431 -19.03 -26.62 32.98
N PRO A 432 -20.32 -26.87 33.23
CA PRO A 432 -20.76 -28.25 33.45
C PRO A 432 -20.82 -29.03 32.15
N GLU A 433 -19.64 -29.34 31.60
CA GLU A 433 -19.56 -29.95 30.27
C GLU A 433 -20.16 -31.35 30.27
N SER A 434 -19.99 -32.10 31.36
CA SER A 434 -20.54 -33.45 31.44
C SER A 434 -22.06 -33.44 31.29
N SER A 435 -22.73 -32.60 32.07
CA SER A 435 -24.18 -32.48 31.97
C SER A 435 -24.59 -31.83 30.66
N TRP A 436 -23.83 -30.84 30.20
CA TRP A 436 -24.20 -30.11 29.00
C TRP A 436 -24.10 -30.99 27.76
N ASN A 437 -23.14 -31.92 27.74
CA ASN A 437 -23.03 -32.85 26.61
C ASN A 437 -24.28 -33.69 26.46
N ARG A 438 -24.96 -33.99 27.57
CA ARG A 438 -26.20 -34.78 27.53
C ARG A 438 -27.42 -33.91 27.27
N THR A 439 -27.52 -32.76 27.95
CA THR A 439 -28.72 -31.94 27.84
C THR A 439 -28.74 -31.10 26.57
N ASP A 440 -27.62 -30.49 26.23
CA ASP A 440 -27.57 -29.61 25.06
C ASP A 440 -27.63 -30.42 23.77
N PRO A 441 -28.63 -30.21 22.92
CA PRO A 441 -28.66 -30.87 21.60
C PRO A 441 -27.66 -30.32 20.59
N ARG A 442 -26.74 -29.43 20.99
CA ARG A 442 -25.71 -28.90 20.12
C ARG A 442 -24.31 -29.30 20.56
N ALA A 443 -24.19 -30.27 21.47
CA ALA A 443 -22.90 -30.56 22.09
C ALA A 443 -21.87 -31.02 21.07
N LYS A 444 -22.27 -31.83 20.10
CA LYS A 444 -21.32 -32.40 19.15
C LYS A 444 -20.69 -31.33 18.27
N GLU A 445 -21.41 -30.23 18.00
CA GLU A 445 -20.86 -29.16 17.16
C GLU A 445 -19.67 -28.47 17.82
N MET A 446 -19.54 -28.57 19.14
CA MET A 446 -18.46 -27.90 19.85
C MET A 446 -17.09 -28.48 19.55
N GLU A 447 -17.01 -29.63 18.89
CA GLU A 447 -15.75 -30.31 18.63
C GLU A 447 -15.40 -30.20 17.16
N ALA A 448 -14.11 -29.99 16.88
CA ALA A 448 -13.64 -29.70 15.52
C ALA A 448 -13.60 -30.98 14.70
N GLN A 449 -14.48 -31.07 13.70
CA GLN A 449 -14.45 -32.16 12.73
C GLN A 449 -13.52 -31.78 11.59
N ASP A 450 -12.48 -32.60 11.36
CA ASP A 450 -11.45 -32.29 10.38
C ASP A 450 -11.85 -32.93 9.05
N LEU A 451 -12.57 -32.17 8.24
CA LEU A 451 -13.07 -32.65 6.95
C LEU A 451 -11.92 -32.93 5.99
N THR B 2 0.19 -15.29 40.37
CA THR B 2 -0.21 -14.09 39.64
C THR B 2 -1.30 -14.41 38.62
N PHE B 3 -1.84 -13.37 38.00
CA PHE B 3 -2.92 -13.48 37.02
C PHE B 3 -4.15 -14.16 37.64
N LYS B 4 -4.67 -13.52 38.67
CA LYS B 4 -5.88 -14.03 39.33
C LYS B 4 -7.08 -13.83 38.41
N ALA B 5 -8.01 -14.78 38.44
CA ALA B 5 -9.16 -14.80 37.55
C ALA B 5 -10.45 -14.78 38.33
N HIS B 6 -11.33 -13.84 37.99
CA HIS B 6 -12.68 -13.78 38.53
C HIS B 6 -13.69 -14.08 37.44
N VAL B 7 -14.77 -14.75 37.80
CA VAL B 7 -15.87 -15.04 36.89
C VAL B 7 -17.07 -14.22 37.36
N PHE B 8 -17.43 -13.21 36.57
CA PHE B 8 -18.45 -12.27 37.01
C PHE B 8 -19.85 -12.88 36.92
N ASP B 9 -20.77 -12.27 37.65
CA ASP B 9 -22.17 -12.62 37.54
C ASP B 9 -22.74 -12.03 36.25
N GLU B 10 -23.68 -12.76 35.66
CA GLU B 10 -24.46 -12.24 34.55
C GLU B 10 -25.14 -10.96 35.02
N PRO B 11 -24.74 -9.79 34.50
CA PRO B 11 -25.22 -8.52 35.08
C PRO B 11 -26.74 -8.44 35.09
N MET B 12 -27.25 -7.78 36.12
CA MET B 12 -28.68 -7.76 36.38
C MET B 12 -29.35 -6.61 35.62
N LEU B 13 -30.59 -6.86 35.20
CA LEU B 13 -31.42 -5.86 34.54
C LEU B 13 -32.65 -5.60 35.40
N GLU B 14 -33.00 -4.32 35.56
CA GLU B 14 -34.20 -3.93 36.28
C GLU B 14 -35.36 -3.82 35.31
N PHE B 15 -36.48 -4.46 35.67
CA PHE B 15 -37.68 -4.38 34.84
C PHE B 15 -38.82 -3.71 35.60
N GLY B 16 -40.06 -4.02 35.23
CA GLY B 16 -41.21 -3.37 35.81
C GLY B 16 -41.39 -3.62 37.29
N ASP B 17 -41.63 -2.54 38.05
CA ASP B 17 -41.92 -2.62 39.48
C ASP B 17 -40.77 -3.24 40.26
N GLY B 18 -39.55 -2.96 39.84
CA GLY B 18 -38.38 -3.46 40.52
C GLY B 18 -38.02 -4.91 40.23
N GLY B 19 -38.71 -5.55 39.30
CA GLY B 19 -38.35 -6.92 38.97
C GLY B 19 -36.98 -6.99 38.32
N GLN B 20 -36.23 -8.03 38.67
CA GLN B 20 -34.86 -8.20 38.20
C GLN B 20 -34.69 -9.57 37.56
N HIS B 21 -33.92 -9.60 36.46
CA HIS B 21 -33.56 -10.85 35.79
C HIS B 21 -32.42 -10.56 34.84
N CYS B 22 -31.84 -11.62 34.29
CA CYS B 22 -30.72 -11.53 33.37
C CYS B 22 -31.13 -11.61 31.91
N ASP B 23 -32.11 -12.45 31.58
CA ASP B 23 -32.59 -12.54 30.20
C ASP B 23 -33.50 -11.35 29.89
N PRO B 24 -33.29 -10.66 28.76
CA PRO B 24 -34.26 -9.62 28.38
C PRO B 24 -35.66 -10.16 28.18
N ARG B 25 -35.81 -11.35 27.61
CA ARG B 25 -37.14 -11.90 27.35
C ARG B 25 -37.77 -12.41 28.64
N GLN B 26 -37.04 -13.25 29.40
CA GLN B 26 -37.58 -13.79 30.64
C GLN B 26 -37.88 -12.68 31.65
N GLY B 27 -37.11 -11.59 31.61
CA GLY B 27 -37.42 -10.46 32.46
C GLY B 27 -38.70 -9.76 32.04
N LEU B 28 -38.82 -9.47 30.74
CA LEU B 28 -40.06 -8.89 30.21
C LEU B 28 -41.23 -9.86 30.31
N ARG B 29 -40.96 -11.15 30.51
CA ARG B 29 -42.01 -12.14 30.61
C ARG B 29 -42.75 -12.09 31.94
N GLU B 30 -42.12 -11.58 32.98
CA GLU B 30 -42.69 -11.55 34.32
C GLU B 30 -43.07 -10.16 34.80
N HIS B 31 -42.28 -9.14 34.46
CA HIS B 31 -42.49 -7.80 34.99
C HIS B 31 -42.87 -6.76 33.96
N GLY B 32 -42.70 -7.05 32.66
CA GLY B 32 -42.96 -6.07 31.63
C GLY B 32 -41.87 -5.03 31.57
N PRO B 33 -42.10 -3.96 30.81
CA PRO B 33 -41.09 -2.91 30.68
C PRO B 33 -40.90 -2.16 31.98
N LEU B 34 -39.79 -1.40 32.03
CA LEU B 34 -39.42 -0.67 33.24
C LEU B 34 -40.52 0.27 33.69
N GLN B 35 -41.07 1.04 32.78
CA GLN B 35 -42.17 1.97 33.07
C GLN B 35 -43.36 1.65 32.18
N PRO B 36 -44.40 1.00 32.70
CA PRO B 36 -45.57 0.71 31.87
C PRO B 36 -46.64 1.78 32.00
N ARG B 37 -47.19 2.22 30.86
CA ARG B 37 -48.27 3.19 30.83
C ARG B 37 -49.51 2.53 30.23
N SER B 38 -50.66 2.76 30.86
CA SER B 38 -51.89 2.12 30.42
C SER B 38 -52.32 2.67 29.07
N GLY B 39 -52.87 1.78 28.24
CA GLY B 39 -53.30 2.17 26.91
C GLY B 39 -52.18 2.48 25.94
N ASP B 40 -50.94 2.16 26.27
CA ASP B 40 -49.82 2.42 25.37
C ASP B 40 -50.02 1.68 24.06
N VAL B 41 -49.64 2.34 22.96
CA VAL B 41 -49.83 1.80 21.63
C VAL B 41 -48.69 2.28 20.75
N ILE B 42 -48.27 1.43 19.82
CA ILE B 42 -47.20 1.73 18.88
C ILE B 42 -47.79 1.76 17.48
N ARG B 43 -47.78 2.94 16.86
CA ARG B 43 -48.34 3.11 15.52
C ARG B 43 -47.30 2.71 14.49
N VAL B 44 -47.49 1.55 13.88
CA VAL B 44 -46.49 0.95 13.00
C VAL B 44 -46.90 1.21 11.55
N GLY B 45 -46.07 1.97 10.83
CA GLY B 45 -46.27 2.16 9.42
C GLY B 45 -45.56 1.10 8.58
N VAL B 46 -46.08 0.87 7.38
CA VAL B 46 -45.60 -0.20 6.51
C VAL B 46 -45.39 0.35 5.10
N ILE B 47 -44.25 0.03 4.50
CA ILE B 47 -44.00 0.28 3.09
C ILE B 47 -43.55 -1.02 2.44
N GLY B 48 -44.11 -1.33 1.27
CA GLY B 48 -43.80 -2.55 0.57
C GLY B 48 -44.82 -2.79 -0.53
N THR B 49 -44.73 -3.96 -1.14
CA THR B 49 -45.70 -4.31 -2.17
C THR B 49 -47.02 -4.70 -1.53
N ASP B 50 -48.03 -4.93 -2.37
CA ASP B 50 -49.31 -5.41 -1.86
C ASP B 50 -49.15 -6.74 -1.16
N ASP B 51 -48.27 -7.60 -1.68
CA ASP B 51 -48.06 -8.90 -1.07
C ASP B 51 -47.34 -8.79 0.27
N THR B 52 -46.31 -7.96 0.35
CA THR B 52 -45.54 -7.84 1.58
C THR B 52 -46.36 -7.22 2.71
N VAL B 53 -47.20 -6.24 2.38
CA VAL B 53 -48.01 -5.58 3.40
C VAL B 53 -48.97 -6.58 4.04
N ALA B 54 -49.67 -7.35 3.20
CA ALA B 54 -50.54 -8.40 3.74
C ALA B 54 -49.75 -9.44 4.51
N GLY B 55 -48.52 -9.74 4.09
CA GLY B 55 -47.69 -10.66 4.84
C GLY B 55 -47.31 -10.12 6.20
N PHE B 56 -47.05 -8.82 6.29
CA PHE B 56 -46.76 -8.21 7.58
C PHE B 56 -47.97 -8.22 8.49
N THR B 57 -49.15 -7.91 7.94
CA THR B 57 -50.37 -7.95 8.74
C THR B 57 -50.63 -9.35 9.27
N GLU B 58 -50.33 -10.38 8.48
CA GLU B 58 -50.54 -11.75 8.93
C GLU B 58 -49.53 -12.14 10.01
N PHE B 59 -48.26 -11.74 9.83
CA PHE B 59 -47.26 -12.03 10.86
C PHE B 59 -47.60 -11.32 12.16
N LEU B 60 -48.07 -10.08 12.08
CA LEU B 60 -48.49 -9.37 13.29
C LEU B 60 -49.63 -10.09 13.98
N ALA B 61 -50.59 -10.62 13.20
CA ALA B 61 -51.69 -11.35 13.78
C ALA B 61 -51.21 -12.65 14.43
N GLU B 62 -50.40 -13.43 13.71
CA GLU B 62 -49.85 -14.66 14.28
C GLU B 62 -48.99 -14.36 15.50
N THR B 63 -48.22 -13.27 15.46
CA THR B 63 -47.41 -12.90 16.61
C THR B 63 -48.29 -12.57 17.81
N GLY B 64 -49.42 -11.89 17.57
CA GLY B 64 -50.34 -11.60 18.66
C GLY B 64 -51.00 -12.83 19.23
N ARG B 65 -51.24 -13.85 18.39
CA ARG B 65 -51.82 -15.09 18.87
C ARG B 65 -50.83 -15.93 19.66
N GLY B 66 -49.55 -15.56 19.67
CA GLY B 66 -48.54 -16.38 20.31
C GLY B 66 -47.91 -17.36 19.34
N ILE B 67 -46.60 -17.55 19.44
CA ILE B 67 -45.86 -18.44 18.55
C ILE B 67 -45.11 -19.45 19.41
N GLU B 68 -45.19 -20.72 19.04
CA GLU B 68 -44.56 -21.77 19.81
C GLU B 68 -43.05 -21.80 19.57
N SER B 69 -42.33 -22.40 20.50
CA SER B 69 -40.88 -22.46 20.44
C SER B 69 -40.42 -23.37 19.30
N GLY B 70 -39.29 -22.99 18.71
CA GLY B 70 -38.68 -23.76 17.64
C GLY B 70 -38.02 -25.02 18.15
N ASN B 71 -37.24 -24.90 19.23
CA ASN B 71 -36.57 -26.03 19.85
C ASN B 71 -36.90 -25.99 21.35
N LYS B 72 -37.65 -27.00 21.82
CA LYS B 72 -38.04 -27.02 23.22
C LYS B 72 -36.86 -27.31 24.13
N GLN B 73 -35.85 -28.03 23.64
CA GLN B 73 -34.72 -28.42 24.49
C GLN B 73 -33.94 -27.21 24.98
N LEU B 74 -33.90 -26.14 24.20
CA LEU B 74 -33.22 -24.91 24.61
C LEU B 74 -34.22 -23.78 24.74
N ILE B 75 -35.17 -23.93 25.67
CA ILE B 75 -36.26 -22.97 25.80
C ILE B 75 -35.75 -21.60 26.21
N ASN B 76 -34.69 -21.54 27.02
CA ASN B 76 -34.16 -20.25 27.44
C ASN B 76 -33.56 -19.48 26.28
N LEU B 77 -33.05 -20.19 25.28
CA LEU B 77 -32.48 -19.56 24.09
C LEU B 77 -33.50 -19.36 22.99
N ASN B 78 -34.55 -20.18 22.96
CA ASN B 78 -35.60 -20.09 21.94
C ASN B 78 -36.97 -20.18 22.62
N PRO B 79 -37.35 -19.14 23.35
CA PRO B 79 -38.58 -19.21 24.14
C PRO B 79 -39.83 -19.10 23.28
N ASP B 80 -40.96 -19.45 23.90
CA ASP B 80 -42.25 -19.12 23.32
C ASP B 80 -42.45 -17.62 23.28
N PHE B 81 -43.15 -17.14 22.26
CA PHE B 81 -43.70 -15.80 22.35
C PHE B 81 -45.12 -15.90 22.89
N PRO B 82 -45.44 -15.28 24.02
CA PRO B 82 -46.78 -15.44 24.60
C PRO B 82 -47.86 -14.67 23.86
N GLY B 83 -47.50 -13.83 22.89
CA GLY B 83 -48.49 -13.15 22.07
C GLY B 83 -49.13 -11.96 22.73
N LEU B 84 -49.60 -11.00 21.91
CA LEU B 84 -50.31 -9.85 22.44
C LEU B 84 -51.59 -10.29 23.14
N GLY B 85 -51.82 -9.77 24.34
CA GLY B 85 -52.98 -10.13 25.12
C GLY B 85 -52.73 -10.07 26.61
N ASN B 86 -53.05 -11.16 27.32
CA ASN B 86 -52.88 -11.17 28.77
C ASN B 86 -51.46 -11.55 29.17
N GLN B 87 -50.73 -12.29 28.34
CA GLN B 87 -49.35 -12.65 28.63
C GLN B 87 -48.34 -11.81 27.83
N ASN B 88 -48.79 -10.77 27.15
CA ASN B 88 -47.89 -10.01 26.28
C ASN B 88 -46.77 -9.37 27.11
N PRO B 89 -45.51 -9.59 26.76
CA PRO B 89 -44.41 -9.10 27.59
C PRO B 89 -44.18 -7.61 27.46
N PHE B 90 -44.34 -7.08 26.25
CA PHE B 90 -44.15 -5.65 26.03
C PHE B 90 -45.27 -4.83 26.65
N ARG B 91 -46.45 -5.43 26.84
CA ARG B 91 -47.60 -4.74 27.45
C ARG B 91 -47.93 -3.46 26.69
N CYS B 92 -47.85 -3.55 25.36
CA CYS B 92 -48.14 -2.43 24.48
C CYS B 92 -48.72 -2.99 23.19
N LYS B 93 -49.56 -2.20 22.54
CA LYS B 93 -50.25 -2.64 21.33
C LYS B 93 -49.45 -2.27 20.09
N PHE B 94 -49.23 -3.25 19.22
CA PHE B 94 -48.58 -3.04 17.93
C PHE B 94 -49.66 -3.06 16.86
N GLU B 95 -49.96 -1.89 16.30
CA GLU B 95 -51.07 -1.74 15.37
C GLU B 95 -50.60 -1.04 14.10
N VAL B 96 -51.22 -1.42 12.99
CA VAL B 96 -51.02 -0.74 11.70
C VAL B 96 -52.32 -0.03 11.36
N PRO B 97 -52.50 1.23 11.77
CA PRO B 97 -53.75 1.92 11.49
C PRO B 97 -53.96 2.14 10.01
N ASP B 98 -55.21 2.46 9.65
CA ASP B 98 -55.55 2.68 8.25
C ASP B 98 -54.91 3.96 7.73
N GLY B 99 -54.52 3.93 6.45
CA GLY B 99 -53.88 5.06 5.83
C GLY B 99 -52.41 5.22 6.13
N ALA B 100 -51.84 4.35 6.97
CA ALA B 100 -50.42 4.40 7.31
C ALA B 100 -49.59 3.44 6.46
N THR B 101 -50.02 3.16 5.24
CA THR B 101 -49.37 2.20 4.36
C THR B 101 -49.17 2.81 2.99
N VAL B 102 -47.93 2.78 2.50
CA VAL B 102 -47.57 3.19 1.16
C VAL B 102 -47.01 1.98 0.43
N THR B 103 -47.43 1.78 -0.82
CA THR B 103 -47.10 0.59 -1.58
C THR B 103 -46.25 0.95 -2.79
N ILE B 104 -45.14 0.24 -2.95
CA ILE B 104 -44.32 0.36 -4.15
C ILE B 104 -44.98 -0.44 -5.26
N SER B 105 -45.20 0.21 -6.41
CA SER B 105 -45.89 -0.42 -7.52
C SER B 105 -45.00 -1.46 -8.18
N ARG B 106 -45.63 -2.31 -9.01
CA ARG B 106 -44.86 -3.26 -9.80
C ARG B 106 -43.95 -2.55 -10.77
N ARG B 107 -44.41 -1.44 -11.36
CA ARG B 107 -43.57 -0.65 -12.24
C ARG B 107 -42.29 -0.22 -11.53
N GLN B 108 -42.42 0.36 -10.34
CA GLN B 108 -41.27 0.92 -9.64
C GLN B 108 -40.26 -0.16 -9.29
N VAL B 109 -40.72 -1.34 -8.85
CA VAL B 109 -39.81 -2.42 -8.52
C VAL B 109 -39.05 -2.88 -9.77
N ASN B 110 -39.78 -3.06 -10.87
CA ASN B 110 -39.14 -3.45 -12.12
C ASN B 110 -38.19 -2.37 -12.62
N ASP B 111 -38.47 -1.10 -12.32
CA ASP B 111 -37.58 -0.02 -12.75
C ASP B 111 -36.26 -0.05 -11.98
N ILE B 112 -36.31 -0.38 -10.69
CA ILE B 112 -35.08 -0.46 -9.90
C ILE B 112 -34.25 -1.66 -10.33
N THR B 113 -34.89 -2.81 -10.48
CA THR B 113 -34.16 -4.01 -10.91
C THR B 113 -33.65 -3.87 -12.33
N GLY B 114 -34.32 -3.07 -13.16
CA GLY B 114 -33.94 -2.92 -14.55
C GLY B 114 -32.75 -2.01 -14.79
N ILE B 115 -32.23 -1.39 -13.74
CA ILE B 115 -31.05 -0.52 -13.86
C ILE B 115 -29.82 -1.39 -13.68
N GLY B 116 -28.94 -1.39 -14.69
CA GLY B 116 -27.75 -2.22 -14.63
C GLY B 116 -26.74 -1.73 -13.61
N ARG B 117 -26.36 -0.45 -13.70
CA ARG B 117 -25.36 0.12 -12.80
C ARG B 117 -25.85 0.08 -11.37
N HIS B 118 -25.06 -0.55 -10.49
CA HIS B 118 -25.50 -0.75 -9.11
C HIS B 118 -25.57 0.56 -8.34
N ASP B 119 -24.52 1.38 -8.42
CA ASP B 119 -24.55 2.67 -7.74
C ASP B 119 -25.70 3.53 -8.26
N GLU B 120 -25.98 3.48 -9.56
CA GLU B 120 -27.10 4.22 -10.12
C GLU B 120 -28.43 3.64 -9.66
N ALA B 121 -28.50 2.33 -9.45
CA ALA B 121 -29.76 1.70 -9.04
C ALA B 121 -30.04 1.92 -7.56
N VAL B 122 -29.00 1.93 -6.72
CA VAL B 122 -29.20 2.17 -5.30
C VAL B 122 -29.63 3.61 -5.06
N ARG B 123 -29.01 4.56 -5.75
CA ARG B 123 -29.40 5.96 -5.62
C ARG B 123 -30.83 6.18 -6.07
N HIS B 124 -31.30 5.41 -7.05
CA HIS B 124 -32.66 5.58 -7.53
C HIS B 124 -33.69 5.02 -6.55
N ALA B 125 -33.38 3.88 -5.93
CA ALA B 125 -34.32 3.29 -4.98
C ALA B 125 -34.41 4.10 -3.70
N VAL B 126 -33.25 4.55 -3.18
CA VAL B 126 -33.25 5.42 -2.00
C VAL B 126 -34.03 6.69 -2.29
N GLU B 127 -33.73 7.33 -3.43
CA GLU B 127 -34.48 8.51 -3.85
C GLU B 127 -35.99 8.27 -3.85
N LEU B 128 -36.40 7.05 -4.21
CA LEU B 128 -37.83 6.74 -4.23
C LEU B 128 -38.38 6.56 -2.83
N ILE B 129 -37.75 5.70 -2.02
CA ILE B 129 -38.29 5.39 -0.70
C ILE B 129 -38.07 6.53 0.29
N SER B 130 -36.99 7.30 0.15
CA SER B 130 -36.78 8.44 1.03
C SER B 130 -37.84 9.51 0.82
N SER B 131 -38.41 9.60 -0.39
CA SER B 131 -39.54 10.46 -0.64
C SER B 131 -40.88 9.79 -0.32
N GLN B 132 -40.87 8.50 -0.04
CA GLN B 132 -42.04 7.81 0.49
C GLN B 132 -42.06 7.82 2.02
N LEU B 133 -40.88 7.85 2.64
CA LEU B 133 -40.81 7.96 4.09
C LEU B 133 -41.14 9.38 4.55
N SER B 134 -40.56 10.37 3.87
CA SER B 134 -40.89 11.76 4.17
C SER B 134 -42.37 12.04 3.92
N ALA B 135 -42.96 11.40 2.90
CA ALA B 135 -44.39 11.57 2.63
C ALA B 135 -45.26 10.92 3.70
N LEU B 136 -44.75 9.90 4.40
CA LEU B 136 -45.51 9.26 5.47
C LEU B 136 -45.32 9.95 6.81
N VAL B 137 -44.14 10.54 7.05
CA VAL B 137 -43.92 11.28 8.29
C VAL B 137 -44.75 12.55 8.32
N GLU B 138 -44.74 13.31 7.23
CA GLU B 138 -45.52 14.54 7.15
C GLU B 138 -47.02 14.28 7.04
N GLY B 139 -47.45 13.03 6.85
CA GLY B 139 -48.85 12.73 6.72
C GLY B 139 -49.59 12.75 8.05
N SER B 140 -50.90 12.59 7.96
CA SER B 140 -51.75 12.56 9.14
C SER B 140 -51.84 11.18 9.78
N ALA B 141 -51.23 10.16 9.18
CA ALA B 141 -51.23 8.83 9.77
C ALA B 141 -50.50 8.81 11.10
N LYS B 142 -49.48 9.67 11.26
CA LYS B 142 -48.71 9.84 12.49
C LYS B 142 -48.17 8.51 13.01
N PRO B 143 -47.25 7.85 12.28
CA PRO B 143 -46.67 6.61 12.80
C PRO B 143 -45.49 6.89 13.73
N ASP B 144 -45.24 5.91 14.60
CA ASP B 144 -44.11 5.97 15.53
C ASP B 144 -42.87 5.26 15.01
N VAL B 145 -43.04 4.13 14.33
CA VAL B 145 -41.95 3.42 13.68
C VAL B 145 -42.47 2.84 12.38
N ILE B 146 -41.65 2.92 11.33
CA ILE B 146 -42.04 2.46 9.99
C ILE B 146 -41.27 1.19 9.66
N VAL B 147 -41.99 0.17 9.22
CA VAL B 147 -41.40 -1.11 8.85
C VAL B 147 -41.30 -1.17 7.33
N LEU B 148 -40.07 -1.26 6.82
CA LEU B 148 -39.84 -1.37 5.38
C LEU B 148 -39.76 -2.84 5.01
N ALA B 149 -40.76 -3.33 4.29
CA ALA B 149 -40.84 -4.73 3.90
C ALA B 149 -40.72 -4.84 2.37
N LEU B 150 -39.49 -4.66 1.89
CA LEU B 150 -39.24 -4.74 0.47
C LEU B 150 -39.39 -6.19 -0.01
N PRO B 151 -39.80 -6.39 -1.26
CA PRO B 151 -39.89 -7.75 -1.78
C PRO B 151 -38.51 -8.33 -2.07
N ILE B 152 -38.47 -9.68 -2.10
CA ILE B 152 -37.18 -10.37 -2.26
C ILE B 152 -36.43 -9.96 -3.52
N PRO B 153 -37.06 -9.94 -4.71
CA PRO B 153 -36.27 -9.58 -5.91
C PRO B 153 -35.69 -8.18 -5.85
N LEU B 154 -36.35 -7.27 -5.13
CA LEU B 154 -35.78 -5.92 -4.95
C LEU B 154 -34.65 -5.92 -3.93
N ILE B 155 -34.74 -6.75 -2.90
CA ILE B 155 -33.68 -6.83 -1.90
C ILE B 155 -32.41 -7.41 -2.51
N GLU B 156 -32.55 -8.45 -3.34
CA GLU B 156 -31.40 -9.10 -3.93
C GLU B 156 -30.67 -8.17 -4.90
N LYS B 157 -31.38 -7.22 -5.50
CA LYS B 157 -30.74 -6.22 -6.34
C LYS B 157 -29.98 -5.21 -5.51
N LEU B 158 -30.45 -4.93 -4.29
CA LEU B 158 -29.91 -3.87 -3.46
C LEU B 158 -28.89 -4.34 -2.43
N VAL B 159 -28.81 -5.64 -2.17
CA VAL B 159 -27.94 -6.19 -1.12
C VAL B 159 -27.03 -7.23 -1.75
N ASN B 160 -25.72 -7.00 -1.69
CA ASN B 160 -24.76 -7.98 -2.16
C ASN B 160 -24.74 -9.21 -1.25
N ALA B 161 -24.10 -10.27 -1.74
CA ALA B 161 -24.13 -11.55 -1.06
C ALA B 161 -22.71 -12.07 -0.85
N LYS B 162 -22.60 -13.11 -0.02
CA LYS B 162 -21.35 -13.81 0.23
C LYS B 162 -21.65 -15.29 0.35
N SER B 163 -20.58 -16.10 0.28
CA SER B 163 -20.71 -17.55 0.25
C SER B 163 -21.35 -18.11 1.54
N GLY B 175 -14.57 1.40 0.75
CA GLY B 175 -15.89 1.39 0.18
C GLY B 175 -15.92 1.70 -1.31
N ASP B 176 -15.87 0.65 -2.12
CA ASP B 176 -15.86 0.80 -3.57
C ASP B 176 -17.26 0.84 -4.19
N MET B 177 -18.28 0.41 -3.46
CA MET B 177 -19.63 0.37 -3.98
C MET B 177 -20.61 0.84 -2.90
N LEU B 178 -21.69 1.47 -3.34
CA LEU B 178 -22.67 2.02 -2.42
C LEU B 178 -23.38 0.91 -1.65
N ASN B 179 -23.64 1.18 -0.37
CA ASN B 179 -24.44 0.29 0.46
C ASN B 179 -25.83 0.91 0.59
N PHE B 180 -26.86 0.12 0.29
CA PHE B 180 -28.22 0.65 0.23
C PHE B 180 -28.66 1.20 1.58
N ARG B 181 -28.63 0.36 2.62
CA ARG B 181 -29.17 0.76 3.91
C ARG B 181 -28.47 1.99 4.46
N ASP B 182 -27.14 2.06 4.31
CA ASP B 182 -26.39 3.19 4.86
C ASP B 182 -26.79 4.50 4.19
N LEU B 183 -26.96 4.48 2.86
CA LEU B 183 -27.36 5.68 2.15
C LEU B 183 -28.77 6.10 2.53
N LEU B 184 -29.68 5.13 2.70
CA LEU B 184 -31.05 5.45 3.08
C LEU B 184 -31.10 6.11 4.46
N LYS B 185 -30.38 5.53 5.42
CA LYS B 185 -30.36 6.10 6.77
C LYS B 185 -29.83 7.52 6.78
N ALA B 186 -28.86 7.82 5.91
CA ALA B 186 -28.32 9.16 5.84
C ALA B 186 -29.34 10.14 5.28
N LYS B 187 -30.08 9.74 4.25
CA LYS B 187 -31.05 10.62 3.62
C LYS B 187 -32.29 10.84 4.48
N THR B 188 -32.61 9.91 5.38
CA THR B 188 -33.76 10.04 6.25
C THR B 188 -33.37 10.36 7.69
N LEU B 189 -32.15 10.84 7.90
CA LEU B 189 -31.68 11.12 9.26
C LEU B 189 -32.41 12.33 9.85
N HIS B 190 -32.74 13.33 9.03
CA HIS B 190 -33.49 14.47 9.49
C HIS B 190 -34.96 14.13 9.78
N LEU B 191 -35.41 12.95 9.36
CA LEU B 191 -36.77 12.51 9.64
C LEU B 191 -36.84 11.91 11.05
N PRO B 192 -37.90 12.23 11.82
CA PRO B 192 -37.92 11.84 13.23
C PRO B 192 -38.36 10.42 13.50
N VAL B 193 -38.98 9.74 12.55
CA VAL B 193 -39.52 8.40 12.78
C VAL B 193 -38.50 7.35 12.35
N PRO B 194 -38.11 6.43 13.23
CA PRO B 194 -37.16 5.39 12.84
C PRO B 194 -37.76 4.41 11.84
N THR B 195 -36.88 3.70 11.14
CA THR B 195 -37.28 2.77 10.10
C THR B 195 -36.66 1.41 10.37
N GLN B 196 -37.45 0.35 10.12
CA GLN B 196 -37.03 -1.02 10.33
C GLN B 196 -37.16 -1.78 9.00
N ILE B 197 -36.03 -2.16 8.43
CA ILE B 197 -35.98 -2.85 7.14
C ILE B 197 -35.89 -4.35 7.41
N VAL B 198 -36.89 -5.10 6.94
CA VAL B 198 -37.02 -6.51 7.28
C VAL B 198 -37.17 -7.35 6.02
N TRP B 199 -36.76 -8.61 6.13
CA TRP B 199 -37.02 -9.57 5.06
C TRP B 199 -38.50 -9.93 5.05
N PRO B 200 -39.17 -10.13 3.87
CA PRO B 200 -40.61 -10.37 3.88
C PRO B 200 -41.01 -11.82 4.20
N ASP B 201 -40.04 -12.70 4.35
CA ASP B 201 -40.36 -14.12 4.59
C ASP B 201 -40.06 -14.49 6.04
N THR B 202 -38.94 -14.02 6.55
CA THR B 202 -38.51 -14.40 7.90
C THR B 202 -38.80 -13.26 8.87
N TRP B 203 -38.78 -12.01 8.40
CA TRP B 203 -38.99 -10.84 9.25
C TRP B 203 -37.85 -10.66 10.25
N ASP B 204 -36.62 -10.94 9.82
CA ASP B 204 -35.42 -10.55 10.56
C ASP B 204 -34.84 -9.30 9.91
N ASP B 205 -33.78 -8.78 10.52
CA ASP B 205 -33.16 -7.56 10.01
C ASP B 205 -32.55 -7.81 8.64
N ALA B 206 -32.68 -6.82 7.76
CA ALA B 206 -32.18 -6.92 6.39
C ALA B 206 -31.30 -5.73 6.09
N ALA B 207 -30.37 -5.93 5.15
CA ALA B 207 -29.45 -4.94 4.60
C ALA B 207 -28.37 -4.48 5.57
N LYS B 208 -28.39 -4.96 6.82
CA LYS B 208 -27.26 -4.69 7.71
C LYS B 208 -26.03 -5.48 7.30
N ILE B 209 -26.22 -6.75 6.92
CA ILE B 209 -25.13 -7.65 6.57
C ILE B 209 -25.39 -8.16 5.17
N PRO B 210 -24.34 -8.60 4.46
CA PRO B 210 -24.55 -9.21 3.15
C PRO B 210 -25.41 -10.47 3.26
N ARG B 211 -26.31 -10.64 2.30
CA ARG B 211 -27.20 -11.79 2.30
C ARG B 211 -26.46 -13.04 1.85
N LYS B 212 -27.17 -14.16 1.86
CA LYS B 212 -26.64 -15.44 1.38
C LYS B 212 -27.37 -15.83 0.10
N ILE B 213 -26.61 -16.25 -0.90
CA ILE B 213 -27.20 -16.58 -2.21
C ILE B 213 -28.16 -17.75 -2.08
N LYS B 214 -27.81 -18.73 -1.25
CA LYS B 214 -28.69 -19.87 -0.98
C LYS B 214 -29.42 -19.72 0.34
N ARG B 215 -29.95 -18.52 0.59
CA ARG B 215 -30.74 -18.27 1.80
C ARG B 215 -32.02 -19.09 1.73
N ASP B 216 -32.13 -20.11 2.57
CA ASP B 216 -33.26 -21.02 2.52
C ASP B 216 -33.43 -21.73 3.87
N VAL B 223 -36.64 -20.54 14.01
CA VAL B 223 -36.33 -19.29 14.69
C VAL B 223 -37.48 -18.29 14.53
N LYS B 224 -38.67 -18.81 14.25
CA LYS B 224 -39.84 -17.94 14.06
C LYS B 224 -40.14 -17.12 15.31
N ALA B 225 -40.26 -17.79 16.46
CA ALA B 225 -40.57 -17.10 17.70
C ALA B 225 -39.47 -16.10 18.07
N THR B 226 -38.21 -16.56 18.00
CA THR B 226 -37.10 -15.68 18.33
C THR B 226 -37.06 -14.46 17.41
N ARG B 227 -37.39 -14.65 16.14
CA ARG B 227 -37.41 -13.53 15.20
C ARG B 227 -38.52 -12.54 15.57
N ALA B 228 -39.66 -13.06 16.04
CA ALA B 228 -40.76 -12.18 16.42
C ALA B 228 -40.41 -11.36 17.66
N TRP B 229 -39.79 -12.00 18.66
CA TRP B 229 -39.29 -11.28 19.83
C TRP B 229 -38.41 -10.11 19.40
N ASN B 230 -37.55 -10.37 18.43
CA ASN B 230 -36.56 -9.35 18.03
C ASN B 230 -37.26 -8.22 17.26
N LEU B 231 -38.15 -8.53 16.33
CA LEU B 231 -38.74 -7.42 15.55
C LEU B 231 -39.50 -6.54 16.53
N LEU B 232 -40.24 -7.15 17.43
CA LEU B 232 -41.07 -6.35 18.34
C LEU B 232 -40.16 -5.53 19.26
N ASN B 233 -39.05 -6.11 19.69
CA ASN B 233 -38.11 -5.37 20.58
C ASN B 233 -37.61 -4.16 19.82
N ALA B 234 -37.26 -4.36 18.57
CA ALA B 234 -36.71 -3.23 17.80
C ALA B 234 -37.80 -2.18 17.69
N LEU B 235 -39.02 -2.63 17.43
CA LEU B 235 -40.09 -1.65 17.23
C LEU B 235 -40.23 -0.85 18.52
N PHE B 236 -40.20 -1.52 19.67
CA PHE B 236 -40.39 -0.84 20.97
C PHE B 236 -39.29 0.18 21.19
N TYR B 237 -38.04 -0.22 20.96
CA TYR B 237 -36.93 0.72 21.26
C TYR B 237 -37.04 1.91 20.32
N LYS B 238 -37.40 1.66 19.07
CA LYS B 238 -37.49 2.73 18.07
C LYS B 238 -38.61 3.69 18.45
N ALA B 239 -39.70 3.16 18.97
CA ALA B 239 -40.85 3.99 19.36
C ALA B 239 -40.46 4.96 20.47
N GLY B 240 -39.39 4.65 21.19
CA GLY B 240 -38.92 5.55 22.23
C GLY B 240 -39.08 5.02 23.65
N LYS B 241 -39.51 3.79 23.84
CA LYS B 241 -39.74 3.21 25.15
C LYS B 241 -38.58 2.30 25.55
N VAL B 242 -38.52 1.97 26.83
CA VAL B 242 -37.40 1.22 27.40
C VAL B 242 -37.92 -0.02 28.12
N PRO B 243 -37.65 -1.22 27.61
CA PRO B 243 -38.04 -2.43 28.35
C PRO B 243 -37.28 -2.65 29.64
N TRP B 244 -36.06 -2.14 29.79
CA TRP B 244 -35.30 -2.36 31.01
C TRP B 244 -34.11 -1.42 31.07
N ARG B 245 -33.67 -1.15 32.29
CA ARG B 245 -32.44 -0.40 32.55
C ARG B 245 -31.39 -1.31 33.16
N LEU B 246 -30.13 -0.94 32.97
CA LEU B 246 -29.05 -1.62 33.68
C LEU B 246 -29.18 -1.36 35.18
N LEU B 247 -29.22 -2.43 35.95
CA LEU B 247 -29.33 -2.28 37.40
C LEU B 247 -28.06 -1.66 37.95
N PRO B 248 -28.11 -0.44 38.48
CA PRO B 248 -26.87 0.22 38.93
C PRO B 248 -26.36 -0.39 40.22
N ASP B 249 -25.04 -0.23 40.43
CA ASP B 249 -24.43 -0.71 41.66
C ASP B 249 -24.98 0.04 42.87
N GLN B 250 -25.23 1.34 42.72
CA GLN B 250 -25.87 2.15 43.74
C GLN B 250 -26.99 2.94 43.10
N ALA B 251 -28.17 2.94 43.73
CA ALA B 251 -29.34 3.59 43.15
C ALA B 251 -29.10 5.08 42.95
N GLU B 252 -28.47 5.74 43.92
CA GLU B 252 -28.16 7.16 43.78
C GLU B 252 -27.09 7.38 42.71
N TYR B 253 -26.16 6.44 42.57
CA TYR B 253 -25.08 6.58 41.61
C TYR B 253 -25.62 6.60 40.18
N ARG B 254 -25.28 7.65 39.44
CA ARG B 254 -25.64 7.78 38.03
C ARG B 254 -24.37 7.68 37.20
N THR B 255 -24.38 6.78 36.21
CA THR B 255 -23.20 6.52 35.39
C THR B 255 -23.60 6.54 33.92
N SER B 256 -22.87 7.32 33.12
CA SER B 256 -23.05 7.37 31.69
C SER B 256 -21.77 6.86 31.02
N PHE B 257 -21.93 6.36 29.79
CA PHE B 257 -20.85 5.70 29.08
C PHE B 257 -20.71 6.33 27.69
N LEU B 258 -19.56 6.95 27.44
CA LEU B 258 -19.31 7.73 26.24
C LEU B 258 -18.28 7.02 25.37
N GLY B 259 -18.70 6.59 24.19
CA GLY B 259 -17.77 6.02 23.22
C GLY B 259 -17.31 7.08 22.24
N ILE B 260 -16.05 6.98 21.84
CA ILE B 260 -15.43 7.93 20.91
C ILE B 260 -14.83 7.13 19.76
N GLY B 261 -15.24 7.46 18.54
CA GLY B 261 -14.77 6.76 17.36
C GLY B 261 -14.42 7.73 16.25
N PHE B 262 -13.95 7.16 15.14
CA PHE B 262 -13.61 7.94 13.95
C PHE B 262 -14.03 7.17 12.71
N TYR B 263 -14.41 7.91 11.67
CA TYR B 263 -14.82 7.34 10.40
C TYR B 263 -14.25 8.18 9.27
N ARG B 264 -13.73 7.51 8.26
CA ARG B 264 -13.02 8.17 7.17
C ARG B 264 -13.96 8.41 6.01
N ASP B 265 -14.00 9.66 5.54
CA ASP B 265 -14.78 10.00 4.36
C ASP B 265 -14.09 9.49 3.11
N LEU B 266 -14.89 9.07 2.13
CA LEU B 266 -14.36 8.60 0.86
C LEU B 266 -14.21 9.71 -0.17
N ASP B 267 -14.54 10.95 0.19
CA ASP B 267 -14.58 12.06 -0.75
C ASP B 267 -13.63 13.17 -0.31
N GLY B 268 -13.18 13.96 -1.26
CA GLY B 268 -12.34 15.12 -0.94
C GLY B 268 -10.91 14.80 -0.62
N GLN B 269 -10.50 15.06 0.60
CA GLN B 269 -9.11 14.84 1.03
C GLN B 269 -9.08 13.55 1.84
N GLN B 270 -10.13 12.73 1.72
CA GLN B 270 -10.21 11.42 2.44
C GLN B 270 -9.78 11.65 3.89
N LEU B 271 -10.46 12.54 4.59
CA LEU B 271 -10.09 12.89 5.97
C LEU B 271 -10.93 12.16 7.00
N TRP B 272 -10.45 12.14 8.24
CA TRP B 272 -11.13 11.43 9.31
C TRP B 272 -11.95 12.40 10.14
N THR B 273 -13.11 11.94 10.60
CA THR B 273 -14.02 12.74 11.40
C THR B 273 -14.33 11.99 12.69
N SER B 274 -14.28 12.71 13.81
CA SER B 274 -14.48 12.10 15.12
C SER B 274 -15.96 12.15 15.51
N THR B 275 -16.45 11.04 16.08
CA THR B 275 -17.81 10.93 16.56
C THR B 275 -17.82 10.54 18.03
N ALA B 276 -19.00 10.66 18.64
CA ALA B 276 -19.21 10.30 20.03
C ALA B 276 -20.51 9.52 20.16
N GLN B 277 -20.46 8.46 20.97
CA GLN B 277 -21.61 7.58 21.18
C GLN B 277 -21.92 7.59 22.66
N MET B 278 -22.89 8.41 23.06
CA MET B 278 -23.18 8.69 24.45
C MET B 278 -24.40 7.88 24.89
N PHE B 279 -24.22 7.00 25.87
CA PHE B 279 -25.28 6.12 26.34
C PHE B 279 -25.55 6.36 27.82
N ASP B 280 -26.75 5.98 28.25
CA ASP B 280 -27.18 6.05 29.63
C ASP B 280 -27.54 4.66 30.14
N GLU B 281 -27.83 4.58 31.44
CA GLU B 281 -28.11 3.30 32.07
C GLU B 281 -29.35 2.61 31.51
N ARG B 282 -30.18 3.32 30.76
CA ARG B 282 -31.40 2.74 30.19
C ARG B 282 -31.22 2.25 28.76
N GLY B 283 -30.13 2.63 28.10
CA GLY B 283 -29.88 2.18 26.74
C GLY B 283 -30.39 3.14 25.69
N ARG B 284 -30.11 4.43 25.87
CA ARG B 284 -30.51 5.48 24.94
C ARG B 284 -29.26 6.23 24.49
N GLY B 285 -29.02 6.25 23.19
CA GLY B 285 -27.80 6.81 22.63
C GLY B 285 -27.97 8.23 22.12
N LEU B 286 -26.90 9.01 22.22
CA LEU B 286 -26.86 10.38 21.72
C LEU B 286 -25.62 10.53 20.84
N ILE B 287 -25.83 10.62 19.54
CA ILE B 287 -24.75 10.60 18.55
C ILE B 287 -24.36 12.03 18.19
N LEU B 288 -23.06 12.28 18.12
CA LEU B 288 -22.53 13.61 17.84
C LEU B 288 -21.28 13.50 16.99
N ARG B 289 -21.05 14.51 16.16
CA ARG B 289 -19.88 14.58 15.30
C ARG B 289 -18.94 15.65 15.82
N GLY B 290 -17.67 15.30 16.00
CA GLY B 290 -16.65 16.21 16.46
C GLY B 290 -15.82 16.76 15.32
N ALA B 291 -14.66 17.30 15.68
CA ALA B 291 -13.79 17.93 14.71
C ALA B 291 -13.13 16.89 13.82
N ARG B 292 -12.54 17.37 12.72
CA ARG B 292 -11.68 16.52 11.90
C ARG B 292 -10.54 15.97 12.74
N ALA B 293 -10.26 14.68 12.57
CA ALA B 293 -9.20 14.05 13.32
C ALA B 293 -7.84 14.31 12.66
N GLN B 294 -6.80 14.10 13.44
CA GLN B 294 -5.43 14.06 12.93
C GLN B 294 -5.01 12.61 12.74
N THR B 295 -3.93 12.42 12.00
CA THR B 295 -3.41 11.10 11.70
C THR B 295 -1.91 11.06 11.94
N GLU B 296 -1.43 9.89 12.40
CA GLU B 296 -0.01 9.75 12.71
C GLU B 296 0.82 9.51 11.46
N THR B 297 0.34 8.67 10.55
CA THR B 297 1.14 8.30 9.38
C THR B 297 0.22 8.03 8.19
N ARG B 298 0.44 8.75 7.10
CA ARG B 298 -0.16 8.46 5.79
C ARG B 298 -1.69 8.34 5.88
N GLY B 299 -2.31 9.13 6.72
CA GLY B 299 -3.78 9.15 6.71
C GLY B 299 -4.38 8.02 7.49
N ARG B 300 -3.57 7.16 8.05
CA ARG B 300 -4.13 6.11 8.91
C ARG B 300 -3.83 6.55 10.31
N HIS B 301 -4.27 5.78 11.28
CA HIS B 301 -4.04 6.11 12.71
C HIS B 301 -4.69 7.41 13.11
N PRO B 302 -6.03 7.49 13.11
CA PRO B 302 -6.75 8.69 13.47
C PRO B 302 -6.69 9.06 14.95
N TYR B 303 -6.64 10.35 15.22
CA TYR B 303 -6.57 10.79 16.61
C TYR B 303 -7.07 12.22 16.71
N LEU B 304 -7.24 12.67 17.92
CA LEU B 304 -7.77 14.01 18.15
C LEU B 304 -6.77 14.86 18.91
N THR B 305 -6.77 16.16 18.62
CA THR B 305 -5.96 17.10 19.36
C THR B 305 -6.58 17.37 20.74
N ALA B 306 -5.77 17.94 21.62
CA ALA B 306 -6.23 18.21 22.99
C ALA B 306 -7.43 19.14 22.97
N LYS B 307 -7.42 20.15 22.10
CA LYS B 307 -8.54 21.08 22.03
C LYS B 307 -9.78 20.42 21.47
N ASP B 308 -9.64 19.71 20.34
CA ASP B 308 -10.79 19.04 19.73
C ASP B 308 -11.37 17.99 20.66
N ALA B 309 -10.50 17.31 21.43
CA ALA B 309 -10.99 16.31 22.37
C ALA B 309 -11.83 16.94 23.48
N GLU B 310 -11.43 18.14 23.93
CA GLU B 310 -12.18 18.81 24.97
C GLU B 310 -13.54 19.28 24.46
N ASP B 311 -13.58 19.84 23.25
CA ASP B 311 -14.84 20.33 22.71
C ASP B 311 -15.84 19.21 22.47
N LEU B 312 -15.37 18.07 21.95
CA LEU B 312 -16.28 16.95 21.71
C LEU B 312 -16.89 16.44 23.00
N VAL B 313 -16.07 16.27 24.04
CA VAL B 313 -16.58 15.77 25.31
C VAL B 313 -17.49 16.81 25.96
N VAL B 314 -17.15 18.09 25.85
CA VAL B 314 -18.05 19.14 26.31
C VAL B 314 -19.34 19.12 25.50
N GLN B 315 -19.24 18.97 24.18
CA GLN B 315 -20.43 18.89 23.34
C GLN B 315 -21.26 17.65 23.67
N SER B 316 -20.63 16.60 24.18
CA SER B 316 -21.34 15.37 24.54
C SER B 316 -21.99 15.45 25.92
N ILE B 317 -21.28 16.00 26.91
CA ILE B 317 -21.88 16.19 28.23
C ILE B 317 -23.06 17.14 28.15
N ALA B 318 -22.91 18.22 27.38
CA ALA B 318 -24.02 19.16 27.21
C ALA B 318 -25.20 18.50 26.50
N ALA B 319 -24.92 17.60 25.56
CA ALA B 319 -26.00 16.91 24.86
C ALA B 319 -26.71 15.93 25.78
N TYR B 320 -25.95 15.22 26.62
CA TYR B 320 -26.57 14.31 27.59
C TYR B 320 -27.38 15.09 28.61
N LYS B 321 -26.79 16.13 29.20
CA LYS B 321 -27.47 16.90 30.22
C LYS B 321 -28.75 17.55 29.72
N ALA B 322 -28.87 17.74 28.40
CA ALA B 322 -30.11 18.30 27.85
C ALA B 322 -31.24 17.28 27.89
N HIS B 323 -30.95 16.02 27.57
CA HIS B 323 -31.97 14.98 27.43
C HIS B 323 -32.20 14.20 28.71
N HIS B 324 -31.67 14.65 29.85
CA HIS B 324 -31.78 13.91 31.11
C HIS B 324 -32.10 14.89 32.23
N ARG B 325 -32.35 14.33 33.42
CA ARG B 325 -32.61 15.13 34.60
C ARG B 325 -31.41 15.22 35.54
N HIS B 326 -30.75 14.11 35.81
CA HIS B 326 -29.62 14.10 36.73
C HIS B 326 -28.30 14.26 36.00
N VAL B 327 -27.35 14.91 36.67
CA VAL B 327 -25.95 14.87 36.24
C VAL B 327 -25.35 13.55 36.71
N PRO B 328 -24.63 12.82 35.85
CA PRO B 328 -24.05 11.56 36.29
C PRO B 328 -22.88 11.78 37.24
N ALA B 329 -22.84 11.00 38.31
CA ALA B 329 -21.73 11.07 39.25
C ALA B 329 -20.44 10.58 38.62
N ARG B 330 -20.52 9.65 37.67
CA ARG B 330 -19.36 9.09 37.00
C ARG B 330 -19.62 9.06 35.51
N LEU B 331 -18.56 9.28 34.73
CA LEU B 331 -18.63 9.18 33.27
C LEU B 331 -17.45 8.34 32.81
N VAL B 332 -17.74 7.29 32.05
CA VAL B 332 -16.73 6.40 31.49
C VAL B 332 -16.56 6.73 30.01
N VAL B 333 -15.32 6.85 29.57
CA VAL B 333 -14.99 7.16 28.19
C VAL B 333 -14.29 5.95 27.59
N LEU B 334 -14.85 5.41 26.52
CA LEU B 334 -14.33 4.21 25.87
C LEU B 334 -13.78 4.56 24.49
N LYS B 335 -12.71 3.87 24.11
CA LYS B 335 -12.15 3.97 22.76
C LYS B 335 -11.68 2.59 22.32
N THR B 336 -11.53 2.44 21.00
CA THR B 336 -10.96 1.23 20.44
C THR B 336 -9.47 1.37 20.09
N SER B 337 -8.94 2.59 20.12
CA SER B 337 -7.52 2.85 19.97
C SER B 337 -7.01 3.51 21.25
N ARG B 338 -5.70 3.38 21.47
CA ARG B 338 -5.09 3.89 22.70
C ARG B 338 -5.34 5.39 22.84
N PHE B 339 -5.52 5.83 24.08
CA PHE B 339 -5.74 7.25 24.35
C PHE B 339 -4.43 7.99 24.19
N ARG B 340 -4.33 8.82 23.15
CA ARG B 340 -3.18 9.70 23.01
C ARG B 340 -3.15 10.68 24.18
N SER B 341 -1.94 11.02 24.64
CA SER B 341 -1.83 11.94 25.77
C SER B 341 -2.50 13.27 25.49
N GLU B 342 -2.47 13.72 24.23
CA GLU B 342 -3.25 14.90 23.86
C GLU B 342 -4.73 14.65 24.03
N GLU B 343 -5.21 13.47 23.63
CA GLU B 343 -6.61 13.11 23.83
C GLU B 343 -6.95 13.05 25.32
N ALA B 344 -6.12 12.34 26.10
CA ALA B 344 -6.42 12.15 27.51
C ALA B 344 -6.42 13.48 28.27
N GLU B 345 -5.50 14.38 27.91
CA GLU B 345 -5.43 15.67 28.59
C GLU B 345 -6.69 16.49 28.36
N GLY B 346 -7.19 16.49 27.13
CA GLY B 346 -8.40 17.25 26.82
C GLY B 346 -9.64 16.67 27.47
N ILE B 347 -9.73 15.35 27.53
CA ILE B 347 -10.89 14.71 28.17
C ILE B 347 -10.90 15.01 29.66
N ASP B 348 -9.75 14.82 30.33
CA ASP B 348 -9.66 15.13 31.76
C ASP B 348 -9.89 16.61 32.02
N ALA B 349 -9.55 17.48 31.07
CA ALA B 349 -9.82 18.90 31.22
C ALA B 349 -11.31 19.19 31.13
N ALA B 350 -12.01 18.57 30.18
CA ALA B 350 -13.45 18.73 30.08
C ALA B 350 -14.17 18.13 31.26
N LEU B 351 -13.65 17.02 31.80
CA LEU B 351 -14.26 16.39 32.97
C LEU B 351 -14.08 17.25 34.22
N GLY B 352 -12.89 17.83 34.39
CA GLY B 352 -12.68 18.71 35.54
C GLY B 352 -13.55 19.95 35.48
N LYS B 353 -13.77 20.47 34.27
CA LYS B 353 -14.65 21.63 34.12
C LYS B 353 -16.11 21.25 34.21
N SER B 354 -16.47 20.01 33.86
CA SER B 354 -17.86 19.59 33.93
C SER B 354 -18.34 19.41 35.35
N GLY B 355 -17.42 19.21 36.31
CA GLY B 355 -17.79 19.00 37.69
C GLY B 355 -18.18 17.58 38.04
N ILE B 356 -18.06 16.63 37.11
CA ILE B 356 -18.44 15.26 37.38
C ILE B 356 -17.48 14.66 38.40
N GLU B 357 -18.03 13.91 39.36
CA GLU B 357 -17.25 13.43 40.50
C GLU B 357 -16.15 12.48 40.06
N MET B 358 -16.51 11.36 39.44
CA MET B 358 -15.55 10.35 39.02
C MET B 358 -15.48 10.29 37.50
N SER B 359 -14.31 9.89 37.00
CA SER B 359 -14.08 9.82 35.56
C SER B 359 -13.12 8.67 35.28
N ASP B 360 -13.49 7.82 34.32
CA ASP B 360 -12.71 6.64 33.96
C ASP B 360 -12.52 6.60 32.46
N LEU B 361 -11.28 6.34 32.04
CA LEU B 361 -10.93 6.23 30.62
C LEU B 361 -10.45 4.80 30.36
N VAL B 362 -11.07 4.14 29.36
CA VAL B 362 -10.83 2.73 29.09
C VAL B 362 -10.51 2.56 27.62
N TRP B 363 -9.45 1.82 27.32
CA TRP B 363 -9.12 1.41 25.96
C TRP B 363 -9.59 -0.03 25.78
N VAL B 364 -10.60 -0.22 24.94
CA VAL B 364 -11.16 -1.54 24.66
C VAL B 364 -10.49 -2.05 23.39
N GLN B 365 -9.61 -3.04 23.54
CA GLN B 365 -8.95 -3.66 22.40
C GLN B 365 -9.80 -4.82 21.89
N GLU B 366 -10.13 -4.79 20.60
CA GLU B 366 -10.94 -5.84 20.00
C GLU B 366 -10.12 -7.02 19.50
N SER B 367 -8.86 -6.79 19.16
CA SER B 367 -8.05 -7.76 18.40
C SER B 367 -6.81 -8.19 19.18
N SER B 368 -6.95 -8.41 20.48
CA SER B 368 -5.82 -8.89 21.25
C SER B 368 -5.66 -10.39 21.08
N PRO B 369 -4.46 -10.87 20.73
CA PRO B 369 -4.28 -12.33 20.56
C PRO B 369 -4.30 -13.11 21.86
N ILE B 370 -4.28 -12.44 23.02
CA ILE B 370 -4.25 -13.14 24.29
C ILE B 370 -5.59 -13.83 24.54
N ALA B 371 -5.54 -15.07 25.01
CA ALA B 371 -6.75 -15.83 25.31
C ALA B 371 -6.41 -16.96 26.27
N ILE B 372 -7.43 -17.42 26.99
CA ILE B 372 -7.28 -18.55 27.89
C ILE B 372 -8.13 -19.70 27.38
N PHE B 373 -7.65 -20.92 27.61
CA PHE B 373 -8.29 -22.13 27.11
C PHE B 373 -8.45 -23.13 28.25
N ARG B 374 -9.65 -23.66 28.40
CA ARG B 374 -9.96 -24.63 29.44
C ARG B 374 -9.94 -26.05 28.87
N ASP B 375 -10.06 -27.02 29.77
CA ASP B 375 -10.14 -28.41 29.38
C ASP B 375 -11.55 -28.74 28.90
N GLY B 376 -11.65 -29.37 27.75
CA GLY B 376 -12.93 -29.75 27.16
C GLY B 376 -13.20 -28.98 25.88
N ASN B 377 -14.36 -29.29 25.30
CA ASN B 377 -14.77 -28.67 24.04
C ASN B 377 -15.46 -27.33 24.26
N TYR B 378 -16.18 -27.18 25.36
CA TYR B 378 -16.93 -25.96 25.58
C TYR B 378 -15.99 -24.83 26.03
N PRO B 379 -16.18 -23.62 25.51
CA PRO B 379 -15.28 -22.50 25.87
C PRO B 379 -15.48 -22.02 27.29
N VAL B 380 -14.65 -21.07 27.72
CA VAL B 380 -14.76 -20.55 29.08
C VAL B 380 -16.07 -19.81 29.26
N LEU B 381 -16.49 -19.69 30.53
CA LEU B 381 -17.75 -19.04 30.84
C LEU B 381 -17.72 -17.56 30.45
N ARG B 382 -18.87 -17.07 30.03
CA ARG B 382 -18.94 -15.62 29.77
C ARG B 382 -18.85 -14.99 31.14
N GLY B 383 -18.20 -13.85 31.20
CA GLY B 383 -17.96 -13.21 32.47
C GLY B 383 -16.62 -13.57 33.09
N THR B 384 -15.82 -14.41 32.42
CA THR B 384 -14.49 -14.72 32.91
C THR B 384 -13.59 -13.50 32.76
N PHE B 385 -12.95 -13.10 33.85
CA PHE B 385 -12.06 -11.94 33.86
C PHE B 385 -10.72 -12.35 34.45
N VAL B 386 -9.65 -12.04 33.73
CA VAL B 386 -8.28 -12.34 34.16
C VAL B 386 -7.51 -11.03 34.23
N ASP B 387 -7.02 -10.69 35.42
CA ASP B 387 -6.19 -9.50 35.59
C ASP B 387 -4.78 -9.77 35.07
N LEU B 388 -4.28 -8.84 34.26
CA LEU B 388 -2.94 -8.97 33.69
C LEU B 388 -2.06 -7.80 34.09
N ASP B 389 -1.99 -7.52 35.39
CA ASP B 389 -1.17 -6.43 35.94
C ASP B 389 -1.56 -5.08 35.33
N GLY B 390 -2.80 -4.67 35.60
CA GLY B 390 -3.33 -3.45 35.08
C GLY B 390 -4.12 -3.58 33.81
N LYS B 391 -3.96 -4.67 33.07
CA LYS B 391 -4.71 -4.94 31.86
C LYS B 391 -5.70 -6.07 32.10
N GLY B 392 -6.88 -5.94 31.51
CA GLY B 392 -7.94 -6.88 31.78
C GLY B 392 -8.43 -7.62 30.56
N LEU B 393 -8.35 -8.95 30.59
CA LEU B 393 -8.80 -9.79 29.49
C LEU B 393 -10.21 -10.28 29.83
N LEU B 394 -11.21 -9.66 29.21
CA LEU B 394 -12.60 -9.93 29.52
C LEU B 394 -13.25 -10.73 28.40
N TYR B 395 -14.07 -11.71 28.75
CA TYR B 395 -14.72 -12.57 27.76
C TYR B 395 -16.19 -12.25 27.71
N THR B 396 -16.58 -11.38 26.81
CA THR B 396 -17.99 -10.98 26.66
C THR B 396 -18.80 -12.13 26.08
N ARG B 397 -18.22 -12.86 25.16
CA ARG B 397 -18.96 -13.97 24.53
C ARG B 397 -18.33 -15.27 24.99
N GLY B 398 -19.13 -16.28 25.29
CA GLY B 398 -18.66 -17.57 25.76
C GLY B 398 -19.81 -18.43 26.24
N SER B 399 -19.47 -19.47 27.00
CA SER B 399 -20.47 -20.39 27.51
C SER B 399 -21.43 -19.66 28.45
N VAL B 400 -22.71 -19.71 28.13
CA VAL B 400 -23.75 -19.01 28.88
C VAL B 400 -24.53 -20.04 29.69
N PRO B 401 -24.53 -19.96 31.02
CA PRO B 401 -25.29 -20.94 31.81
C PRO B 401 -26.78 -20.89 31.56
N PHE B 402 -27.34 -19.70 31.39
CA PHE B 402 -28.77 -19.57 31.13
C PHE B 402 -29.16 -20.24 29.82
N TYR B 403 -28.38 -20.01 28.76
CA TYR B 403 -28.67 -20.60 27.46
C TYR B 403 -28.33 -22.08 27.40
N GLY B 404 -27.66 -22.62 28.41
CA GLY B 404 -27.32 -24.03 28.42
C GLY B 404 -26.31 -24.46 27.39
N THR B 405 -25.64 -23.53 26.72
CA THR B 405 -24.67 -23.85 25.67
C THR B 405 -23.90 -22.57 25.34
N PHE B 406 -23.02 -22.68 24.36
CA PHE B 406 -22.33 -21.52 23.80
C PHE B 406 -23.01 -21.17 22.49
N PRO B 407 -23.64 -19.99 22.38
CA PRO B 407 -24.44 -19.71 21.17
C PRO B 407 -23.66 -19.74 19.87
N GLY B 408 -22.45 -19.15 19.84
CA GLY B 408 -21.64 -19.14 18.65
C GLY B 408 -21.00 -20.49 18.37
N LEU B 409 -20.31 -20.56 17.23
CA LEU B 409 -19.59 -21.77 16.81
C LEU B 409 -18.08 -21.57 16.86
N ARG B 410 -17.55 -20.59 16.13
CA ARG B 410 -16.14 -20.24 16.28
C ARG B 410 -15.86 -19.81 17.71
N VAL B 411 -14.64 -20.11 18.17
CA VAL B 411 -14.27 -19.82 19.56
C VAL B 411 -14.24 -18.31 19.77
N PRO B 412 -14.64 -17.83 20.95
CA PRO B 412 -14.64 -16.38 21.18
C PRO B 412 -13.24 -15.84 21.36
N ARG B 413 -13.06 -14.58 20.97
CA ARG B 413 -11.81 -13.86 21.19
C ARG B 413 -12.05 -12.76 22.20
N PRO B 414 -11.41 -12.81 23.37
CA PRO B 414 -11.77 -11.87 24.45
C PRO B 414 -11.32 -10.44 24.18
N LEU B 415 -11.68 -9.53 25.08
CA LEU B 415 -11.36 -8.12 24.97
C LEU B 415 -10.31 -7.76 26.01
N LEU B 416 -9.21 -7.15 25.55
CA LEU B 416 -8.19 -6.63 26.46
C LEU B 416 -8.57 -5.21 26.86
N LEU B 417 -8.82 -5.00 28.15
CA LEU B 417 -9.23 -3.70 28.67
C LEU B 417 -8.04 -3.04 29.35
N VAL B 418 -7.67 -1.86 28.87
CA VAL B 418 -6.52 -1.12 29.36
C VAL B 418 -7.00 0.23 29.87
N PRO B 419 -7.18 0.38 31.19
CA PRO B 419 -7.59 1.68 31.72
C PRO B 419 -6.44 2.68 31.70
N HIS B 420 -6.79 3.94 31.52
CA HIS B 420 -5.80 5.01 31.57
C HIS B 420 -5.42 5.30 33.02
N GLU B 421 -4.23 5.89 33.19
CA GLU B 421 -3.78 6.25 34.54
C GLU B 421 -4.73 7.23 35.21
N ASN B 422 -5.39 8.08 34.42
CA ASN B 422 -6.31 9.07 34.96
C ASN B 422 -7.61 8.46 35.46
N SER B 423 -7.83 7.16 35.22
CA SER B 423 -9.07 6.53 35.66
C SER B 423 -9.13 6.46 37.18
N ASP B 424 -10.35 6.52 37.70
CA ASP B 424 -10.58 6.52 39.14
C ASP B 424 -11.04 5.18 39.69
N SER B 425 -11.63 4.33 38.86
CA SER B 425 -12.11 3.04 39.31
C SER B 425 -11.08 1.95 39.06
N THR B 426 -11.20 0.86 39.80
CA THR B 426 -10.37 -0.31 39.54
C THR B 426 -10.75 -0.94 38.21
N ILE B 427 -9.88 -1.82 37.71
CA ILE B 427 -10.19 -2.56 36.50
C ILE B 427 -11.21 -3.66 36.75
N LEU B 428 -11.50 -3.97 38.02
CA LEU B 428 -12.54 -4.94 38.34
C LEU B 428 -13.93 -4.32 38.19
N THR B 429 -14.11 -3.10 38.70
CA THR B 429 -15.39 -2.41 38.52
C THR B 429 -15.61 -2.04 37.06
N LEU B 430 -14.55 -1.63 36.37
CA LEU B 430 -14.67 -1.22 34.97
C LEU B 430 -14.98 -2.41 34.07
N ALA B 431 -14.45 -3.60 34.39
CA ALA B 431 -14.74 -4.78 33.59
C ALA B 431 -16.20 -5.20 33.74
N LYS B 432 -16.76 -5.07 34.94
CA LYS B 432 -18.18 -5.33 35.14
C LYS B 432 -19.02 -4.40 34.26
N ASP B 433 -18.64 -3.13 34.19
CA ASP B 433 -19.41 -2.16 33.41
C ASP B 433 -19.40 -2.53 31.93
N VAL B 434 -18.21 -2.83 31.39
CA VAL B 434 -18.11 -3.22 29.98
C VAL B 434 -18.95 -4.46 29.71
N LEU B 435 -18.85 -5.46 30.60
CA LEU B 435 -19.62 -6.69 30.44
C LEU B 435 -21.12 -6.39 30.44
N ALA B 436 -21.57 -5.56 31.40
CA ALA B 436 -22.98 -5.21 31.46
C ALA B 436 -23.39 -4.37 30.25
N LEU B 437 -22.47 -3.57 29.71
CA LEU B 437 -22.80 -2.71 28.57
C LEU B 437 -23.02 -3.50 27.28
N THR B 438 -22.60 -4.76 27.24
CA THR B 438 -22.86 -5.60 26.08
C THR B 438 -24.30 -6.12 26.03
N LYS B 439 -25.10 -5.86 27.06
CA LYS B 439 -26.49 -6.29 27.05
C LYS B 439 -27.43 -5.25 26.44
N VAL B 440 -27.01 -3.99 26.37
CA VAL B 440 -27.70 -2.99 25.57
C VAL B 440 -27.64 -3.45 24.13
N ASN B 441 -28.78 -3.86 23.57
CA ASN B 441 -28.80 -4.58 22.31
C ASN B 441 -30.04 -4.16 21.53
N TRP B 442 -29.84 -3.38 20.47
CA TRP B 442 -30.93 -2.94 19.61
C TRP B 442 -31.17 -3.87 18.43
N ASN B 443 -30.38 -4.93 18.28
CA ASN B 443 -30.51 -5.87 17.19
C ASN B 443 -31.34 -7.09 17.56
N THR B 444 -31.00 -7.75 18.67
CA THR B 444 -31.67 -8.97 19.10
C THR B 444 -32.03 -8.88 20.58
N THR B 445 -32.78 -9.88 21.04
CA THR B 445 -33.06 -10.06 22.45
C THR B 445 -32.05 -10.98 23.13
N GLN B 446 -31.06 -11.47 22.38
CA GLN B 446 -29.98 -12.27 22.94
C GLN B 446 -28.98 -11.35 23.64
N PHE B 447 -28.55 -11.74 24.84
CA PHE B 447 -27.80 -10.84 25.71
C PHE B 447 -26.30 -11.08 25.71
N ASP B 448 -25.79 -12.00 24.88
CA ASP B 448 -24.36 -12.31 24.89
C ASP B 448 -23.67 -11.67 23.68
N GLN B 449 -23.57 -10.35 23.74
CA GLN B 449 -22.93 -9.59 22.68
C GLN B 449 -21.45 -9.37 22.98
N LYS B 450 -20.66 -9.29 21.92
CA LYS B 450 -19.21 -9.17 22.07
C LYS B 450 -18.81 -7.78 22.55
N LEU B 451 -19.39 -6.74 21.97
CA LEU B 451 -18.91 -5.41 22.25
C LEU B 451 -19.92 -4.61 23.06
N PRO B 452 -19.46 -3.67 23.89
CA PRO B 452 -20.40 -2.78 24.58
C PRO B 452 -21.09 -1.83 23.62
N ALA B 453 -22.22 -1.31 24.08
CA ALA B 453 -23.08 -0.48 23.23
C ALA B 453 -22.37 0.71 22.60
N PRO B 454 -21.51 1.47 23.31
CA PRO B 454 -20.83 2.58 22.63
C PRO B 454 -19.95 2.15 21.47
N ILE B 455 -19.35 0.96 21.54
CA ILE B 455 -18.47 0.51 20.47
C ILE B 455 -19.29 0.05 19.27
N LYS B 456 -20.38 -0.70 19.50
CA LYS B 456 -21.24 -1.10 18.40
C LYS B 456 -21.87 0.11 17.72
N ALA B 457 -22.25 1.12 18.50
CA ALA B 457 -22.83 2.33 17.92
C ALA B 457 -21.79 3.08 17.08
N ALA B 458 -20.51 2.98 17.43
CA ALA B 458 -19.48 3.68 16.67
C ALA B 458 -19.39 3.16 15.25
N ARG B 459 -19.50 1.83 15.08
CA ARG B 459 -19.38 1.25 13.74
C ARG B 459 -20.57 1.63 12.87
N GLU B 460 -21.77 1.69 13.46
CA GLU B 460 -22.96 1.99 12.68
C GLU B 460 -22.98 3.43 12.20
N VAL B 461 -22.67 4.37 13.10
CA VAL B 461 -22.72 5.77 12.72
C VAL B 461 -21.62 6.11 11.72
N GLY B 462 -20.47 5.42 11.81
CA GLY B 462 -19.44 5.63 10.81
C GLY B 462 -19.89 5.20 9.42
N ARG B 463 -20.69 4.13 9.35
CA ARG B 463 -21.22 3.69 8.06
C ARG B 463 -22.21 4.69 7.48
N ILE B 464 -22.91 5.42 8.33
CA ILE B 464 -24.01 6.28 7.88
C ILE B 464 -23.54 7.71 7.63
N LEU B 465 -22.89 8.33 8.62
CA LEU B 465 -22.51 9.74 8.49
C LEU B 465 -21.48 9.99 7.40
N LYS B 466 -20.86 8.95 6.84
CA LYS B 466 -19.91 9.17 5.75
C LYS B 466 -20.60 9.53 4.45
N HIS B 467 -21.92 9.43 4.37
CA HIS B 467 -22.70 9.99 3.28
C HIS B 467 -23.29 11.35 3.61
N VAL B 468 -23.00 11.89 4.80
CA VAL B 468 -23.48 13.21 5.21
C VAL B 468 -22.30 14.16 5.20
N GLU B 469 -22.48 15.30 4.55
CA GLU B 469 -21.39 16.26 4.40
C GLU B 469 -20.98 16.83 5.76
N PHE B 470 -19.69 17.05 5.93
CA PHE B 470 -19.18 17.65 7.16
C PHE B 470 -19.67 19.08 7.29
N GLY B 471 -19.97 19.50 8.50
CA GLY B 471 -20.55 20.79 8.75
C GLY B 471 -22.06 20.84 8.66
N THR B 472 -22.70 19.73 8.27
CA THR B 472 -24.14 19.65 8.23
C THR B 472 -24.68 19.14 9.56
N ALA B 473 -25.78 19.74 10.01
CA ALA B 473 -26.37 19.37 11.30
C ALA B 473 -26.89 17.95 11.26
N VAL B 474 -26.61 17.19 12.31
CA VAL B 474 -27.00 15.79 12.42
C VAL B 474 -27.76 15.60 13.72
N SER B 475 -28.83 14.81 13.66
CA SER B 475 -29.62 14.53 14.86
C SER B 475 -28.81 13.69 15.85
N SER B 476 -29.09 13.91 17.13
CA SER B 476 -28.45 13.16 18.21
C SER B 476 -29.30 12.00 18.70
N ASP B 477 -30.25 11.54 17.89
CA ASP B 477 -31.18 10.49 18.28
C ASP B 477 -30.71 9.16 17.71
N PHE B 478 -30.23 8.28 18.57
CA PHE B 478 -29.69 6.99 18.11
C PHE B 478 -30.76 6.13 17.45
N ARG B 479 -32.03 6.31 17.82
CA ARG B 479 -33.09 5.51 17.25
C ARG B 479 -33.15 5.66 15.73
N ARG B 480 -32.88 6.87 15.23
CA ARG B 480 -32.86 7.09 13.79
C ARG B 480 -31.72 6.34 13.12
N TYR B 481 -30.63 6.10 13.84
CA TYR B 481 -29.46 5.45 13.25
C TYR B 481 -29.60 3.93 13.20
N THR B 482 -30.33 3.35 14.14
CA THR B 482 -30.53 1.91 14.17
C THR B 482 -31.56 1.48 13.12
N THR C 20 19.12 1.06 -54.89
CA THR C 20 19.14 2.17 -55.83
C THR C 20 20.40 2.11 -56.69
N ASP C 21 20.30 2.60 -57.94
CA ASP C 21 21.46 2.66 -58.82
C ASP C 21 22.55 3.54 -58.22
N SER C 22 22.15 4.62 -57.54
CA SER C 22 23.12 5.53 -56.93
C SER C 22 23.84 4.86 -55.76
N GLN C 23 23.11 4.08 -54.96
CA GLN C 23 23.73 3.43 -53.80
C GLN C 23 24.77 2.41 -54.22
N VAL C 24 24.51 1.67 -55.30
CA VAL C 24 25.45 0.66 -55.76
C VAL C 24 26.72 1.32 -56.28
N LEU C 25 26.58 2.42 -57.02
CA LEU C 25 27.76 3.13 -57.53
C LEU C 25 28.58 3.71 -56.39
N GLY C 26 27.92 4.25 -55.36
CA GLY C 26 28.64 4.76 -54.21
C GLY C 26 29.33 3.65 -53.43
N GLU C 27 28.70 2.48 -53.34
CA GLU C 27 29.33 1.34 -52.68
C GLU C 27 30.59 0.91 -53.42
N LEU C 28 30.54 0.86 -54.75
CA LEU C 28 31.73 0.51 -55.52
C LEU C 28 32.81 1.56 -55.36
N GLY C 29 32.43 2.83 -55.25
CA GLY C 29 33.41 3.88 -55.10
C GLY C 29 34.14 3.80 -53.77
N GLU C 30 33.39 3.68 -52.67
CA GLU C 30 34.03 3.59 -51.36
C GLU C 30 34.84 2.32 -51.21
N THR C 31 34.43 1.24 -51.88
CA THR C 31 35.21 0.00 -51.83
C THR C 31 36.58 0.20 -52.46
N ALA C 32 36.62 0.83 -53.63
CA ALA C 32 37.90 1.19 -54.24
C ALA C 32 38.72 2.06 -53.30
N ILE C 33 38.12 3.16 -52.82
CA ILE C 33 38.84 4.09 -51.96
C ILE C 33 39.28 3.42 -50.67
N LYS C 34 38.48 2.49 -50.15
CA LYS C 34 38.89 1.71 -48.99
C LYS C 34 40.14 0.88 -49.28
N LYS C 35 40.27 0.40 -50.53
CA LYS C 35 41.42 -0.44 -50.88
C LYS C 35 42.71 0.36 -50.87
N ILE C 36 42.73 1.50 -51.56
CA ILE C 36 43.92 2.37 -51.54
C ILE C 36 44.25 2.82 -50.13
N VAL C 37 43.24 3.18 -49.35
CA VAL C 37 43.48 3.68 -47.99
C VAL C 37 44.14 2.60 -47.13
N LEU C 38 43.62 1.38 -47.20
CA LEU C 38 44.19 0.29 -46.42
C LEU C 38 45.55 -0.12 -46.97
N GLU C 39 45.73 -0.07 -48.30
CA GLU C 39 47.04 -0.32 -48.89
C GLU C 39 48.06 0.68 -48.37
N THR C 40 47.64 1.93 -48.15
CA THR C 40 48.54 2.95 -47.64
C THR C 40 48.97 2.68 -46.20
N GLY C 41 48.12 2.02 -45.43
CA GLY C 41 48.37 1.79 -44.01
C GLY C 41 47.38 2.46 -43.08
N PHE C 42 46.44 3.25 -43.61
CA PHE C 42 45.42 3.89 -42.79
C PHE C 42 44.19 3.00 -42.72
N LEU C 43 43.16 3.48 -42.03
CA LEU C 43 41.93 2.73 -41.84
C LEU C 43 40.77 3.46 -42.51
N TYR C 44 39.68 2.74 -42.75
CA TYR C 44 38.50 3.33 -43.37
C TYR C 44 37.23 2.80 -42.71
N GLU C 45 36.31 3.73 -42.45
CA GLU C 45 34.96 3.39 -42.03
C GLU C 45 34.00 4.33 -42.74
N GLN C 46 32.73 3.92 -42.81
CA GLN C 46 31.71 4.72 -43.48
C GLN C 46 30.73 5.27 -42.46
N ARG C 47 30.21 6.46 -42.75
CA ARG C 47 29.26 7.14 -41.87
C ARG C 47 27.81 7.03 -42.38
N GLY C 48 27.55 7.47 -43.59
CA GLY C 48 26.21 7.48 -44.14
C GLY C 48 26.22 7.36 -45.65
N ARG C 49 25.23 7.98 -46.28
CA ARG C 49 25.03 7.88 -47.72
C ARG C 49 24.68 9.25 -48.29
N LEU C 50 25.39 9.65 -49.32
CA LEU C 50 25.08 10.85 -50.08
C LEU C 50 24.28 10.46 -51.32
N GLU C 51 23.91 11.48 -52.11
CA GLU C 51 23.37 11.25 -53.44
C GLU C 51 24.54 11.14 -54.42
N ALA C 52 24.54 10.06 -55.20
CA ALA C 52 25.64 9.75 -56.12
C ALA C 52 26.97 9.63 -55.37
N GLY C 53 26.94 8.95 -54.23
CA GLY C 53 28.14 8.73 -53.46
C GLY C 53 27.82 8.42 -52.02
N THR C 54 28.87 8.08 -51.27
CA THR C 54 28.79 7.82 -49.85
C THR C 54 30.00 8.44 -49.17
N ASP C 55 29.94 8.51 -47.84
CA ASP C 55 30.95 9.22 -47.06
C ASP C 55 31.47 8.33 -45.93
N GLY C 56 32.56 8.76 -45.31
CA GLY C 56 33.13 7.98 -44.24
C GLY C 56 34.25 8.72 -43.53
N ILE C 57 34.98 7.96 -42.72
CA ILE C 57 36.06 8.46 -41.88
C ILE C 57 37.28 7.60 -42.12
N ILE C 58 38.48 8.19 -41.99
CA ILE C 58 39.73 7.46 -42.15
C ILE C 58 40.64 7.78 -40.97
N GLU C 59 41.20 6.74 -40.36
CA GLU C 59 42.00 6.86 -39.14
C GLU C 59 43.43 6.40 -39.39
N LEU C 60 44.38 7.13 -38.81
CA LEU C 60 45.79 6.77 -38.96
C LEU C 60 46.11 5.51 -38.16
N ARG C 61 47.22 4.87 -38.52
CA ARG C 61 47.69 3.66 -37.82
C ARG C 61 49.22 3.69 -37.93
N ASP C 62 49.94 3.10 -36.98
CA ASP C 62 51.42 3.04 -37.05
C ASP C 62 51.86 1.60 -37.19
N GLY C 66 51.52 -1.54 -34.52
CA GLY C 66 50.24 -2.01 -35.10
C GLY C 66 49.07 -1.43 -34.36
N ALA C 67 48.77 -0.14 -34.52
CA ALA C 67 47.70 0.42 -33.65
C ALA C 67 46.85 1.55 -34.20
N PRO C 68 45.50 1.64 -33.95
CA PRO C 68 44.72 2.83 -34.32
C PRO C 68 45.35 3.94 -33.48
N LEU C 69 45.61 5.11 -34.08
CA LEU C 69 46.35 6.17 -33.37
C LEU C 69 45.45 7.32 -32.92
N GLY C 70 44.17 7.29 -33.20
CA GLY C 70 43.34 8.39 -32.68
C GLY C 70 43.34 9.61 -33.55
N LYS C 71 43.85 9.52 -34.76
CA LYS C 71 43.76 10.70 -35.62
C LYS C 71 42.85 10.30 -36.75
N LEU C 72 41.93 11.17 -37.13
CA LEU C 72 40.90 10.80 -38.10
C LEU C 72 40.68 11.92 -39.10
N LEU C 73 40.34 11.54 -40.33
CA LEU C 73 40.01 12.46 -41.41
C LEU C 73 38.71 12.04 -42.07
N GLY C 74 37.96 13.03 -42.54
CA GLY C 74 36.76 12.76 -43.31
C GLY C 74 37.07 12.63 -44.79
N VAL C 75 36.23 11.87 -45.49
CA VAL C 75 36.38 11.65 -46.93
C VAL C 75 34.99 11.67 -47.57
N GLN C 76 34.88 12.40 -48.68
CA GLN C 76 33.66 12.44 -49.49
C GLN C 76 33.95 11.68 -50.78
N VAL C 77 33.27 10.54 -50.96
CA VAL C 77 33.50 9.67 -52.09
C VAL C 77 32.36 9.89 -53.08
N LYS C 78 32.62 10.69 -54.11
CA LYS C 78 31.68 10.91 -55.19
C LYS C 78 31.99 9.95 -56.33
N SER C 79 30.98 9.24 -56.80
CA SER C 79 31.16 8.21 -57.82
C SER C 79 30.33 8.54 -59.05
N THR C 80 30.97 8.46 -60.22
CA THR C 80 30.29 8.60 -61.50
C THR C 80 30.78 7.48 -62.43
N GLU C 81 29.86 6.95 -63.23
CA GLU C 81 30.21 5.82 -64.09
C GLU C 81 30.77 6.28 -65.44
N SER C 82 30.24 7.36 -66.00
CA SER C 82 30.74 7.91 -67.24
C SER C 82 30.46 9.40 -67.26
N GLY C 83 30.98 10.07 -68.28
CA GLY C 83 30.82 11.51 -68.39
C GLY C 83 32.04 12.28 -67.94
N GLN C 84 32.68 12.98 -68.87
CA GLN C 84 33.87 13.75 -68.53
C GLN C 84 33.52 14.91 -67.61
N TYR C 85 34.54 15.43 -66.93
CA TYR C 85 34.36 16.60 -66.10
C TYR C 85 34.37 17.86 -66.98
N VAL C 86 34.30 19.03 -66.34
CA VAL C 86 33.93 20.25 -67.05
C VAL C 86 35.06 20.71 -67.97
N ARG C 87 36.24 20.95 -67.40
CA ARG C 87 37.35 21.47 -68.20
C ARG C 87 37.85 20.40 -69.17
N GLU C 88 38.69 20.82 -70.11
CA GLU C 88 39.49 19.89 -70.90
C GLU C 88 40.22 18.92 -69.98
N ASN C 89 39.97 17.63 -70.16
CA ASN C 89 40.50 16.61 -69.28
C ASN C 89 41.90 16.14 -69.67
N ASP C 90 42.59 16.89 -70.54
CA ASP C 90 43.94 16.50 -70.93
C ASP C 90 44.89 16.62 -69.75
N ASN C 91 44.86 17.75 -69.04
CA ASN C 91 45.74 17.99 -67.92
C ASN C 91 45.01 18.36 -66.63
N SER C 92 43.80 18.88 -66.74
CA SER C 92 43.13 19.38 -65.52
C SER C 92 41.63 19.12 -65.60
N PHE C 93 40.88 19.56 -64.59
CA PHE C 93 39.39 19.45 -64.63
C PHE C 93 38.72 20.31 -63.56
N GLU C 94 37.40 20.46 -63.67
CA GLU C 94 36.62 21.30 -62.73
C GLU C 94 35.39 20.51 -62.27
N TYR C 95 34.99 20.69 -61.00
CA TYR C 95 33.79 20.01 -60.44
C TYR C 95 33.11 21.03 -59.52
N LEU C 96 31.79 20.95 -59.37
CA LEU C 96 31.06 21.93 -58.53
C LEU C 96 30.40 21.19 -57.40
N LEU C 97 30.44 21.79 -56.21
CA LEU C 97 29.93 21.09 -55.03
C LEU C 97 28.57 21.65 -54.65
N LYS C 98 27.54 20.81 -54.77
CA LYS C 98 26.17 21.24 -54.43
C LYS C 98 26.14 21.54 -52.93
N PRO C 99 25.43 22.60 -52.51
CA PRO C 99 25.35 22.97 -51.10
C PRO C 99 24.72 21.86 -50.26
N ASP C 100 23.78 21.11 -50.84
CA ASP C 100 23.09 20.04 -50.08
C ASP C 100 23.99 18.79 -50.02
N ASP C 101 24.73 18.53 -51.09
CA ASP C 101 25.65 17.36 -51.14
C ASP C 101 26.89 17.78 -50.37
N LEU C 102 26.88 19.01 -49.88
CA LEU C 102 28.01 19.52 -49.09
C LEU C 102 28.04 18.77 -47.76
N LYS C 103 29.08 18.98 -46.98
CA LYS C 103 29.29 18.18 -45.76
C LYS C 103 28.14 18.26 -44.78
N TYR C 104 27.84 17.12 -44.16
CA TYR C 104 26.84 17.08 -43.06
C TYR C 104 27.71 17.14 -41.82
N TRP C 105 29.02 17.19 -42.03
CA TRP C 105 29.99 17.26 -40.91
C TRP C 105 30.12 18.74 -40.54
N ARG C 106 29.24 19.59 -41.06
CA ARG C 106 29.40 21.05 -40.83
C ARG C 106 29.42 21.27 -39.32
N THR C 107 28.68 20.46 -38.59
CA THR C 107 28.69 20.57 -37.11
C THR C 107 30.07 20.21 -36.59
N SER C 108 30.61 19.07 -37.01
CA SER C 108 31.88 18.59 -36.47
C SER C 108 33.03 19.51 -36.87
N ASN C 109 34.14 19.39 -36.13
CA ASN C 109 35.31 20.23 -36.34
C ASN C 109 36.49 19.45 -36.93
N ILE C 110 36.23 18.34 -37.61
CA ILE C 110 37.28 17.53 -38.22
C ILE C 110 37.55 18.02 -39.64
N PRO C 111 38.78 17.90 -40.13
CA PRO C 111 39.03 18.21 -41.55
C PRO C 111 38.63 17.04 -42.43
N VAL C 112 38.23 17.38 -43.67
CA VAL C 112 37.69 16.40 -44.60
C VAL C 112 38.27 16.64 -45.98
N ILE C 113 38.48 15.56 -46.72
CA ILE C 113 38.91 15.61 -48.11
C ILE C 113 37.77 15.10 -48.99
N ILE C 114 37.90 15.32 -50.29
CA ILE C 114 36.94 14.81 -51.27
C ILE C 114 37.70 14.05 -52.34
N VAL C 115 37.14 12.92 -52.77
CA VAL C 115 37.78 12.03 -53.72
C VAL C 115 36.79 11.75 -54.86
N LEU C 116 37.13 12.17 -56.07
CA LEU C 116 36.28 12.01 -57.24
C LEU C 116 36.75 10.79 -58.02
N TRP C 117 35.90 9.75 -58.08
CA TRP C 117 36.25 8.49 -58.72
C TRP C 117 35.31 8.24 -59.88
N ARG C 118 35.89 8.07 -61.07
CA ARG C 118 35.14 7.77 -62.28
C ARG C 118 35.24 6.27 -62.55
N LYS C 119 34.09 5.61 -62.68
CA LYS C 119 34.10 4.15 -62.83
C LYS C 119 34.74 3.71 -64.14
N SER C 120 34.60 4.52 -65.20
CA SER C 120 35.12 4.10 -66.50
C SER C 120 36.63 4.34 -66.63
N ASP C 121 37.16 5.37 -65.97
CA ASP C 121 38.62 5.56 -65.97
C ASP C 121 39.29 4.86 -64.80
N GLU C 122 38.54 4.53 -63.75
CA GLU C 122 39.05 3.78 -62.60
C GLU C 122 40.21 4.50 -61.94
N THR C 123 40.08 5.82 -61.80
CA THR C 123 41.12 6.65 -61.22
C THR C 123 40.45 7.78 -60.45
N ALA C 124 41.12 8.24 -59.39
CA ALA C 124 40.57 9.25 -58.50
C ALA C 124 41.59 10.36 -58.25
N TYR C 125 41.08 11.50 -57.79
CA TYR C 125 41.90 12.67 -57.48
C TYR C 125 41.33 13.33 -56.23
N TRP C 126 42.20 13.73 -55.31
CA TRP C 126 41.78 14.25 -54.02
C TRP C 126 42.27 15.68 -53.83
N LYS C 127 41.40 16.52 -53.27
CA LYS C 127 41.74 17.88 -52.85
C LYS C 127 41.15 18.09 -51.46
N ASP C 128 41.45 19.24 -50.85
CA ASP C 128 40.96 19.54 -49.48
C ASP C 128 39.67 20.34 -49.55
N VAL C 129 38.62 19.86 -48.91
CA VAL C 129 37.29 20.53 -48.95
C VAL C 129 36.96 20.97 -47.52
N SER C 130 37.98 21.29 -46.74
CA SER C 130 37.75 21.63 -45.33
C SER C 130 36.77 22.80 -45.23
N ASP C 131 36.76 23.70 -46.22
CA ASP C 131 35.75 24.79 -46.25
C ASP C 131 34.48 24.20 -46.85
N CYS C 132 33.42 24.05 -46.06
CA CYS C 132 32.21 23.34 -46.56
C CYS C 132 30.94 24.16 -46.30
N VAL C 133 31.06 25.33 -45.67
CA VAL C 133 29.83 26.10 -45.33
C VAL C 133 29.07 26.28 -46.63
N ARG C 134 27.76 26.19 -46.58
CA ARG C 134 26.98 26.24 -47.84
C ARG C 134 27.24 27.54 -48.58
N GLY C 135 27.36 27.48 -49.91
CA GLY C 135 27.51 28.72 -50.70
C GLY C 135 27.92 28.40 -52.12
N GLU C 136 28.21 29.43 -52.91
CA GLU C 136 28.72 29.21 -54.29
C GLU C 136 30.24 29.05 -54.21
N GLU C 137 30.73 28.09 -53.43
CA GLU C 137 32.17 27.79 -53.34
C GLU C 137 32.29 26.55 -54.19
N ARG C 138 31.24 26.31 -54.97
CA ARG C 138 31.16 25.07 -55.76
C ARG C 138 32.28 24.93 -56.77
N ARG C 139 32.73 26.01 -57.41
CA ARG C 139 33.77 25.83 -58.45
C ARG C 139 35.03 25.22 -57.82
N LEU C 140 35.35 23.99 -58.20
CA LEU C 140 36.56 23.33 -57.68
C LEU C 140 37.58 23.15 -58.81
N LYS C 141 38.81 23.59 -58.60
CA LYS C 141 39.87 23.52 -59.62
C LYS C 141 40.79 22.34 -59.35
N PHE C 142 40.67 21.33 -60.20
CA PHE C 142 41.45 20.10 -60.09
C PHE C 142 42.52 20.09 -61.17
N ASP C 143 43.71 19.61 -60.80
CA ASP C 143 44.79 19.36 -61.74
C ASP C 143 45.14 17.89 -61.66
N LYS C 144 45.20 17.23 -62.81
CA LYS C 144 45.45 15.77 -62.83
C LYS C 144 46.83 15.48 -62.28
N GLY C 145 47.81 16.27 -62.70
CA GLY C 145 49.20 16.01 -62.27
C GLY C 145 49.49 16.30 -60.82
N THR C 146 49.03 17.44 -60.33
CA THR C 146 49.38 17.84 -58.96
C THR C 146 48.74 16.91 -57.93
N ASP C 147 47.47 16.60 -58.10
CA ASP C 147 46.81 15.82 -57.03
C ASP C 147 46.04 14.63 -57.56
N VAL C 148 46.37 13.42 -57.13
CA VAL C 148 45.66 12.18 -57.49
C VAL C 148 45.57 11.43 -56.17
N PHE C 149 44.51 10.67 -55.96
CA PHE C 149 44.46 9.88 -54.72
C PHE C 149 45.22 8.57 -54.96
N ASP C 150 46.54 8.62 -54.81
CA ASP C 150 47.36 7.40 -55.00
C ASP C 150 47.87 6.99 -53.63
N PRO C 151 48.33 5.75 -53.37
CA PRO C 151 48.87 5.52 -52.05
C PRO C 151 50.03 6.50 -51.84
N ARG C 152 50.58 7.06 -52.93
CA ARG C 152 51.74 7.98 -52.85
C ARG C 152 51.39 9.30 -52.16
N SER C 153 50.10 9.63 -52.06
CA SER C 153 49.67 10.93 -51.48
C SER C 153 49.53 10.78 -49.98
N ALA C 154 50.02 9.68 -49.42
CA ALA C 154 49.83 9.38 -47.98
C ALA C 154 50.39 10.47 -47.09
N ASP C 155 51.60 10.94 -47.35
CA ASP C 155 52.18 11.89 -46.39
C ASP C 155 51.25 13.10 -46.34
N ARG C 156 50.77 13.52 -47.50
CA ARG C 156 49.89 14.72 -47.57
C ARG C 156 48.58 14.46 -46.83
N ILE C 157 47.97 13.29 -47.04
CA ILE C 157 46.64 13.03 -46.42
C ILE C 157 46.86 13.05 -44.91
N GLY C 158 47.92 12.40 -44.46
CA GLY C 158 48.16 12.31 -43.01
C GLY C 158 48.37 13.66 -42.39
N ALA C 159 49.08 14.54 -43.09
CA ALA C 159 49.42 15.84 -42.49
C ALA C 159 48.14 16.61 -42.19
N LEU C 160 47.13 16.50 -43.05
CA LEU C 160 45.93 17.32 -42.83
C LEU C 160 45.06 16.64 -41.78
N THR C 161 45.54 16.54 -40.53
CA THR C 161 44.78 15.75 -39.53
C THR C 161 44.63 16.40 -38.16
N ILE C 162 43.39 16.55 -37.68
CA ILE C 162 43.09 16.97 -36.32
C ILE C 162 42.87 15.71 -35.48
N ASP C 163 43.42 15.71 -34.27
CA ASP C 163 43.32 14.54 -33.41
C ASP C 163 41.89 14.36 -32.89
N ARG C 164 41.53 13.11 -32.60
CA ARG C 164 40.29 12.87 -31.88
C ARG C 164 40.34 13.48 -30.49
N ARG C 165 41.52 13.52 -29.89
CA ARG C 165 41.73 14.04 -28.53
C ARG C 165 41.83 15.56 -28.50
N THR C 166 41.00 16.26 -29.26
CA THR C 166 40.93 17.71 -29.25
C THR C 166 39.53 18.17 -28.87
N PRO C 167 39.40 19.19 -28.03
CA PRO C 167 38.07 19.59 -27.53
C PRO C 167 37.23 20.19 -28.65
N GLY C 168 36.08 19.57 -28.90
CA GLY C 168 35.14 20.06 -29.89
C GLY C 168 34.85 19.10 -31.03
N VAL C 169 35.62 18.02 -31.17
CA VAL C 169 35.41 17.07 -32.26
C VAL C 169 34.11 16.32 -32.03
N PHE C 170 33.11 16.59 -32.87
CA PHE C 170 31.89 15.80 -32.87
C PHE C 170 32.15 14.47 -33.54
N LEU C 171 31.58 13.41 -32.99
CA LEU C 171 31.49 12.18 -33.76
C LEU C 171 30.06 12.12 -34.28
N PRO C 172 29.81 12.60 -35.50
CA PRO C 172 28.44 12.72 -35.98
C PRO C 172 27.80 11.35 -36.16
N PRO C 173 26.53 11.21 -35.84
CA PRO C 173 25.89 9.89 -35.91
C PRO C 173 25.77 9.40 -37.34
N LEU C 174 25.57 8.09 -37.47
CA LEU C 174 25.46 7.47 -38.79
C LEU C 174 24.21 7.96 -39.50
N ASN C 175 24.35 8.32 -40.77
CA ASN C 175 23.22 8.63 -41.64
C ASN C 175 22.67 7.39 -42.33
N LYS C 176 23.16 6.20 -41.98
CA LYS C 176 22.73 4.98 -42.64
C LYS C 176 21.27 4.67 -42.34
N GLY C 177 20.89 4.71 -41.07
CA GLY C 177 19.56 4.32 -40.68
C GLY C 177 19.50 2.89 -40.20
N GLU C 178 18.64 2.63 -39.22
CA GLU C 178 18.52 1.31 -38.63
C GLU C 178 17.12 1.12 -38.08
N ASP C 179 16.83 -0.10 -37.65
CA ASP C 179 15.50 -0.49 -37.18
C ASP C 179 15.56 -0.91 -35.72
N ALA C 180 14.38 -1.01 -35.11
CA ALA C 180 14.28 -1.40 -33.72
C ALA C 180 12.88 -1.94 -33.46
N ILE C 181 12.73 -2.68 -32.37
CA ILE C 181 11.46 -3.30 -32.00
C ILE C 181 10.87 -2.55 -30.80
N ILE C 182 9.56 -2.68 -30.65
CA ILE C 182 8.84 -2.04 -29.57
C ILE C 182 8.21 -3.12 -28.70
N ASN C 183 7.97 -2.78 -27.43
CA ASN C 183 7.38 -3.73 -26.49
C ASN C 183 6.03 -4.24 -27.00
N LEU C 184 5.23 -3.34 -27.57
CA LEU C 184 3.80 -3.59 -27.74
C LEU C 184 3.52 -4.83 -28.59
N LEU C 185 2.53 -5.60 -28.15
CA LEU C 185 1.95 -6.70 -28.93
C LEU C 185 0.49 -6.37 -29.16
N ARG C 186 0.11 -6.20 -30.43
CA ARG C 186 -1.28 -5.88 -30.74
C ARG C 186 -2.20 -7.02 -30.31
N ILE C 187 -3.34 -6.66 -29.71
CA ILE C 187 -4.28 -7.61 -29.15
C ILE C 187 -5.50 -7.68 -30.06
N ARG C 188 -5.92 -8.90 -30.39
CA ARG C 188 -7.08 -9.15 -31.25
C ARG C 188 -8.19 -9.69 -30.36
N LEU C 189 -9.04 -8.78 -29.86
CA LEU C 189 -10.07 -9.16 -28.91
C LEU C 189 -11.23 -9.85 -29.62
N PRO C 190 -11.93 -10.76 -28.92
CA PRO C 190 -13.17 -11.32 -29.48
C PRO C 190 -14.18 -10.21 -29.73
N ASP C 191 -14.90 -10.32 -30.85
CA ASP C 191 -15.82 -9.27 -31.25
C ASP C 191 -16.97 -9.11 -30.26
N GLU C 192 -17.29 -10.17 -29.52
CA GLU C 192 -18.37 -10.12 -28.54
C GLU C 192 -17.84 -10.38 -27.13
N ILE C 193 -18.44 -9.68 -26.17
CA ILE C 193 -18.15 -9.88 -24.74
C ILE C 193 -19.46 -10.14 -24.01
N PHE C 194 -19.50 -11.21 -23.21
CA PHE C 194 -20.65 -11.51 -22.36
C PHE C 194 -20.62 -10.63 -21.12
N ILE C 195 -21.68 -9.88 -20.90
CA ILE C 195 -21.84 -9.07 -19.70
C ILE C 195 -23.10 -9.51 -18.98
N SER C 196 -23.06 -9.50 -17.66
CA SER C 196 -24.17 -9.94 -16.83
C SER C 196 -24.02 -9.34 -15.45
N THR C 197 -25.15 -9.20 -14.75
CA THR C 197 -25.11 -8.78 -13.36
C THR C 197 -24.77 -9.98 -12.48
N SER C 198 -24.20 -9.68 -11.32
CA SER C 198 -23.76 -10.73 -10.41
C SER C 198 -24.37 -10.52 -9.03
N PRO C 199 -24.77 -11.60 -8.36
CA PRO C 199 -25.21 -11.45 -6.96
C PRO C 199 -24.07 -11.09 -6.02
N PHE C 200 -22.84 -11.47 -6.36
CA PHE C 200 -21.67 -11.15 -5.55
C PHE C 200 -21.11 -9.79 -5.92
N GLY C 201 -20.44 -9.15 -4.95
CA GLY C 201 -19.91 -7.82 -5.14
C GLY C 201 -18.61 -7.79 -5.94
N SER C 202 -17.60 -8.50 -5.45
CA SER C 202 -16.31 -8.56 -6.10
C SER C 202 -16.02 -10.00 -6.53
N GLY C 203 -15.04 -10.14 -7.42
CA GLY C 203 -14.61 -11.48 -7.83
C GLY C 203 -14.15 -12.31 -6.66
N ARG C 204 -13.40 -11.71 -5.73
CA ARG C 204 -12.93 -12.44 -4.57
C ARG C 204 -14.06 -12.91 -3.68
N ASP C 205 -15.17 -12.17 -3.64
CA ASP C 205 -16.33 -12.59 -2.88
C ASP C 205 -17.02 -13.79 -3.51
N ALA C 206 -16.85 -13.98 -4.83
CA ALA C 206 -17.53 -15.05 -5.56
C ALA C 206 -16.66 -16.29 -5.74
N VAL C 207 -15.35 -16.17 -5.59
CA VAL C 207 -14.44 -17.32 -5.73
C VAL C 207 -14.84 -18.47 -4.82
N PRO C 208 -15.20 -18.24 -3.56
CA PRO C 208 -15.67 -19.38 -2.73
C PRO C 208 -16.79 -20.17 -3.35
N GLU C 209 -17.83 -19.51 -3.85
CA GLU C 209 -18.97 -20.24 -4.41
C GLU C 209 -18.61 -20.90 -5.73
N LEU C 210 -17.65 -20.34 -6.48
CA LEU C 210 -17.32 -20.90 -7.79
C LEU C 210 -16.61 -22.24 -7.66
N VAL C 211 -15.69 -22.38 -6.70
CA VAL C 211 -14.89 -23.59 -6.60
C VAL C 211 -15.70 -24.83 -6.23
N LYS C 212 -16.96 -24.66 -5.84
CA LYS C 212 -17.77 -25.80 -5.42
C LYS C 212 -18.38 -26.53 -6.60
N HIS C 213 -18.86 -25.79 -7.61
CA HIS C 213 -19.68 -26.41 -8.64
C HIS C 213 -18.87 -27.34 -9.54
N GLY C 214 -17.78 -26.83 -10.12
CA GLY C 214 -16.98 -27.59 -11.05
C GLY C 214 -16.98 -26.96 -12.43
N ASN C 215 -16.09 -27.51 -13.28
CA ASN C 215 -15.84 -26.95 -14.60
C ASN C 215 -15.47 -25.47 -14.50
N VAL C 216 -14.49 -25.19 -13.66
CA VAL C 216 -14.23 -23.85 -13.17
C VAL C 216 -13.11 -23.20 -13.97
N ARG C 217 -13.33 -21.97 -14.42
CA ARG C 217 -12.29 -21.13 -14.98
C ARG C 217 -12.27 -19.81 -14.21
N PHE C 218 -11.14 -19.10 -14.29
CA PHE C 218 -10.95 -17.88 -13.51
C PHE C 218 -10.61 -16.68 -14.38
N ASP C 219 -10.96 -16.72 -15.67
CA ASP C 219 -10.75 -15.57 -16.56
C ASP C 219 -12.03 -14.75 -16.67
N TRP C 220 -12.44 -14.20 -15.53
CA TRP C 220 -13.64 -13.39 -15.45
C TRP C 220 -13.42 -12.28 -14.42
N VAL C 221 -14.23 -11.22 -14.52
CA VAL C 221 -14.11 -10.05 -13.68
C VAL C 221 -15.49 -9.69 -13.14
N ILE C 222 -15.58 -9.48 -11.83
CA ILE C 222 -16.82 -9.07 -11.18
C ILE C 222 -16.50 -7.82 -10.36
N ARG C 223 -16.87 -6.65 -10.87
CA ARG C 223 -16.71 -5.38 -10.15
C ARG C 223 -18.05 -4.68 -10.09
N LYS C 224 -18.43 -4.23 -8.89
CA LYS C 224 -19.65 -3.47 -8.66
C LYS C 224 -20.87 -4.22 -9.19
N ARG C 225 -20.93 -5.51 -8.86
CA ARG C 225 -22.04 -6.40 -9.21
C ARG C 225 -22.19 -6.61 -10.71
N ARG C 226 -21.16 -6.32 -11.51
CA ARG C 226 -21.19 -6.57 -12.94
C ARG C 226 -20.19 -7.65 -13.30
N PHE C 227 -20.64 -8.66 -14.04
CA PHE C 227 -19.81 -9.75 -14.51
C PHE C 227 -19.50 -9.54 -15.98
N VAL C 228 -18.24 -9.71 -16.36
CA VAL C 228 -17.80 -9.62 -17.75
C VAL C 228 -16.82 -10.76 -18.03
N SER C 229 -16.92 -11.32 -19.23
CA SER C 229 -16.01 -12.35 -19.69
C SER C 229 -16.25 -12.57 -21.18
N PHE C 230 -15.22 -13.10 -21.85
CA PHE C 230 -15.37 -13.42 -23.27
C PHE C 230 -16.10 -14.74 -23.48
N PHE C 231 -15.96 -15.68 -22.55
CA PHE C 231 -16.66 -16.95 -22.64
C PHE C 231 -18.08 -16.83 -22.09
N ASP C 232 -18.96 -17.69 -22.58
CA ASP C 232 -20.35 -17.69 -22.13
C ASP C 232 -20.42 -18.16 -20.69
N PRO C 233 -20.94 -17.34 -19.77
CA PRO C 233 -21.04 -17.79 -18.37
C PRO C 233 -21.94 -19.00 -18.18
N ARG C 234 -22.86 -19.24 -19.11
CA ARG C 234 -23.88 -20.26 -18.99
C ARG C 234 -23.38 -21.66 -19.29
N GLU C 235 -22.14 -21.80 -19.76
CA GLU C 235 -21.68 -23.03 -20.36
C GLU C 235 -20.39 -23.56 -19.74
N TYR C 236 -19.75 -22.76 -18.90
CA TYR C 236 -18.47 -23.18 -18.28
C TYR C 236 -18.55 -23.13 -16.77
N GLY C 237 -19.69 -23.41 -16.15
CA GLY C 237 -19.72 -23.55 -14.67
C GLY C 237 -19.55 -22.29 -13.86
N THR C 238 -19.69 -21.13 -14.47
CA THR C 238 -19.62 -19.85 -13.74
C THR C 238 -21.07 -19.48 -13.49
N ARG C 239 -21.94 -20.46 -13.60
CA ARG C 239 -23.40 -20.25 -13.52
C ARG C 239 -23.76 -19.65 -12.16
N ALA C 240 -23.14 -20.12 -11.10
CA ALA C 240 -23.46 -19.65 -9.74
C ALA C 240 -23.10 -18.20 -9.52
N ILE C 241 -21.99 -17.75 -10.09
CA ILE C 241 -21.49 -16.37 -9.80
C ILE C 241 -22.16 -15.32 -10.69
N VAL C 242 -23.16 -15.68 -11.48
CA VAL C 242 -23.82 -14.76 -12.39
C VAL C 242 -25.33 -14.92 -12.25
N ASP C 243 -26.04 -13.86 -12.64
CA ASP C 243 -27.50 -13.91 -12.75
C ASP C 243 -27.84 -14.32 -14.18
N LEU C 244 -28.18 -15.60 -14.35
CA LEU C 244 -28.40 -16.16 -15.67
C LEU C 244 -29.47 -15.41 -16.44
N ASP C 245 -30.41 -14.77 -15.73
CA ASP C 245 -31.49 -14.06 -16.38
C ASP C 245 -30.96 -13.00 -17.34
N GLN C 246 -30.01 -12.19 -16.87
CA GLN C 246 -29.50 -11.08 -17.64
C GLN C 246 -28.14 -11.37 -18.27
N VAL C 247 -27.74 -12.64 -18.34
CA VAL C 247 -26.57 -13.02 -19.12
C VAL C 247 -26.88 -12.75 -20.59
N GLU C 248 -26.12 -11.83 -21.19
CA GLU C 248 -26.41 -11.40 -22.55
C GLU C 248 -25.13 -10.91 -23.22
N ALA C 249 -25.01 -11.18 -24.51
CA ALA C 249 -23.84 -10.81 -25.28
C ALA C 249 -23.98 -9.40 -25.83
N VAL C 250 -22.84 -8.76 -26.07
CA VAL C 250 -22.82 -7.36 -26.49
C VAL C 250 -21.51 -7.11 -27.24
N ASP C 251 -21.49 -6.05 -28.04
CA ASP C 251 -20.29 -5.71 -28.79
C ASP C 251 -19.15 -5.36 -27.84
N THR C 252 -17.95 -5.87 -28.15
CA THR C 252 -16.80 -5.64 -27.29
C THR C 252 -16.38 -4.17 -27.27
N LYS C 253 -16.65 -3.44 -28.36
CA LYS C 253 -16.31 -2.03 -28.40
C LYS C 253 -17.11 -1.22 -27.39
N LEU C 254 -18.28 -1.72 -26.97
CA LEU C 254 -19.11 -0.98 -26.03
C LEU C 254 -18.50 -0.97 -24.64
N ILE C 255 -17.67 -1.96 -24.31
CA ILE C 255 -17.01 -2.03 -23.01
C ILE C 255 -15.55 -1.60 -23.11
N ALA C 256 -14.82 -2.14 -24.08
CA ALA C 256 -13.39 -1.83 -24.18
C ALA C 256 -13.16 -0.42 -24.71
N PHE C 257 -13.77 -0.09 -25.85
CA PHE C 257 -13.52 1.18 -26.53
C PHE C 257 -14.54 2.24 -26.12
N ASN C 258 -14.61 2.50 -24.82
CA ASN C 258 -15.34 3.63 -24.27
C ASN C 258 -14.39 4.46 -23.41
N ASP C 259 -14.91 5.54 -22.83
CA ASP C 259 -14.13 6.43 -22.00
C ASP C 259 -14.37 6.21 -20.51
N GLU C 260 -15.17 5.20 -20.15
CA GLU C 260 -15.48 4.95 -18.75
C GLU C 260 -14.28 4.33 -18.04
N GLN C 261 -13.75 5.04 -17.04
CA GLN C 261 -12.60 4.53 -16.30
C GLN C 261 -12.92 3.20 -15.63
N ASP C 262 -14.17 2.98 -15.22
CA ASP C 262 -14.55 1.71 -14.63
C ASP C 262 -14.44 0.58 -15.64
N ASP C 263 -14.82 0.83 -16.90
CA ASP C 263 -14.73 -0.20 -17.92
C ASP C 263 -13.31 -0.41 -18.42
N LEU C 264 -12.50 0.65 -18.46
CA LEU C 264 -11.09 0.48 -18.76
C LEU C 264 -10.39 -0.33 -17.67
N ASN C 265 -10.79 -0.15 -16.41
CA ASN C 265 -10.22 -0.92 -15.33
C ASN C 265 -10.66 -2.38 -15.40
N ASP C 266 -11.93 -2.61 -15.75
CA ASP C 266 -12.42 -3.97 -15.90
C ASP C 266 -11.83 -4.63 -17.14
N THR C 267 -11.62 -3.86 -18.21
CA THR C 267 -11.00 -4.40 -19.41
C THR C 267 -9.58 -4.87 -19.11
N MET C 268 -8.81 -4.04 -18.40
CA MET C 268 -7.43 -4.42 -18.06
C MET C 268 -7.39 -5.62 -17.13
N ASP C 269 -8.38 -5.77 -16.25
CA ASP C 269 -8.39 -6.92 -15.35
C ASP C 269 -8.75 -8.20 -16.10
N LEU C 270 -9.65 -8.12 -17.07
CA LEU C 270 -10.00 -9.30 -17.87
C LEU C 270 -8.87 -9.69 -18.80
N LEU C 271 -8.13 -8.70 -19.32
CA LEU C 271 -7.00 -9.01 -20.19
C LEU C 271 -5.91 -9.75 -19.42
N ARG C 272 -5.68 -9.37 -18.15
CA ARG C 272 -4.70 -10.06 -17.33
C ARG C 272 -5.09 -11.50 -17.07
N ARG C 273 -6.33 -11.72 -16.62
CA ARG C 273 -6.76 -13.05 -16.21
C ARG C 273 -6.80 -14.01 -17.40
N THR C 274 -7.05 -13.50 -18.60
CA THR C 274 -7.02 -14.36 -19.78
C THR C 274 -5.58 -14.70 -20.17
N VAL C 275 -4.66 -13.75 -20.00
CA VAL C 275 -3.25 -14.02 -20.28
C VAL C 275 -2.71 -15.07 -19.31
N GLU C 276 -3.19 -15.05 -18.06
CA GLU C 276 -2.76 -16.04 -17.08
C GLU C 276 -3.19 -17.44 -17.50
N ARG C 277 -4.44 -17.58 -17.96
CA ARG C 277 -4.94 -18.89 -18.39
C ARG C 277 -4.17 -19.40 -19.60
N GLN C 278 -3.96 -18.54 -20.59
CA GLN C 278 -3.35 -18.97 -21.84
C GLN C 278 -1.88 -19.30 -21.68
N THR C 279 -1.19 -18.60 -20.76
CA THR C 279 0.21 -18.87 -20.49
C THR C 279 0.40 -19.69 -19.22
N ALA C 280 -0.64 -20.38 -18.75
CA ALA C 280 -0.57 -21.12 -17.50
C ALA C 280 0.36 -22.32 -17.58
N THR C 281 0.64 -22.82 -18.78
CA THR C 281 1.54 -23.96 -18.91
C THR C 281 2.96 -23.61 -18.46
N GLN C 282 3.41 -22.40 -18.79
CA GLN C 282 4.79 -22.00 -18.55
C GLN C 282 4.95 -20.88 -17.55
N LEU C 283 3.87 -20.24 -17.10
CA LEU C 283 3.96 -19.05 -16.29
C LEU C 283 3.11 -19.19 -15.02
N SER C 284 3.50 -18.45 -13.99
CA SER C 284 2.70 -18.28 -12.79
C SER C 284 2.61 -16.79 -12.48
N PHE C 285 1.47 -16.39 -11.92
CA PHE C 285 1.20 -14.98 -11.65
C PHE C 285 1.35 -14.70 -10.16
N LEU C 286 1.99 -13.57 -9.85
CA LEU C 286 2.22 -13.14 -8.48
C LEU C 286 1.48 -11.82 -8.26
N ARG C 287 0.63 -11.79 -7.23
CA ARG C 287 -0.11 -10.57 -6.92
C ARG C 287 0.80 -9.44 -6.48
N LYS C 288 1.94 -9.77 -5.86
CA LYS C 288 2.90 -8.75 -5.45
C LYS C 288 3.62 -8.20 -6.68
N ASP C 289 3.41 -6.91 -6.95
CA ASP C 289 3.95 -6.19 -8.11
C ASP C 289 3.37 -6.71 -9.42
N ARG C 290 2.30 -7.50 -9.37
CA ARG C 290 1.61 -8.02 -10.55
C ARG C 290 2.60 -8.62 -11.55
N LEU C 291 3.45 -9.51 -11.05
CA LEU C 291 4.58 -10.01 -11.82
C LEU C 291 4.28 -11.42 -12.35
N PHE C 292 4.44 -11.59 -13.66
CA PHE C 292 4.43 -12.90 -14.29
C PHE C 292 5.86 -13.43 -14.35
N HIS C 293 6.03 -14.69 -13.99
CA HIS C 293 7.35 -15.30 -13.99
C HIS C 293 7.28 -16.74 -14.46
N PHE C 294 8.38 -17.21 -15.04
CA PHE C 294 8.47 -18.60 -15.48
C PHE C 294 8.47 -19.53 -14.29
N LYS C 295 7.52 -20.44 -14.24
CA LYS C 295 7.39 -21.36 -13.12
C LYS C 295 8.55 -22.36 -13.11
N ALA C 296 8.71 -23.04 -11.98
CA ALA C 296 9.70 -24.08 -11.82
C ALA C 296 9.01 -25.44 -11.85
N VAL C 297 9.70 -26.43 -12.42
CA VAL C 297 9.15 -27.77 -12.59
C VAL C 297 9.73 -28.71 -11.54
N GLY C 298 10.95 -28.43 -11.10
CA GLY C 298 11.60 -29.25 -10.09
C GLY C 298 12.21 -28.39 -9.01
N VAL C 299 12.09 -28.85 -7.76
CA VAL C 299 12.63 -28.10 -6.64
C VAL C 299 14.15 -28.02 -6.76
N GLY C 300 14.68 -26.80 -6.69
CA GLY C 300 16.11 -26.58 -6.87
C GLY C 300 16.65 -27.08 -8.18
N LYS C 301 15.82 -27.12 -9.22
CA LYS C 301 16.21 -27.67 -10.51
C LYS C 301 16.03 -26.62 -11.59
N SER C 302 17.07 -26.39 -12.38
CA SER C 302 17.01 -25.46 -13.49
C SER C 302 16.15 -26.01 -14.61
N ARG C 303 15.82 -25.15 -15.57
CA ARG C 303 15.04 -25.54 -16.73
C ARG C 303 15.16 -24.44 -17.78
N SER C 304 15.00 -24.83 -19.05
CA SER C 304 15.22 -23.93 -20.17
C SER C 304 13.98 -23.87 -21.05
N TYR C 305 13.91 -22.82 -21.87
CA TYR C 305 12.77 -22.57 -22.74
C TYR C 305 13.27 -22.32 -24.15
N ARG C 306 12.68 -23.01 -25.12
CA ARG C 306 13.07 -22.91 -26.52
C ARG C 306 12.04 -22.08 -27.27
N TYR C 307 12.47 -20.94 -27.81
CA TYR C 307 11.57 -20.08 -28.57
C TYR C 307 12.10 -19.78 -29.96
N MET C 308 11.55 -18.76 -30.61
CA MET C 308 11.96 -18.38 -31.96
C MET C 308 12.20 -16.88 -32.01
N SER C 309 13.45 -16.50 -32.30
CA SER C 309 13.80 -15.11 -32.58
C SER C 309 13.98 -15.00 -34.09
N ASN C 310 13.01 -14.35 -34.75
CA ASN C 310 12.91 -14.33 -36.21
C ASN C 310 12.79 -15.78 -36.68
N VAL C 311 13.73 -16.30 -37.47
CA VAL C 311 13.67 -17.67 -37.95
C VAL C 311 14.76 -18.53 -37.30
N ASN C 312 15.25 -18.12 -36.13
CA ASN C 312 16.36 -18.78 -35.46
C ASN C 312 15.88 -19.52 -34.22
N GLU C 313 16.36 -20.74 -34.06
CA GLU C 313 16.00 -21.57 -32.91
C GLU C 313 16.88 -21.20 -31.73
N THR C 314 16.27 -20.86 -30.60
CA THR C 314 16.98 -20.30 -29.47
C THR C 314 16.61 -21.05 -28.19
N SER C 315 17.42 -20.85 -27.16
CA SER C 315 17.19 -21.43 -25.84
C SER C 315 17.53 -20.40 -24.77
N ALA C 316 16.73 -20.36 -23.72
CA ALA C 316 16.94 -19.43 -22.61
C ALA C 316 16.75 -20.16 -21.30
N LYS C 317 17.74 -20.07 -20.41
CA LYS C 317 17.66 -20.66 -19.08
C LYS C 317 16.77 -19.77 -18.23
N VAL C 318 15.46 -19.98 -18.37
CA VAL C 318 14.49 -19.12 -17.70
C VAL C 318 14.52 -19.33 -16.19
N VAL C 319 14.87 -20.52 -15.73
CA VAL C 319 14.99 -20.83 -14.31
C VAL C 319 16.41 -21.30 -14.07
N SER C 320 17.19 -20.48 -13.36
CA SER C 320 18.57 -20.80 -13.01
C SER C 320 18.64 -21.07 -11.52
N ALA C 321 19.01 -22.30 -11.16
CA ALA C 321 19.15 -22.71 -9.76
C ALA C 321 20.60 -22.56 -9.33
N TYR C 322 20.80 -21.86 -8.21
CA TYR C 322 22.14 -21.60 -7.68
C TYR C 322 22.28 -22.26 -6.33
N SER C 323 23.48 -22.80 -6.06
CA SER C 323 23.77 -23.43 -4.77
C SER C 323 25.22 -23.19 -4.37
N TRP C 330 22.09 -20.35 1.60
CA TRP C 330 23.05 -20.27 0.47
C TRP C 330 22.34 -20.68 -0.82
N GLY C 331 21.01 -20.63 -0.84
CA GLY C 331 20.27 -21.08 -2.04
C GLY C 331 19.34 -20.02 -2.61
N TYR C 332 19.48 -19.70 -3.89
CA TYR C 332 18.54 -18.77 -4.56
C TYR C 332 18.23 -19.31 -5.95
N VAL C 333 16.96 -19.30 -6.36
CA VAL C 333 16.56 -19.77 -7.71
C VAL C 333 15.93 -18.59 -8.43
N ARG C 334 16.58 -18.07 -9.47
CA ARG C 334 16.12 -16.93 -10.24
C ARG C 334 15.12 -17.38 -11.31
N HIS C 335 14.10 -16.57 -11.53
CA HIS C 335 13.07 -16.84 -12.52
C HIS C 335 12.98 -15.68 -13.51
N HIS C 336 12.98 -16.00 -14.80
CA HIS C 336 12.69 -14.99 -15.81
C HIS C 336 11.27 -14.48 -15.61
N ALA C 337 11.12 -13.16 -15.52
CA ALA C 337 9.85 -12.53 -15.20
C ALA C 337 9.64 -11.31 -16.08
N ALA C 338 8.43 -10.78 -16.05
CA ALA C 338 8.08 -9.59 -16.81
C ALA C 338 6.74 -9.06 -16.33
N ARG C 339 6.62 -7.74 -16.24
CA ARG C 339 5.36 -7.09 -15.95
C ARG C 339 4.57 -6.94 -17.25
N LEU C 340 3.42 -7.60 -17.33
CA LEU C 340 2.59 -7.58 -18.54
C LEU C 340 1.53 -6.51 -18.35
N ARG C 341 1.72 -5.37 -19.01
CA ARG C 341 0.84 -4.22 -18.88
C ARG C 341 0.07 -4.00 -20.18
N PHE C 342 -1.08 -3.36 -20.06
CA PHE C 342 -2.01 -3.17 -21.17
C PHE C 342 -2.20 -1.68 -21.42
N GLU C 343 -1.99 -1.26 -22.67
CA GLU C 343 -2.07 0.14 -23.07
C GLU C 343 -2.90 0.24 -24.33
N ARG C 344 -3.83 1.19 -24.36
CA ARG C 344 -4.69 1.41 -25.51
C ARG C 344 -4.18 2.61 -26.30
N LEU C 345 -4.03 2.43 -27.62
CA LEU C 345 -3.54 3.48 -28.50
C LEU C 345 -4.45 3.58 -29.71
N ALA C 346 -5.19 4.69 -29.81
CA ALA C 346 -6.02 5.02 -30.97
C ALA C 346 -6.99 3.89 -31.30
N ASP C 347 -7.85 3.59 -30.33
CA ASP C 347 -8.88 2.55 -30.46
C ASP C 347 -8.26 1.23 -30.90
N GLU C 348 -7.22 0.81 -30.17
CA GLU C 348 -6.49 -0.41 -30.49
C GLU C 348 -5.68 -0.80 -29.26
N TRP C 349 -5.86 -2.03 -28.77
CA TRP C 349 -5.26 -2.46 -27.51
C TRP C 349 -3.92 -3.13 -27.77
N PHE C 350 -2.92 -2.77 -26.96
CA PHE C 350 -1.59 -3.36 -27.05
C PHE C 350 -1.16 -3.87 -25.68
N LEU C 351 -0.26 -4.84 -25.69
CA LEU C 351 0.31 -5.41 -24.48
C LEU C 351 1.78 -5.03 -24.39
N VAL C 352 2.19 -4.51 -23.24
CA VAL C 352 3.55 -4.05 -23.02
C VAL C 352 4.31 -5.12 -22.25
N ILE C 353 5.50 -5.47 -22.75
CA ILE C 353 6.40 -6.41 -22.06
C ILE C 353 7.47 -5.60 -21.36
N ASP C 354 7.57 -5.77 -20.05
CA ASP C 354 8.57 -5.09 -19.23
C ASP C 354 9.32 -6.14 -18.41
N PRO C 355 10.50 -6.56 -18.85
CA PRO C 355 11.16 -7.72 -18.24
C PRO C 355 11.81 -7.39 -16.91
N ASP C 356 11.69 -8.32 -15.97
CA ASP C 356 12.38 -8.25 -14.68
C ASP C 356 12.70 -9.68 -14.26
N PHE C 357 12.91 -9.89 -12.96
CA PHE C 357 13.24 -11.20 -12.43
C PHE C 357 12.47 -11.43 -11.13
N HIS C 358 12.31 -12.71 -10.79
CA HIS C 358 11.67 -13.12 -9.54
C HIS C 358 12.54 -14.18 -8.89
N PHE C 359 12.93 -13.95 -7.64
CA PHE C 359 13.85 -14.82 -6.93
C PHE C 359 13.12 -15.66 -5.89
N THR C 360 13.48 -16.94 -5.82
CA THR C 360 12.89 -17.87 -4.88
C THR C 360 13.99 -18.67 -4.19
N THR C 361 13.70 -19.13 -2.97
CA THR C 361 14.68 -19.93 -2.23
C THR C 361 14.78 -21.34 -2.78
N ASP C 362 13.63 -21.94 -3.11
CA ASP C 362 13.58 -23.32 -3.56
C ASP C 362 12.81 -23.48 -4.86
N GLY C 363 12.65 -22.40 -5.63
CA GLY C 363 11.83 -22.42 -6.81
C GLY C 363 10.37 -22.04 -6.59
N PHE C 364 9.95 -21.94 -5.33
CA PHE C 364 8.56 -21.59 -5.02
C PHE C 364 8.48 -20.56 -3.90
N GLN C 365 9.10 -20.85 -2.75
CA GLN C 365 9.09 -19.90 -1.65
C GLN C 365 9.85 -18.64 -2.04
N PRO C 366 9.26 -17.46 -1.91
CA PRO C 366 9.99 -16.23 -2.22
C PRO C 366 11.17 -16.05 -1.28
N HIS C 367 12.23 -15.43 -1.80
CA HIS C 367 13.44 -15.20 -1.01
C HIS C 367 13.11 -14.34 0.20
N ARG C 368 13.48 -14.83 1.39
CA ARG C 368 13.17 -14.13 2.63
C ARG C 368 13.76 -12.71 2.63
N TYR C 369 14.92 -12.54 2.01
CA TYR C 369 15.57 -11.23 1.91
C TYR C 369 15.95 -10.99 0.46
N PRO C 370 15.00 -10.56 -0.37
CA PRO C 370 15.28 -10.33 -1.79
C PRO C 370 16.07 -9.06 -2.07
N GLU C 371 16.37 -8.27 -1.03
CA GLU C 371 17.03 -6.98 -1.23
C GLU C 371 18.47 -7.14 -1.69
N ALA C 372 19.14 -8.21 -1.27
CA ALA C 372 20.54 -8.40 -1.64
C ALA C 372 20.69 -8.77 -3.12
N LEU C 373 19.67 -9.39 -3.70
CA LEU C 373 19.74 -9.86 -5.08
C LEU C 373 19.35 -8.80 -6.11
N LEU C 374 18.82 -7.65 -5.66
CA LEU C 374 18.34 -6.65 -6.60
C LEU C 374 19.49 -5.99 -7.37
N ALA C 375 20.69 -5.95 -6.77
CA ALA C 375 21.82 -5.30 -7.43
C ALA C 375 22.25 -6.08 -8.67
N GLY C 376 22.18 -7.40 -8.63
CA GLY C 376 22.61 -8.20 -9.77
C GLY C 376 21.75 -7.99 -11.00
N LYS C 377 20.51 -7.55 -10.81
CA LYS C 377 19.63 -7.30 -11.96
C LYS C 377 20.08 -6.08 -12.75
N LYS C 378 20.72 -5.12 -12.09
CA LYS C 378 21.16 -3.91 -12.77
C LYS C 378 22.29 -4.19 -13.75
N ARG C 379 23.18 -5.13 -13.42
CA ARG C 379 24.21 -5.54 -14.36
C ARG C 379 23.63 -6.27 -15.56
N LEU C 380 22.40 -6.77 -15.46
CA LEU C 380 21.73 -7.49 -16.53
C LEU C 380 20.74 -6.62 -17.29
N GLU C 381 20.81 -5.30 -17.12
CA GLU C 381 19.95 -4.36 -17.82
C GLU C 381 20.76 -3.61 -18.87
N ARG C 382 21.14 -4.33 -19.93
CA ARG C 382 21.77 -3.75 -21.10
C ARG C 382 20.89 -4.02 -22.31
N ASN C 383 21.12 -3.26 -23.38
CA ASN C 383 20.18 -3.23 -24.51
C ASN C 383 19.97 -4.62 -25.11
N ALA C 384 21.05 -5.37 -25.31
CA ALA C 384 20.94 -6.66 -25.99
C ALA C 384 20.14 -7.66 -25.16
N ALA C 385 20.33 -7.64 -23.83
CA ALA C 385 19.68 -8.63 -22.99
C ALA C 385 18.19 -8.35 -22.85
N VAL C 386 17.79 -7.08 -22.77
CA VAL C 386 16.38 -6.74 -22.67
C VAL C 386 15.68 -6.99 -24.01
N ARG C 387 16.38 -6.71 -25.12
CA ARG C 387 15.82 -7.01 -26.43
C ARG C 387 15.55 -8.50 -26.58
N GLY C 388 16.46 -9.34 -26.07
CA GLY C 388 16.24 -10.77 -26.15
C GLY C 388 15.11 -11.24 -25.26
N GLN C 389 14.98 -10.63 -24.08
CA GLN C 389 13.89 -11.00 -23.18
C GLN C 389 12.54 -10.63 -23.78
N VAL C 390 12.42 -9.44 -24.36
CA VAL C 390 11.16 -9.03 -24.98
C VAL C 390 10.82 -9.93 -26.16
N THR C 391 11.82 -10.24 -27.00
CA THR C 391 11.58 -11.12 -28.14
C THR C 391 11.09 -12.49 -27.69
N MET C 392 11.67 -13.02 -26.61
CA MET C 392 11.22 -14.30 -26.07
C MET C 392 9.79 -14.20 -25.56
N TRP C 393 9.52 -13.21 -24.70
CA TRP C 393 8.20 -13.07 -24.10
C TRP C 393 7.11 -12.90 -25.15
N GLN C 394 7.44 -12.23 -26.27
CA GLN C 394 6.48 -12.13 -27.37
C GLN C 394 6.12 -13.50 -27.92
N HIS C 395 7.13 -14.37 -28.09
CA HIS C 395 6.88 -15.68 -28.68
C HIS C 395 5.96 -16.52 -27.81
N LEU C 396 6.13 -16.45 -26.48
CA LEU C 396 5.25 -17.18 -25.58
C LEU C 396 3.83 -16.63 -25.65
N LEU C 397 3.70 -15.29 -25.63
CA LEU C 397 2.37 -14.68 -25.66
C LEU C 397 1.69 -14.92 -27.00
N VAL C 398 2.44 -14.85 -28.09
CA VAL C 398 1.86 -15.09 -29.41
C VAL C 398 1.39 -16.54 -29.54
N GLU C 399 2.19 -17.49 -29.05
CA GLU C 399 1.82 -18.90 -29.12
C GLU C 399 0.60 -19.20 -28.24
N SER C 400 0.44 -18.48 -27.13
CA SER C 400 -0.66 -18.76 -26.22
C SER C 400 -2.02 -18.55 -26.88
N GLY C 401 -2.10 -17.65 -27.86
CA GLY C 401 -3.36 -17.36 -28.51
C GLY C 401 -3.54 -18.05 -29.84
N LYS C 402 -2.56 -18.83 -30.19
CA LYS C 402 -2.61 -19.43 -31.52
C LYS C 402 -3.60 -20.56 -31.54
N HIS C 403 -4.42 -20.61 -32.60
CA HIS C 403 -5.32 -21.74 -32.79
C HIS C 403 -4.59 -22.81 -33.60
N GLU C 404 -4.27 -23.93 -32.95
CA GLU C 404 -3.65 -25.06 -33.60
C GLU C 404 -4.18 -26.33 -32.96
N VAL C 405 -3.70 -27.47 -33.44
CA VAL C 405 -4.08 -28.73 -32.80
C VAL C 405 -3.26 -28.95 -31.54
N GLY C 406 -2.05 -28.37 -31.48
CA GLY C 406 -1.17 -28.54 -30.35
C GLY C 406 -1.53 -27.70 -29.15
N LEU C 407 -2.78 -27.80 -28.70
CA LEU C 407 -3.22 -27.22 -27.45
C LEU C 407 -3.67 -28.35 -26.53
N PHE C 408 -3.77 -28.04 -25.24
CA PHE C 408 -4.25 -29.02 -24.26
C PHE C 408 -5.76 -28.89 -24.09
N ASP C 409 -6.48 -29.13 -25.20
CA ASP C 409 -7.94 -29.10 -25.15
C ASP C 409 -8.51 -30.16 -24.21
N ALA C 410 -7.74 -31.22 -23.93
CA ALA C 410 -8.15 -32.20 -22.93
C ALA C 410 -8.22 -31.54 -21.57
N ASP C 411 -9.44 -31.38 -21.03
CA ASP C 411 -9.74 -30.82 -19.72
C ASP C 411 -9.55 -29.32 -19.64
N LYS C 412 -9.25 -28.65 -20.75
CA LYS C 412 -8.97 -27.22 -20.73
C LYS C 412 -9.53 -26.53 -21.97
N PRO C 413 -10.23 -25.41 -21.80
CA PRO C 413 -10.79 -24.70 -22.98
C PRO C 413 -9.72 -24.12 -23.90
N ALA C 414 -10.14 -23.54 -25.01
CA ALA C 414 -9.25 -23.01 -26.03
C ALA C 414 -9.03 -21.51 -25.81
N PRO C 415 -7.90 -20.98 -26.30
CA PRO C 415 -7.65 -19.54 -26.14
C PRO C 415 -8.60 -18.70 -26.97
N LEU C 416 -8.94 -17.54 -26.42
CA LEU C 416 -9.82 -16.58 -27.11
C LEU C 416 -9.12 -15.29 -27.50
N LEU C 417 -8.07 -14.90 -26.78
CA LEU C 417 -7.27 -13.73 -27.15
C LEU C 417 -6.08 -14.17 -27.99
N GLN C 418 -5.82 -13.42 -29.05
CA GLN C 418 -4.64 -13.62 -29.90
C GLN C 418 -3.79 -12.36 -29.87
N PHE C 419 -2.49 -12.54 -30.06
CA PHE C 419 -1.53 -11.45 -29.97
C PHE C 419 -0.69 -11.40 -31.24
N GLU C 420 -0.49 -10.19 -31.75
CA GLU C 420 0.16 -9.96 -33.03
C GLU C 420 1.37 -9.06 -32.84
N ARG C 421 2.47 -9.41 -33.51
CA ARG C 421 3.68 -8.60 -33.42
C ARG C 421 3.50 -7.31 -34.21
N LEU C 422 4.42 -6.38 -33.98
CA LEU C 422 4.36 -5.08 -34.62
C LEU C 422 5.53 -4.89 -35.58
N PRO C 423 5.38 -4.07 -36.62
CA PRO C 423 6.49 -3.82 -37.53
C PRO C 423 7.66 -3.16 -36.82
N VAL C 424 8.86 -3.34 -37.39
CA VAL C 424 10.05 -2.75 -36.82
C VAL C 424 10.02 -1.24 -36.98
N ILE C 425 10.37 -0.52 -35.92
CA ILE C 425 10.42 0.93 -35.95
C ILE C 425 11.69 1.36 -36.68
N GLN C 426 11.52 2.13 -37.75
CA GLN C 426 12.63 2.52 -38.61
C GLN C 426 13.18 3.88 -38.19
N LEU C 427 14.48 3.93 -37.93
CA LEU C 427 15.16 5.15 -37.50
C LEU C 427 15.89 5.77 -38.68
N SER C 428 15.81 7.10 -38.79
CA SER C 428 16.47 7.79 -39.90
C SER C 428 17.98 7.75 -39.75
N GLN C 429 18.48 7.83 -38.52
CA GLN C 429 19.91 7.79 -38.24
C GLN C 429 20.22 6.65 -37.29
N ALA C 430 21.44 6.14 -37.38
CA ALA C 430 21.85 4.94 -36.66
C ALA C 430 22.94 5.26 -35.63
N VAL C 431 23.11 4.34 -34.70
CA VAL C 431 24.12 4.50 -33.64
C VAL C 431 25.47 4.09 -34.20
N PRO C 432 26.50 4.93 -34.09
CA PRO C 432 27.84 4.53 -34.58
C PRO C 432 28.46 3.46 -33.71
N GLU C 433 27.94 2.23 -33.80
CA GLU C 433 28.40 1.17 -32.91
C GLU C 433 29.78 0.66 -33.30
N SER C 434 29.95 0.25 -34.56
CA SER C 434 31.23 -0.29 -35.01
C SER C 434 32.36 0.69 -34.78
N SER C 435 32.08 2.00 -34.91
CA SER C 435 33.10 3.00 -34.64
C SER C 435 33.38 3.13 -33.14
N TRP C 436 32.36 2.91 -32.30
CA TRP C 436 32.50 3.20 -30.89
C TRP C 436 33.19 2.09 -30.12
N ASN C 437 33.10 0.84 -30.60
CA ASN C 437 33.83 -0.24 -29.93
C ASN C 437 35.33 -0.10 -30.09
N ARG C 438 35.80 0.71 -31.04
CA ARG C 438 37.21 1.05 -31.15
C ARG C 438 37.53 2.30 -30.34
N THR C 439 36.81 3.39 -30.60
CA THR C 439 37.16 4.67 -30.00
C THR C 439 36.78 4.73 -28.53
N ASP C 440 35.54 4.40 -28.20
CA ASP C 440 35.05 4.57 -26.84
C ASP C 440 35.68 3.56 -25.90
N PRO C 441 36.38 3.99 -24.85
CA PRO C 441 36.98 3.02 -23.91
C PRO C 441 35.95 2.19 -23.16
N ARG C 442 34.79 2.75 -22.82
CA ARG C 442 33.80 2.03 -21.95
C ARG C 442 32.80 1.18 -22.73
N ALA C 443 33.15 0.79 -23.94
CA ALA C 443 32.21 0.04 -24.80
C ALA C 443 31.86 -1.31 -24.19
N LYS C 444 32.83 -1.98 -23.58
CA LYS C 444 32.57 -3.34 -23.07
C LYS C 444 31.54 -3.28 -21.95
N GLU C 445 31.51 -2.17 -21.22
CA GLU C 445 30.54 -2.02 -20.13
C GLU C 445 29.13 -1.95 -20.69
N MET C 446 28.97 -1.65 -21.99
CA MET C 446 27.62 -1.71 -22.53
C MET C 446 27.10 -3.13 -22.63
N GLU C 447 27.95 -4.14 -22.42
CA GLU C 447 27.55 -5.53 -22.43
C GLU C 447 27.08 -5.96 -21.05
N ALA C 448 26.17 -6.94 -21.03
CA ALA C 448 25.60 -7.44 -19.79
C ALA C 448 26.31 -8.73 -19.40
N GLN C 449 27.13 -8.67 -18.37
CA GLN C 449 27.81 -9.85 -17.84
C GLN C 449 27.00 -10.41 -16.68
N ASP C 450 26.73 -11.71 -16.73
CA ASP C 450 25.89 -12.36 -15.73
C ASP C 450 26.74 -12.79 -14.53
N LEU C 451 26.18 -12.59 -13.34
CA LEU C 451 26.92 -12.67 -12.07
C LEU C 451 28.38 -12.25 -12.19
N MET D 1 -2.00 -0.20 -35.93
CA MET D 1 -1.22 0.74 -36.73
C MET D 1 0.27 0.70 -36.42
N THR D 2 1.10 0.72 -37.45
CA THR D 2 2.52 0.94 -37.27
C THR D 2 2.81 2.43 -37.11
N PHE D 3 3.80 2.74 -36.29
CA PHE D 3 4.04 4.11 -35.85
C PHE D 3 5.20 4.74 -36.63
N LYS D 4 5.39 6.03 -36.40
CA LYS D 4 6.40 6.82 -37.08
C LYS D 4 7.53 7.19 -36.13
N ALA D 5 8.65 7.63 -36.70
CA ALA D 5 9.85 7.90 -35.90
C ALA D 5 10.54 9.16 -36.40
N HIS D 6 11.31 9.76 -35.50
CA HIS D 6 12.09 10.96 -35.78
C HIS D 6 13.23 11.02 -34.79
N VAL D 7 14.36 11.56 -35.24
CA VAL D 7 15.55 11.72 -34.41
C VAL D 7 15.88 13.20 -34.35
N PHE D 8 15.70 13.80 -33.16
CA PHE D 8 15.88 15.23 -33.01
C PHE D 8 17.37 15.59 -33.01
N ASP D 9 17.69 16.74 -33.61
CA ASP D 9 19.00 17.34 -33.40
C ASP D 9 19.17 17.71 -31.93
N GLU D 10 20.42 17.72 -31.48
CA GLU D 10 20.69 18.16 -30.12
C GLU D 10 20.30 19.64 -30.03
N PRO D 11 19.29 19.99 -29.23
CA PRO D 11 18.77 21.36 -29.25
C PRO D 11 19.86 22.39 -28.96
N MET D 12 19.92 23.42 -29.81
CA MET D 12 21.03 24.35 -29.81
C MET D 12 20.88 25.40 -28.71
N LEU D 13 22.03 25.89 -28.25
CA LEU D 13 22.11 26.90 -27.20
C LEU D 13 22.82 28.13 -27.74
N GLU D 14 22.50 29.29 -27.16
CA GLU D 14 23.12 30.55 -27.53
C GLU D 14 23.98 31.06 -26.38
N PHE D 15 25.23 31.42 -26.70
CA PHE D 15 26.19 31.93 -25.73
C PHE D 15 26.50 33.40 -26.04
N GLY D 16 27.69 33.85 -25.64
CA GLY D 16 27.99 35.26 -25.71
C GLY D 16 28.10 35.77 -27.13
N ASP D 17 27.51 36.95 -27.36
CA ASP D 17 27.58 37.66 -28.65
C ASP D 17 27.13 36.75 -29.80
N GLY D 18 25.98 36.11 -29.59
CA GLY D 18 25.32 35.36 -30.65
C GLY D 18 25.88 33.98 -30.94
N GLY D 19 26.90 33.54 -30.21
CA GLY D 19 27.47 32.23 -30.48
C GLY D 19 26.50 31.10 -30.19
N GLN D 20 26.58 30.05 -31.01
CA GLN D 20 25.68 28.91 -30.91
C GLN D 20 26.48 27.62 -30.82
N HIS D 21 26.04 26.71 -29.95
CA HIS D 21 26.65 25.41 -29.76
C HIS D 21 25.74 24.58 -28.87
N CYS D 22 25.85 23.26 -28.99
CA CYS D 22 24.98 22.35 -28.25
C CYS D 22 25.50 22.01 -26.86
N ASP D 23 26.82 21.94 -26.68
CA ASP D 23 27.35 21.58 -25.37
C ASP D 23 27.60 22.83 -24.54
N PRO D 24 27.10 22.87 -23.30
CA PRO D 24 27.34 24.06 -22.46
C PRO D 24 28.82 24.37 -22.25
N ARG D 25 29.65 23.35 -22.10
CA ARG D 25 31.05 23.58 -21.74
C ARG D 25 31.84 24.17 -22.91
N GLN D 26 31.64 23.66 -24.12
CA GLN D 26 32.35 24.21 -25.28
C GLN D 26 31.84 25.60 -25.62
N GLY D 27 30.53 25.82 -25.57
CA GLY D 27 29.99 27.13 -25.87
C GLY D 27 30.51 28.19 -24.92
N LEU D 28 30.64 27.85 -23.63
CA LEU D 28 31.26 28.76 -22.68
C LEU D 28 32.74 28.96 -22.98
N ARG D 29 33.40 27.94 -23.53
CA ARG D 29 34.81 28.06 -23.87
C ARG D 29 35.02 28.92 -25.12
N GLU D 30 34.05 28.91 -26.04
CA GLU D 30 34.20 29.59 -27.32
C GLU D 30 33.60 30.98 -27.36
N HIS D 31 32.68 31.30 -26.46
CA HIS D 31 31.97 32.58 -26.53
C HIS D 31 31.78 33.26 -25.18
N GLY D 32 31.92 32.57 -24.05
CA GLY D 32 31.66 33.16 -22.76
C GLY D 32 30.19 33.10 -22.40
N PRO D 33 29.82 33.65 -21.24
CA PRO D 33 28.41 33.63 -20.84
C PRO D 33 27.56 34.56 -21.69
N LEU D 34 26.24 34.55 -21.47
CA LEU D 34 25.32 35.24 -22.36
C LEU D 34 25.55 36.75 -22.34
N GLN D 35 25.30 37.39 -21.20
CA GLN D 35 25.36 38.84 -21.07
C GLN D 35 26.39 39.21 -20.00
N PRO D 36 27.68 39.13 -20.31
CA PRO D 36 28.70 39.47 -19.32
C PRO D 36 28.96 40.97 -19.28
N ARG D 37 29.20 41.47 -18.07
CA ARG D 37 29.58 42.86 -17.86
C ARG D 37 31.04 42.94 -17.42
N SER D 38 31.69 44.03 -17.79
CA SER D 38 33.12 44.17 -17.56
C SER D 38 33.44 44.16 -16.07
N GLY D 39 34.24 43.19 -15.64
CA GLY D 39 34.65 43.12 -14.26
C GLY D 39 33.76 42.31 -13.35
N ASP D 40 33.08 41.30 -13.88
CA ASP D 40 32.21 40.46 -13.05
C ASP D 40 33.04 39.65 -12.07
N VAL D 41 32.65 39.71 -10.79
CA VAL D 41 33.21 38.84 -9.76
C VAL D 41 32.07 38.22 -8.98
N ILE D 42 32.29 36.98 -8.54
CA ILE D 42 31.33 36.27 -7.69
C ILE D 42 31.99 36.13 -6.33
N ARG D 43 31.58 36.97 -5.38
CA ARG D 43 32.12 36.90 -4.03
C ARG D 43 31.58 35.65 -3.35
N VAL D 44 32.48 34.72 -3.03
CA VAL D 44 32.12 33.39 -2.57
C VAL D 44 32.43 33.27 -1.09
N GLY D 45 31.39 33.06 -0.29
CA GLY D 45 31.59 32.78 1.12
C GLY D 45 31.82 31.30 1.36
N VAL D 46 32.52 31.00 2.45
CA VAL D 46 32.91 29.63 2.78
C VAL D 46 32.65 29.38 4.26
N ILE D 47 32.12 28.20 4.58
CA ILE D 47 31.94 27.75 5.95
C ILE D 47 32.44 26.32 6.07
N GLY D 48 33.28 26.08 7.07
CA GLY D 48 33.83 24.76 7.28
C GLY D 48 34.98 24.84 8.27
N THR D 49 35.70 23.73 8.41
CA THR D 49 36.86 23.74 9.27
C THR D 49 37.98 24.58 8.64
N ASP D 50 39.03 24.84 9.43
CA ASP D 50 40.18 25.55 8.90
C ASP D 50 40.80 24.79 7.74
N ASP D 51 40.78 23.47 7.80
CA ASP D 51 41.32 22.66 6.70
C ASP D 51 40.47 22.77 5.45
N THR D 52 39.14 22.71 5.60
CA THR D 52 38.26 22.75 4.43
C THR D 52 38.28 24.11 3.75
N VAL D 53 38.42 25.20 4.51
CA VAL D 53 38.49 26.51 3.89
C VAL D 53 39.77 26.64 3.07
N ALA D 54 40.91 26.21 3.62
CA ALA D 54 42.16 26.26 2.89
C ALA D 54 42.13 25.34 1.67
N GLY D 55 41.48 24.17 1.81
CA GLY D 55 41.36 23.28 0.67
C GLY D 55 40.53 23.87 -0.46
N PHE D 56 39.47 24.61 -0.10
CA PHE D 56 38.64 25.25 -1.11
C PHE D 56 39.42 26.34 -1.86
N THR D 57 40.18 27.15 -1.12
CA THR D 57 40.98 28.18 -1.77
C THR D 57 42.03 27.57 -2.68
N GLU D 58 42.60 26.43 -2.29
CA GLU D 58 43.55 25.73 -3.15
C GLU D 58 42.87 25.23 -4.42
N PHE D 59 41.70 24.61 -4.27
CA PHE D 59 40.97 24.13 -5.45
C PHE D 59 40.56 25.28 -6.35
N LEU D 60 40.20 26.42 -5.75
CA LEU D 60 39.87 27.60 -6.54
C LEU D 60 41.09 28.12 -7.30
N ALA D 61 42.25 28.13 -6.64
CA ALA D 61 43.48 28.56 -7.31
C ALA D 61 43.90 27.55 -8.37
N GLU D 62 43.84 26.26 -8.05
CA GLU D 62 44.05 25.22 -9.06
C GLU D 62 43.14 25.42 -10.26
N THR D 63 41.88 25.78 -9.99
CA THR D 63 40.92 26.02 -11.07
C THR D 63 41.36 27.16 -11.96
N GLY D 64 41.88 28.23 -11.37
CA GLY D 64 42.32 29.37 -12.18
C GLY D 64 43.51 29.05 -13.06
N ARG D 65 44.43 28.22 -12.56
CA ARG D 65 45.59 27.84 -13.34
C ARG D 65 45.25 26.83 -14.43
N GLY D 66 44.16 26.10 -14.28
CA GLY D 66 43.74 25.12 -15.27
C GLY D 66 44.02 23.71 -14.82
N ILE D 67 43.13 22.79 -15.21
CA ILE D 67 43.28 21.36 -14.95
C ILE D 67 43.07 20.63 -16.27
N GLU D 68 44.10 19.94 -16.73
CA GLU D 68 43.96 19.17 -17.96
C GLU D 68 43.08 17.95 -17.72
N SER D 69 42.62 17.36 -18.82
CA SER D 69 41.63 16.30 -18.76
C SER D 69 42.19 15.05 -18.07
N GLY D 70 41.28 14.19 -17.63
CA GLY D 70 41.65 12.95 -16.98
C GLY D 70 41.26 11.73 -17.80
N ASN D 71 40.62 11.97 -18.95
CA ASN D 71 40.27 10.90 -19.89
C ASN D 71 40.31 11.51 -21.29
N LYS D 72 41.47 11.40 -21.93
CA LYS D 72 41.67 12.05 -23.22
C LYS D 72 40.94 11.34 -24.35
N GLN D 73 40.54 10.08 -24.16
CA GLN D 73 39.84 9.34 -25.21
C GLN D 73 38.38 9.75 -25.32
N LEU D 74 37.82 10.41 -24.30
CA LEU D 74 36.46 10.93 -24.34
C LEU D 74 36.53 12.41 -23.96
N ILE D 75 37.14 13.21 -24.83
CA ILE D 75 37.52 14.57 -24.47
C ILE D 75 36.28 15.47 -24.35
N ASN D 76 35.28 15.26 -25.22
CA ASN D 76 34.08 16.08 -25.13
C ASN D 76 33.22 15.70 -23.92
N LEU D 77 33.45 14.54 -23.34
CA LEU D 77 32.79 14.13 -22.11
C LEU D 77 33.60 14.43 -20.86
N ASN D 78 34.92 14.45 -20.97
CA ASN D 78 35.82 14.63 -19.82
C ASN D 78 36.79 15.76 -20.09
N PRO D 79 36.29 16.96 -20.37
CA PRO D 79 37.16 18.01 -20.89
C PRO D 79 38.09 18.58 -19.83
N ASP D 80 39.15 19.23 -20.30
CA ASP D 80 40.02 19.99 -19.43
C ASP D 80 39.37 21.34 -19.12
N PHE D 81 39.69 21.87 -17.95
CA PHE D 81 39.24 23.22 -17.61
C PHE D 81 40.30 24.21 -18.03
N PRO D 82 39.99 25.15 -18.95
CA PRO D 82 41.04 26.03 -19.48
C PRO D 82 41.55 27.07 -18.49
N GLY D 83 40.94 27.23 -17.33
CA GLY D 83 41.41 28.18 -16.35
C GLY D 83 40.58 29.45 -16.34
N LEU D 84 40.70 30.19 -15.23
CA LEU D 84 39.94 31.41 -15.00
C LEU D 84 40.71 32.66 -15.38
N GLY D 85 41.62 32.56 -16.35
CA GLY D 85 42.40 33.71 -16.78
C GLY D 85 41.94 34.27 -18.11
N ASN D 86 42.80 34.20 -19.13
CA ASN D 86 42.44 34.69 -20.45
C ASN D 86 41.32 33.87 -21.05
N GLN D 87 41.43 32.54 -20.98
CA GLN D 87 40.41 31.64 -21.50
C GLN D 87 39.35 31.31 -20.47
N ASN D 88 38.98 32.29 -19.64
CA ASN D 88 37.96 32.11 -18.61
C ASN D 88 36.62 31.82 -19.29
N PRO D 89 36.07 30.61 -19.13
CA PRO D 89 34.80 30.30 -19.79
C PRO D 89 33.66 31.17 -19.32
N PHE D 90 33.66 31.52 -18.03
CA PHE D 90 32.59 32.30 -17.44
C PHE D 90 32.86 33.80 -17.47
N ARG D 91 34.07 34.21 -17.87
CA ARG D 91 34.48 35.61 -17.87
C ARG D 91 34.05 36.30 -16.58
N CYS D 92 34.34 35.64 -15.47
CA CYS D 92 33.86 36.08 -14.16
C CYS D 92 34.87 35.60 -13.12
N LYS D 93 35.42 36.54 -12.36
CA LYS D 93 36.43 36.19 -11.36
C LYS D 93 35.77 35.54 -10.14
N PHE D 94 36.34 34.43 -9.69
CA PHE D 94 35.87 33.70 -8.51
C PHE D 94 36.85 33.95 -7.38
N GLU D 95 36.40 34.68 -6.35
CA GLU D 95 37.26 35.06 -5.24
C GLU D 95 36.55 34.81 -3.91
N VAL D 96 37.35 34.59 -2.88
CA VAL D 96 36.85 34.48 -1.51
C VAL D 96 37.32 35.71 -0.75
N PRO D 97 36.48 36.73 -0.61
CA PRO D 97 36.93 37.98 0.03
C PRO D 97 37.28 37.79 1.50
N ASP D 98 38.10 38.70 1.99
CA ASP D 98 38.53 38.66 3.39
C ASP D 98 37.33 38.86 4.31
N GLY D 99 37.18 37.96 5.28
CA GLY D 99 36.13 38.05 6.27
C GLY D 99 34.90 37.22 5.96
N ALA D 100 34.74 36.76 4.73
CA ALA D 100 33.61 35.93 4.33
C ALA D 100 33.75 34.48 4.80
N THR D 101 34.76 34.17 5.61
CA THR D 101 35.02 32.82 6.07
C THR D 101 34.50 32.66 7.50
N VAL D 102 33.77 31.58 7.74
CA VAL D 102 33.34 31.18 9.07
C VAL D 102 33.81 29.76 9.31
N THR D 103 34.43 29.52 10.46
CA THR D 103 35.04 28.24 10.77
C THR D 103 34.27 27.49 11.84
N ILE D 104 34.24 26.17 11.71
CA ILE D 104 33.63 25.27 12.69
C ILE D 104 34.76 24.61 13.46
N SER D 105 34.73 24.74 14.79
CA SER D 105 35.78 24.17 15.62
C SER D 105 35.71 22.64 15.60
N ARG D 106 36.86 22.01 15.85
CA ARG D 106 36.91 20.55 15.93
C ARG D 106 36.04 20.01 17.06
N ARG D 107 35.74 20.84 18.07
CA ARG D 107 34.84 20.42 19.13
C ARG D 107 33.40 20.35 18.63
N GLN D 108 32.95 21.39 17.92
CA GLN D 108 31.57 21.44 17.45
C GLN D 108 31.26 20.26 16.54
N VAL D 109 32.20 19.87 15.69
CA VAL D 109 32.01 18.68 14.87
C VAL D 109 31.82 17.46 15.75
N ASN D 110 32.66 17.32 16.77
CA ASN D 110 32.52 16.20 17.71
C ASN D 110 31.26 16.31 18.56
N ASP D 111 30.69 17.52 18.70
CA ASP D 111 29.44 17.65 19.45
C ASP D 111 28.26 17.12 18.66
N ILE D 112 28.28 17.23 17.33
CA ILE D 112 27.20 16.70 16.51
C ILE D 112 27.37 15.21 16.30
N THR D 113 28.58 14.78 15.91
CA THR D 113 28.86 13.37 15.69
C THR D 113 28.80 12.54 16.96
N GLY D 114 28.60 13.16 18.12
CA GLY D 114 28.48 12.44 19.37
C GLY D 114 27.06 12.23 19.87
N ILE D 115 26.06 12.76 19.16
CA ILE D 115 24.66 12.60 19.54
C ILE D 115 24.15 11.29 18.96
N GLY D 116 23.60 10.44 19.82
CA GLY D 116 23.19 9.10 19.39
C GLY D 116 21.96 9.09 18.51
N ARG D 117 21.03 10.02 18.73
CA ARG D 117 19.81 10.08 17.96
C ARG D 117 20.05 10.87 16.68
N HIS D 118 19.69 10.26 15.54
CA HIS D 118 19.95 10.89 14.25
C HIS D 118 19.18 12.20 14.11
N ASP D 119 17.87 12.16 14.36
CA ASP D 119 17.05 13.37 14.21
C ASP D 119 17.54 14.50 15.10
N GLU D 120 17.97 14.17 16.31
CA GLU D 120 18.50 15.19 17.22
C GLU D 120 19.76 15.83 16.67
N ALA D 121 20.66 15.02 16.11
CA ALA D 121 21.91 15.55 15.57
C ALA D 121 21.68 16.34 14.29
N VAL D 122 20.67 15.96 13.49
CA VAL D 122 20.34 16.72 12.29
C VAL D 122 19.91 18.13 12.66
N ARG D 123 18.97 18.26 13.59
CA ARG D 123 18.47 19.57 13.99
C ARG D 123 19.57 20.42 14.60
N HIS D 124 20.38 19.83 15.48
CA HIS D 124 21.48 20.56 16.08
C HIS D 124 22.48 21.03 15.02
N ALA D 125 22.66 20.25 13.95
CA ALA D 125 23.58 20.65 12.89
C ALA D 125 23.01 21.79 12.07
N VAL D 126 21.69 21.81 11.85
CA VAL D 126 21.07 22.89 11.10
C VAL D 126 21.07 24.17 11.93
N GLU D 127 20.70 24.06 13.21
CA GLU D 127 20.73 25.23 14.08
C GLU D 127 22.12 25.85 14.12
N LEU D 128 23.17 25.03 14.06
CA LEU D 128 24.53 25.54 14.02
C LEU D 128 24.82 26.23 12.69
N ILE D 129 24.61 25.52 11.57
CA ILE D 129 25.04 26.03 10.28
C ILE D 129 24.15 27.19 9.83
N SER D 130 22.86 27.13 10.14
CA SER D 130 21.97 28.22 9.75
C SER D 130 22.30 29.51 10.49
N SER D 131 22.78 29.41 11.74
CA SER D 131 23.13 30.61 12.50
C SER D 131 24.40 31.25 11.96
N GLN D 132 25.37 30.43 11.53
CA GLN D 132 26.57 30.98 10.91
C GLN D 132 26.26 31.58 9.55
N LEU D 133 25.40 30.92 8.77
CA LEU D 133 24.94 31.48 7.50
C LEU D 133 24.30 32.84 7.70
N SER D 134 23.50 32.99 8.75
CA SER D 134 22.87 34.27 9.05
C SER D 134 23.92 35.33 9.38
N ALA D 135 25.05 34.92 9.96
CA ALA D 135 26.09 35.88 10.31
C ALA D 135 26.76 36.44 9.07
N LEU D 136 27.03 35.59 8.07
CA LEU D 136 27.67 36.05 6.84
C LEU D 136 26.78 37.01 6.07
N VAL D 137 25.53 36.60 5.81
CA VAL D 137 24.64 37.40 4.97
C VAL D 137 24.34 38.73 5.63
N GLU D 138 24.19 38.75 6.96
CA GLU D 138 23.98 39.99 7.71
C GLU D 138 25.28 40.61 8.18
N GLY D 139 26.34 40.53 7.35
CA GLY D 139 27.62 41.09 7.72
C GLY D 139 28.22 41.98 6.64
N SER D 140 29.47 42.36 6.79
CA SER D 140 30.14 43.23 5.83
C SER D 140 30.66 42.49 4.61
N ALA D 141 30.67 41.14 4.64
CA ALA D 141 31.21 40.39 3.51
C ALA D 141 30.34 40.58 2.27
N LYS D 142 29.03 40.62 2.44
CA LYS D 142 28.08 40.75 1.33
C LYS D 142 28.36 39.74 0.22
N PRO D 143 28.32 38.44 0.53
CA PRO D 143 28.65 37.44 -0.48
C PRO D 143 27.54 37.27 -1.51
N ASP D 144 27.94 36.80 -2.69
CA ASP D 144 26.99 36.48 -3.75
C ASP D 144 26.54 35.03 -3.68
N VAL D 145 27.37 34.14 -3.13
CA VAL D 145 27.01 32.75 -2.92
C VAL D 145 27.94 32.22 -1.84
N ILE D 146 27.51 31.19 -1.13
CA ILE D 146 28.25 30.63 -0.01
C ILE D 146 28.47 29.14 -0.22
N VAL D 147 29.70 28.69 0.03
CA VAL D 147 30.09 27.29 -0.10
C VAL D 147 30.18 26.68 1.28
N LEU D 148 29.52 25.54 1.46
CA LEU D 148 29.53 24.80 2.73
C LEU D 148 30.43 23.57 2.56
N ALA D 149 31.67 23.69 3.04
CA ALA D 149 32.65 22.60 2.96
C ALA D 149 32.70 21.93 4.33
N LEU D 150 31.86 20.92 4.51
CA LEU D 150 31.81 20.21 5.78
C LEU D 150 32.90 19.14 5.84
N PRO D 151 33.42 18.85 7.03
CA PRO D 151 34.41 17.78 7.16
C PRO D 151 33.80 16.42 6.89
N ILE D 152 34.65 15.49 6.42
CA ILE D 152 34.19 14.13 6.14
C ILE D 152 33.48 13.49 7.33
N PRO D 153 33.99 13.56 8.57
CA PRO D 153 33.24 12.95 9.68
C PRO D 153 31.85 13.52 9.87
N LEU D 154 31.64 14.81 9.59
CA LEU D 154 30.32 15.39 9.80
C LEU D 154 29.36 15.02 8.67
N ILE D 155 29.84 14.98 7.43
CA ILE D 155 29.00 14.55 6.32
C ILE D 155 28.56 13.11 6.51
N GLU D 156 29.50 12.24 6.89
CA GLU D 156 29.19 10.84 7.11
C GLU D 156 28.25 10.62 8.29
N LYS D 157 28.03 11.64 9.12
CA LYS D 157 27.09 11.55 10.22
C LYS D 157 25.69 12.00 9.85
N LEU D 158 25.56 12.99 8.96
CA LEU D 158 24.28 13.58 8.62
C LEU D 158 23.62 12.97 7.38
N VAL D 159 24.36 12.20 6.59
CA VAL D 159 23.87 11.66 5.33
C VAL D 159 23.78 10.14 5.44
N ASN D 160 22.67 9.58 4.96
CA ASN D 160 22.48 8.14 4.95
C ASN D 160 23.43 7.49 3.95
N ALA D 161 23.42 6.15 3.92
CA ALA D 161 24.27 5.40 3.01
C ALA D 161 23.44 4.36 2.26
N LYS D 162 23.98 3.94 1.12
CA LYS D 162 23.35 2.92 0.29
C LYS D 162 24.45 2.07 -0.33
N SER D 163 24.04 1.12 -1.17
CA SER D 163 24.98 0.23 -1.84
C SER D 163 24.96 0.43 -3.35
N GLY D 175 10.38 9.38 4.65
CA GLY D 175 9.91 10.36 5.63
C GLY D 175 10.05 9.88 7.06
N ASP D 176 10.69 8.73 7.24
CA ASP D 176 10.88 8.18 8.58
C ASP D 176 11.98 8.87 9.36
N MET D 177 12.90 9.57 8.69
CA MET D 177 13.93 10.32 9.37
C MET D 177 14.25 11.57 8.56
N LEU D 178 14.93 12.51 9.21
CA LEU D 178 15.20 13.81 8.61
C LEU D 178 16.41 13.74 7.69
N ASN D 179 16.39 14.60 6.68
CA ASN D 179 17.52 14.79 5.77
C ASN D 179 18.14 16.16 6.03
N PHE D 180 19.46 16.17 6.23
CA PHE D 180 20.11 17.40 6.67
C PHE D 180 20.01 18.51 5.62
N ARG D 181 20.24 18.19 4.36
CA ARG D 181 20.25 19.21 3.33
C ARG D 181 18.87 19.86 3.18
N ASP D 182 17.81 19.07 3.15
CA ASP D 182 16.48 19.61 2.99
C ASP D 182 16.09 20.48 4.19
N LEU D 183 16.40 20.02 5.41
CA LEU D 183 16.11 20.83 6.58
C LEU D 183 16.91 22.13 6.58
N LEU D 184 18.16 22.08 6.10
CA LEU D 184 18.97 23.28 6.04
C LEU D 184 18.45 24.26 4.99
N LYS D 185 18.04 23.74 3.83
CA LYS D 185 17.46 24.61 2.81
C LYS D 185 16.18 25.26 3.30
N ALA D 186 15.36 24.51 4.04
CA ALA D 186 14.11 25.07 4.54
C ALA D 186 14.35 26.13 5.60
N LYS D 187 15.34 25.92 6.47
CA LYS D 187 15.60 26.87 7.54
C LYS D 187 16.31 28.12 7.05
N THR D 188 16.93 28.09 5.88
CA THR D 188 17.62 29.25 5.32
C THR D 188 16.96 29.75 4.03
N LEU D 189 15.73 29.32 3.76
CA LEU D 189 15.03 29.74 2.55
C LEU D 189 14.67 31.21 2.56
N HIS D 190 14.85 31.91 3.69
CA HIS D 190 14.60 33.34 3.77
C HIS D 190 15.84 34.18 3.52
N LEU D 191 17.04 33.58 3.50
CA LEU D 191 18.25 34.32 3.21
C LEU D 191 18.45 34.45 1.70
N PRO D 192 18.91 35.60 1.22
CA PRO D 192 19.04 35.80 -0.23
C PRO D 192 20.32 35.25 -0.84
N VAL D 193 21.22 34.69 -0.04
CA VAL D 193 22.50 34.17 -0.54
C VAL D 193 22.38 32.65 -0.63
N PRO D 194 22.39 32.06 -1.81
CA PRO D 194 22.29 30.60 -1.94
C PRO D 194 23.48 29.89 -1.32
N THR D 195 23.36 28.57 -1.20
CA THR D 195 24.37 27.74 -0.56
C THR D 195 24.64 26.50 -1.38
N GLN D 196 25.91 26.26 -1.69
CA GLN D 196 26.35 25.05 -2.36
C GLN D 196 27.11 24.19 -1.36
N ILE D 197 26.67 22.94 -1.20
CA ILE D 197 27.30 21.99 -0.30
C ILE D 197 28.21 21.09 -1.12
N VAL D 198 29.46 20.93 -0.67
CA VAL D 198 30.46 20.19 -1.42
C VAL D 198 31.20 19.25 -0.47
N TRP D 199 31.56 18.07 -0.99
CA TRP D 199 32.53 17.24 -0.30
C TRP D 199 33.88 17.97 -0.28
N PRO D 200 34.63 17.90 0.82
CA PRO D 200 35.91 18.62 0.89
C PRO D 200 37.09 17.92 0.23
N ASP D 201 36.81 16.85 -0.52
CA ASP D 201 37.89 16.09 -1.20
C ASP D 201 37.77 16.33 -2.69
N THR D 202 36.68 15.89 -3.30
CA THR D 202 36.46 16.00 -4.73
C THR D 202 35.69 17.26 -5.10
N TRP D 203 35.08 17.95 -4.13
CA TRP D 203 34.35 19.20 -4.36
C TRP D 203 33.16 19.01 -5.28
N ASP D 204 32.55 17.83 -5.22
CA ASP D 204 31.26 17.59 -5.85
C ASP D 204 30.14 17.78 -4.83
N ASP D 205 28.91 17.76 -5.33
CA ASP D 205 27.77 18.03 -4.46
C ASP D 205 27.63 16.95 -3.39
N ALA D 206 27.09 17.35 -2.24
CA ALA D 206 26.93 16.47 -1.10
C ALA D 206 25.53 16.65 -0.52
N ALA D 207 25.10 15.64 0.24
CA ALA D 207 23.83 15.58 0.97
C ALA D 207 22.60 15.68 0.07
N LYS D 208 22.75 15.75 -1.25
CA LYS D 208 21.60 15.71 -2.14
C LYS D 208 21.17 14.27 -2.42
N ILE D 209 22.14 13.40 -2.70
CA ILE D 209 21.87 11.98 -2.88
C ILE D 209 22.63 11.22 -1.81
N PRO D 210 22.15 10.05 -1.38
CA PRO D 210 22.88 9.28 -0.37
C PRO D 210 24.28 8.91 -0.83
N ARG D 211 25.20 8.85 0.13
CA ARG D 211 26.58 8.48 -0.14
C ARG D 211 26.74 6.97 -0.16
N LYS D 212 27.81 6.52 -0.81
CA LYS D 212 28.16 5.11 -0.74
C LYS D 212 28.83 4.81 0.60
N ILE D 213 28.86 3.52 0.94
CA ILE D 213 29.36 3.12 2.25
C ILE D 213 30.82 3.53 2.44
N LYS D 214 31.59 3.54 1.36
CA LYS D 214 33.03 3.83 1.44
C LYS D 214 33.40 4.82 0.36
N ARG D 215 33.90 5.99 0.76
CA ARG D 215 34.52 6.93 -0.17
C ARG D 215 35.82 6.35 -0.71
N GLN D 222 40.30 9.51 -11.52
CA GLN D 222 39.66 10.54 -10.70
C GLN D 222 39.31 11.77 -11.53
N VAL D 223 38.01 11.96 -11.76
CA VAL D 223 37.54 13.18 -12.41
C VAL D 223 37.82 14.37 -11.51
N LYS D 224 38.51 15.37 -12.05
CA LYS D 224 38.80 16.59 -11.31
C LYS D 224 38.38 17.84 -12.05
N ALA D 225 38.63 17.92 -13.36
CA ALA D 225 38.25 19.10 -14.11
C ALA D 225 36.73 19.22 -14.23
N THR D 226 36.05 18.09 -14.50
CA THR D 226 34.60 18.14 -14.59
C THR D 226 33.96 18.40 -13.23
N ARG D 227 34.60 17.95 -12.15
CA ARG D 227 34.17 18.37 -10.82
C ARG D 227 34.27 19.88 -10.67
N ALA D 228 35.31 20.48 -11.27
CA ALA D 228 35.47 21.93 -11.20
C ALA D 228 34.46 22.62 -12.10
N TRP D 229 34.22 22.07 -13.29
CA TRP D 229 33.22 22.64 -14.20
C TRP D 229 31.86 22.76 -13.52
N ASN D 230 31.42 21.68 -12.88
CA ASN D 230 30.09 21.67 -12.27
C ASN D 230 30.02 22.63 -11.09
N LEU D 231 31.09 22.72 -10.29
CA LEU D 231 31.08 23.60 -9.14
C LEU D 231 30.97 25.06 -9.57
N LEU D 232 31.76 25.46 -10.57
CA LEU D 232 31.70 26.84 -11.04
C LEU D 232 30.39 27.14 -11.73
N ASN D 233 29.83 26.15 -12.45
CA ASN D 233 28.54 26.36 -13.08
C ASN D 233 27.44 26.55 -12.05
N ALA D 234 27.47 25.77 -10.97
CA ALA D 234 26.49 25.95 -9.91
C ALA D 234 26.66 27.30 -9.24
N LEU D 235 27.91 27.71 -8.98
CA LEU D 235 28.16 29.02 -8.38
C LEU D 235 27.72 30.14 -9.30
N PHE D 236 28.02 30.01 -10.60
CA PHE D 236 27.58 31.00 -11.58
C PHE D 236 26.05 31.14 -11.55
N TYR D 237 25.34 30.01 -11.56
CA TYR D 237 23.89 30.04 -11.51
C TYR D 237 23.39 30.55 -10.16
N LYS D 238 23.98 30.04 -9.07
CA LYS D 238 23.58 30.47 -7.73
C LYS D 238 23.95 31.92 -7.45
N ALA D 239 24.90 32.49 -8.20
CA ALA D 239 25.24 33.90 -8.02
C ALA D 239 24.19 34.80 -8.65
N GLY D 240 23.48 34.32 -9.67
CA GLY D 240 22.48 35.09 -10.36
C GLY D 240 22.81 35.47 -11.79
N LYS D 241 23.80 34.83 -12.41
CA LYS D 241 24.17 35.11 -13.78
C LYS D 241 23.70 33.99 -14.70
N VAL D 242 23.58 34.32 -15.98
CA VAL D 242 22.99 33.41 -16.97
C VAL D 242 24.12 32.93 -17.89
N PRO D 243 24.47 31.64 -17.86
CA PRO D 243 25.50 31.16 -18.80
C PRO D 243 25.03 31.14 -20.23
N TRP D 244 23.81 30.69 -20.49
CA TRP D 244 23.31 30.56 -21.86
C TRP D 244 21.79 30.51 -21.80
N ARG D 245 21.17 30.54 -22.98
CA ARG D 245 19.73 30.43 -23.10
C ARG D 245 19.39 29.53 -24.28
N LEU D 246 18.22 28.89 -24.21
CA LEU D 246 17.76 28.05 -25.30
C LEU D 246 17.48 28.91 -26.53
N LEU D 247 17.94 28.44 -27.69
CA LEU D 247 17.74 29.19 -28.92
C LEU D 247 16.40 28.84 -29.53
N PRO D 248 15.54 29.81 -29.80
CA PRO D 248 14.20 29.52 -30.31
C PRO D 248 14.18 29.36 -31.83
N ASP D 249 13.08 28.77 -32.30
CA ASP D 249 12.87 28.62 -33.74
C ASP D 249 12.54 29.95 -34.40
N GLN D 250 11.75 30.78 -33.71
CA GLN D 250 11.57 32.18 -34.08
C GLN D 250 12.10 33.03 -32.94
N ALA D 251 12.98 33.98 -33.27
CA ALA D 251 13.67 34.74 -32.23
C ALA D 251 12.70 35.58 -31.40
N GLU D 252 11.63 36.07 -32.00
CA GLU D 252 10.74 37.01 -31.31
C GLU D 252 9.67 36.31 -30.48
N TYR D 253 9.17 35.17 -30.92
CA TYR D 253 8.25 34.39 -30.11
C TYR D 253 9.00 33.74 -28.96
N ARG D 254 8.50 33.92 -27.74
CA ARG D 254 9.14 33.43 -26.53
C ARG D 254 8.20 32.51 -25.78
N THR D 255 8.75 31.42 -25.24
CA THR D 255 7.96 30.41 -24.55
C THR D 255 8.39 30.32 -23.09
N SER D 256 7.41 30.18 -22.20
CA SER D 256 7.64 29.96 -20.78
C SER D 256 7.05 28.61 -20.38
N PHE D 257 7.66 27.96 -19.41
CA PHE D 257 7.32 26.59 -19.05
C PHE D 257 6.91 26.54 -17.59
N LEU D 258 5.72 26.02 -17.33
CA LEU D 258 5.13 25.98 -15.99
C LEU D 258 4.80 24.54 -15.62
N GLY D 259 5.60 23.96 -14.74
CA GLY D 259 5.28 22.66 -14.18
C GLY D 259 4.43 22.79 -12.93
N ILE D 260 3.67 21.72 -12.65
CA ILE D 260 2.80 21.67 -11.49
C ILE D 260 3.01 20.33 -10.79
N GLY D 261 3.37 20.38 -9.51
CA GLY D 261 3.64 19.18 -8.75
C GLY D 261 2.96 19.20 -7.39
N PHE D 262 3.04 18.07 -6.71
CA PHE D 262 2.47 17.90 -5.39
C PHE D 262 3.52 17.33 -4.44
N TYR D 263 3.44 17.73 -3.18
CA TYR D 263 4.29 17.17 -2.13
C TYR D 263 3.43 16.97 -0.88
N ARG D 264 3.57 15.80 -0.27
CA ARG D 264 2.74 15.41 0.86
C ARG D 264 3.46 15.72 2.17
N ASP D 265 2.72 16.25 3.13
CA ASP D 265 3.28 16.59 4.43
C ASP D 265 3.37 15.37 5.32
N LEU D 266 4.22 15.46 6.33
CA LEU D 266 4.49 14.31 7.21
C LEU D 266 3.60 14.31 8.45
N ASP D 267 3.31 15.47 9.01
CA ASP D 267 2.53 15.58 10.23
C ASP D 267 1.15 16.15 9.92
N GLY D 268 0.33 16.31 10.97
CA GLY D 268 -1.01 16.81 10.83
C GLY D 268 -1.97 15.76 10.28
N GLN D 269 -2.49 15.99 9.09
CA GLN D 269 -3.32 15.02 8.38
C GLN D 269 -2.66 14.52 7.11
N GLN D 270 -1.37 14.80 6.93
CA GLN D 270 -0.61 14.35 5.75
C GLN D 270 -1.30 14.81 4.46
N LEU D 271 -1.61 16.10 4.41
CA LEU D 271 -2.31 16.67 3.26
C LEU D 271 -1.33 17.05 2.16
N TRP D 272 -1.69 16.75 0.93
CA TRP D 272 -0.88 17.15 -0.21
C TRP D 272 -1.00 18.65 -0.45
N THR D 273 0.04 19.23 -1.05
CA THR D 273 0.08 20.65 -1.35
C THR D 273 0.66 20.86 -2.74
N SER D 274 0.05 21.78 -3.48
CA SER D 274 0.44 22.01 -4.87
C SER D 274 1.59 23.01 -4.96
N THR D 275 2.42 22.84 -5.99
CA THR D 275 3.52 23.74 -6.27
C THR D 275 3.59 24.01 -7.77
N ALA D 276 4.19 25.14 -8.12
CA ALA D 276 4.39 25.53 -9.51
C ALA D 276 5.86 25.88 -9.71
N GLN D 277 6.45 25.37 -10.78
CA GLN D 277 7.88 25.54 -11.06
C GLN D 277 8.02 26.17 -12.44
N MET D 278 7.81 27.48 -12.53
CA MET D 278 7.88 28.16 -13.81
C MET D 278 9.32 28.48 -14.17
N PHE D 279 9.67 28.21 -15.44
CA PHE D 279 11.01 28.45 -15.98
C PHE D 279 10.89 29.21 -17.28
N ASP D 280 11.81 30.15 -17.51
CA ASP D 280 11.89 30.83 -18.79
C ASP D 280 13.01 30.21 -19.63
N GLU D 281 13.26 30.80 -20.80
CA GLU D 281 14.23 30.25 -21.73
C GLU D 281 15.67 30.51 -21.33
N ARG D 282 15.91 31.31 -20.29
CA ARG D 282 17.26 31.53 -19.78
C ARG D 282 17.64 30.56 -18.67
N GLY D 283 16.76 29.62 -18.32
CA GLY D 283 17.02 28.68 -17.25
C GLY D 283 16.68 29.17 -15.86
N ARG D 284 16.13 30.36 -15.76
CA ARG D 284 15.81 30.93 -14.44
C ARG D 284 14.44 30.40 -14.01
N GLY D 285 14.28 30.04 -12.75
CA GLY D 285 13.01 29.48 -12.29
C GLY D 285 12.25 30.35 -11.31
N LEU D 286 10.97 30.04 -11.10
CA LEU D 286 10.17 30.67 -10.07
C LEU D 286 9.35 29.57 -9.39
N ILE D 287 9.38 29.55 -8.06
CA ILE D 287 8.72 28.50 -7.28
C ILE D 287 7.56 29.12 -6.52
N LEU D 288 6.34 28.68 -6.82
CA LEU D 288 5.13 29.15 -6.16
C LEU D 288 4.45 28.00 -5.44
N ARG D 289 3.85 28.30 -4.30
CA ARG D 289 3.10 27.33 -3.52
C ARG D 289 1.61 27.65 -3.60
N GLY D 290 0.81 26.65 -3.93
CA GLY D 290 -0.62 26.81 -4.08
C GLY D 290 -1.40 26.24 -2.92
N ALA D 291 -2.69 26.01 -3.15
CA ALA D 291 -3.59 25.57 -2.11
C ALA D 291 -3.43 24.07 -1.85
N ARG D 292 -4.05 23.61 -0.76
CA ARG D 292 -4.06 22.19 -0.45
C ARG D 292 -4.83 21.42 -1.50
N ALA D 293 -4.30 20.26 -1.89
CA ALA D 293 -4.86 19.49 -2.99
C ALA D 293 -5.86 18.46 -2.47
N GLN D 294 -6.73 18.03 -3.38
CA GLN D 294 -7.64 16.91 -3.13
C GLN D 294 -6.95 15.60 -3.48
N THR D 295 -7.56 14.49 -3.07
CA THR D 295 -7.05 13.16 -3.37
C THR D 295 -8.20 12.28 -3.86
N GLU D 296 -7.88 11.35 -4.76
CA GLU D 296 -8.92 10.51 -5.33
C GLU D 296 -9.30 9.36 -4.39
N THR D 297 -8.31 8.68 -3.82
CA THR D 297 -8.59 7.50 -2.99
C THR D 297 -7.57 7.40 -1.86
N ARG D 298 -8.08 7.44 -0.63
CA ARG D 298 -7.29 7.14 0.57
C ARG D 298 -6.03 8.00 0.67
N GLY D 299 -6.13 9.27 0.36
CA GLY D 299 -4.97 10.13 0.60
C GLY D 299 -3.91 10.04 -0.44
N ARG D 300 -4.21 9.42 -1.56
CA ARG D 300 -3.24 9.30 -2.66
C ARG D 300 -3.87 9.81 -3.95
N HIS D 301 -3.12 9.73 -5.05
CA HIS D 301 -3.63 10.25 -6.34
C HIS D 301 -4.01 11.74 -6.16
N PRO D 302 -3.10 12.70 -5.78
CA PRO D 302 -3.45 14.09 -5.65
C PRO D 302 -3.92 14.85 -6.89
N TYR D 303 -4.90 15.75 -6.73
CA TYR D 303 -5.39 16.57 -7.83
C TYR D 303 -5.89 17.89 -7.26
N LEU D 304 -6.19 18.84 -8.16
CA LEU D 304 -6.60 20.18 -7.77
C LEU D 304 -7.98 20.48 -8.32
N THR D 305 -8.77 21.24 -7.56
CA THR D 305 -10.06 21.69 -8.02
C THR D 305 -9.89 22.84 -9.01
N ALA D 306 -10.94 23.09 -9.80
CA ALA D 306 -10.84 24.04 -10.90
C ALA D 306 -10.48 25.44 -10.43
N LYS D 307 -11.00 25.84 -9.26
CA LYS D 307 -10.73 27.18 -8.78
C LYS D 307 -9.28 27.31 -8.30
N ASP D 308 -8.81 26.32 -7.53
CA ASP D 308 -7.46 26.39 -6.99
C ASP D 308 -6.40 26.26 -8.08
N ALA D 309 -6.67 25.46 -9.11
CA ALA D 309 -5.75 25.40 -10.25
C ALA D 309 -5.68 26.74 -10.97
N GLU D 310 -6.80 27.48 -11.00
CA GLU D 310 -6.79 28.82 -11.58
C GLU D 310 -5.92 29.76 -10.76
N ASP D 311 -6.01 29.69 -9.43
CA ASP D 311 -5.25 30.59 -8.58
C ASP D 311 -3.74 30.34 -8.72
N LEU D 312 -3.34 29.06 -8.83
CA LEU D 312 -1.93 28.74 -8.93
C LEU D 312 -1.33 29.29 -10.23
N VAL D 313 -2.06 29.17 -11.34
CA VAL D 313 -1.56 29.68 -12.62
C VAL D 313 -1.54 31.20 -12.60
N VAL D 314 -2.58 31.82 -12.02
CA VAL D 314 -2.62 33.29 -11.93
C VAL D 314 -1.44 33.81 -11.12
N GLN D 315 -1.15 33.16 -9.99
CA GLN D 315 -0.04 33.58 -9.15
C GLN D 315 1.29 33.43 -9.87
N SER D 316 1.46 32.34 -10.62
CA SER D 316 2.72 32.11 -11.32
C SER D 316 2.92 33.14 -12.43
N ILE D 317 1.88 33.43 -13.20
CA ILE D 317 2.01 34.40 -14.28
C ILE D 317 2.30 35.79 -13.72
N ALA D 318 1.65 36.15 -12.61
CA ALA D 318 1.98 37.40 -11.94
C ALA D 318 3.42 37.41 -11.46
N ALA D 319 3.93 36.25 -11.04
CA ALA D 319 5.34 36.15 -10.66
C ALA D 319 6.24 36.29 -11.89
N TYR D 320 5.85 35.65 -12.99
CA TYR D 320 6.61 35.82 -14.24
C TYR D 320 6.65 37.29 -14.65
N LYS D 321 5.49 37.94 -14.65
CA LYS D 321 5.41 39.33 -15.12
C LYS D 321 6.23 40.26 -14.24
N ALA D 322 6.38 39.94 -12.96
CA ALA D 322 7.07 40.82 -12.03
C ALA D 322 8.59 40.78 -12.17
N HIS D 323 9.14 39.72 -12.75
CA HIS D 323 10.59 39.53 -12.81
C HIS D 323 11.17 39.57 -14.21
N HIS D 324 10.49 38.99 -15.19
CA HIS D 324 11.11 38.71 -16.48
C HIS D 324 10.94 39.82 -17.51
N ARG D 325 9.90 40.65 -17.37
CA ARG D 325 9.81 41.92 -18.08
C ARG D 325 9.71 41.74 -19.60
N HIS D 326 9.21 40.59 -20.05
CA HIS D 326 8.88 40.39 -21.45
C HIS D 326 7.59 39.59 -21.54
N VAL D 327 6.86 39.79 -22.63
CA VAL D 327 5.56 39.14 -22.82
C VAL D 327 5.78 37.70 -23.28
N PRO D 328 5.35 36.71 -22.48
CA PRO D 328 5.45 35.32 -22.94
C PRO D 328 4.40 35.03 -24.01
N ALA D 329 4.84 34.48 -25.14
CA ALA D 329 3.94 34.20 -26.25
C ALA D 329 3.23 32.86 -26.10
N ARG D 330 3.97 31.80 -25.78
CA ARG D 330 3.43 30.47 -25.59
C ARG D 330 3.76 29.99 -24.19
N LEU D 331 2.77 29.40 -23.51
CA LEU D 331 2.94 28.88 -22.16
C LEU D 331 2.63 27.40 -22.17
N VAL D 332 3.66 26.58 -21.95
CA VAL D 332 3.53 25.13 -21.90
C VAL D 332 3.40 24.72 -20.43
N VAL D 333 2.29 24.05 -20.11
CA VAL D 333 2.01 23.59 -18.75
C VAL D 333 2.32 22.11 -18.68
N LEU D 334 3.03 21.70 -17.62
CA LEU D 334 3.52 20.33 -17.50
C LEU D 334 3.12 19.74 -16.17
N LYS D 335 2.81 18.45 -16.18
CA LYS D 335 2.48 17.72 -14.93
C LYS D 335 2.93 16.27 -15.08
N THR D 336 3.28 15.60 -14.00
CA THR D 336 3.62 14.18 -13.99
C THR D 336 2.40 13.30 -13.75
N SER D 337 1.32 13.83 -13.21
CA SER D 337 0.03 13.16 -13.14
C SER D 337 -0.89 13.71 -14.22
N ARG D 338 -1.90 12.92 -14.57
CA ARG D 338 -2.77 13.28 -15.68
C ARG D 338 -3.56 14.55 -15.35
N PHE D 339 -3.84 15.33 -16.40
CA PHE D 339 -4.62 16.57 -16.26
C PHE D 339 -6.08 16.20 -16.05
N ARG D 340 -6.55 16.32 -14.81
CA ARG D 340 -7.94 16.02 -14.53
C ARG D 340 -8.84 17.11 -15.09
N SER D 341 -10.13 16.78 -15.23
CA SER D 341 -11.08 17.68 -15.87
C SER D 341 -11.13 19.04 -15.19
N GLU D 342 -11.16 19.04 -13.85
CA GLU D 342 -11.21 20.30 -13.12
C GLU D 342 -9.92 21.08 -13.29
N GLU D 343 -8.78 20.40 -13.25
CA GLU D 343 -7.49 21.07 -13.38
C GLU D 343 -7.37 21.77 -14.73
N ALA D 344 -7.72 21.08 -15.81
CA ALA D 344 -7.63 21.69 -17.13
C ALA D 344 -8.59 22.86 -17.28
N GLU D 345 -9.75 22.79 -16.64
CA GLU D 345 -10.71 23.89 -16.73
C GLU D 345 -10.16 25.15 -16.07
N GLY D 346 -9.56 25.02 -14.88
CA GLY D 346 -9.01 26.18 -14.21
C GLY D 346 -7.80 26.74 -14.93
N ILE D 347 -6.98 25.88 -15.52
CA ILE D 347 -5.83 26.35 -16.30
C ILE D 347 -6.31 27.16 -17.50
N ASP D 348 -7.38 26.70 -18.14
CA ASP D 348 -7.92 27.43 -19.29
C ASP D 348 -8.46 28.79 -18.87
N ALA D 349 -9.13 28.86 -17.72
CA ALA D 349 -9.69 30.13 -17.25
C ALA D 349 -8.58 31.15 -16.96
N ALA D 350 -7.52 30.71 -16.27
CA ALA D 350 -6.44 31.62 -15.96
C ALA D 350 -5.66 32.02 -17.20
N LEU D 351 -5.45 31.08 -18.13
CA LEU D 351 -4.71 31.39 -19.34
C LEU D 351 -5.49 32.35 -20.24
N GLY D 352 -6.80 32.14 -20.36
CA GLY D 352 -7.60 33.03 -21.20
C GLY D 352 -7.64 34.45 -20.67
N LYS D 353 -7.80 34.61 -19.37
CA LYS D 353 -7.77 35.94 -18.76
C LYS D 353 -6.40 36.59 -18.84
N SER D 354 -5.34 35.80 -19.03
CA SER D 354 -3.99 36.35 -19.03
C SER D 354 -3.65 37.03 -20.35
N GLY D 355 -4.21 36.56 -21.46
CA GLY D 355 -3.87 37.10 -22.76
C GLY D 355 -2.75 36.37 -23.47
N ILE D 356 -2.22 35.29 -22.88
CA ILE D 356 -1.21 34.50 -23.56
C ILE D 356 -1.81 33.92 -24.83
N GLU D 357 -1.13 34.16 -25.96
CA GLU D 357 -1.71 33.81 -27.26
C GLU D 357 -1.83 32.30 -27.45
N MET D 358 -0.75 31.58 -27.14
CA MET D 358 -0.71 30.13 -27.33
C MET D 358 -0.45 29.43 -26.00
N SER D 359 -0.99 28.22 -25.87
CA SER D 359 -0.88 27.45 -24.65
C SER D 359 -0.80 25.98 -24.98
N ASP D 360 -0.09 25.24 -24.14
CA ASP D 360 0.07 23.80 -24.31
C ASP D 360 0.03 23.12 -22.95
N LEU D 361 -0.64 21.97 -22.90
CA LEU D 361 -0.70 21.13 -21.71
C LEU D 361 -0.12 19.76 -22.06
N VAL D 362 0.82 19.29 -21.23
CA VAL D 362 1.51 18.03 -21.49
C VAL D 362 1.58 17.23 -20.19
N TRP D 363 1.18 15.96 -20.26
CA TRP D 363 1.30 15.04 -19.14
C TRP D 363 2.53 14.17 -19.38
N VAL D 364 3.57 14.37 -18.57
CA VAL D 364 4.83 13.66 -18.73
C VAL D 364 4.81 12.43 -17.84
N GLN D 365 4.90 11.24 -18.47
CA GLN D 365 4.96 9.98 -17.75
C GLN D 365 6.41 9.57 -17.60
N GLU D 366 6.93 9.65 -16.38
CA GLU D 366 8.30 9.23 -16.11
C GLU D 366 8.44 7.71 -16.09
N SER D 367 7.36 6.99 -15.82
CA SER D 367 7.42 5.57 -15.53
C SER D 367 6.61 4.76 -16.55
N SER D 368 6.77 5.08 -17.83
CA SER D 368 6.08 4.27 -18.84
C SER D 368 6.90 3.02 -19.15
N PRO D 369 6.25 1.87 -19.33
CA PRO D 369 6.97 0.64 -19.69
C PRO D 369 7.22 0.46 -21.17
N ILE D 370 6.79 1.41 -22.00
CA ILE D 370 6.99 1.32 -23.44
C ILE D 370 8.40 1.76 -23.79
N ALA D 371 9.12 0.95 -24.56
CA ALA D 371 10.49 1.26 -24.93
C ALA D 371 10.81 0.56 -26.25
N ILE D 372 11.86 1.05 -26.91
CA ILE D 372 12.35 0.46 -28.15
C ILE D 372 13.80 0.07 -27.97
N PHE D 373 14.19 -1.03 -28.60
CA PHE D 373 15.51 -1.61 -28.44
C PHE D 373 16.14 -1.85 -29.80
N ARG D 374 17.25 -1.18 -30.09
CA ARG D 374 17.98 -1.41 -31.31
C ARG D 374 18.80 -2.70 -31.22
N ASP D 375 19.42 -3.08 -32.33
CA ASP D 375 20.21 -4.30 -32.41
C ASP D 375 21.66 -3.96 -32.12
N GLY D 376 22.07 -4.13 -30.87
CA GLY D 376 23.42 -3.82 -30.47
C GLY D 376 23.50 -3.67 -28.96
N ASN D 377 24.68 -3.25 -28.51
CA ASN D 377 24.91 -3.04 -27.07
C ASN D 377 24.61 -1.60 -26.64
N TYR D 378 25.03 -0.62 -27.44
CA TYR D 378 24.68 0.76 -27.16
C TYR D 378 23.17 0.96 -27.31
N PRO D 379 22.55 1.77 -26.45
CA PRO D 379 21.12 2.03 -26.60
C PRO D 379 20.82 2.99 -27.75
N VAL D 380 19.58 3.44 -27.87
CA VAL D 380 19.17 4.30 -28.97
C VAL D 380 19.70 5.72 -28.74
N LEU D 381 19.68 6.53 -29.78
CA LEU D 381 20.23 7.88 -29.71
C LEU D 381 19.37 8.79 -28.84
N ARG D 382 20.03 9.72 -28.16
CA ARG D 382 19.31 10.78 -27.47
C ARG D 382 18.65 11.68 -28.50
N GLY D 383 17.35 11.90 -28.34
CA GLY D 383 16.56 12.58 -29.34
C GLY D 383 15.67 11.67 -30.17
N THR D 384 15.74 10.37 -29.94
CA THR D 384 14.85 9.44 -30.63
C THR D 384 13.42 9.61 -30.10
N PHE D 385 12.48 9.73 -31.01
CA PHE D 385 11.09 10.02 -30.67
C PHE D 385 10.16 9.21 -31.54
N VAL D 386 9.21 8.52 -30.92
CA VAL D 386 8.23 7.70 -31.61
C VAL D 386 6.86 8.32 -31.39
N ASP D 387 6.08 8.44 -32.47
CA ASP D 387 4.75 9.01 -32.39
C ASP D 387 3.71 7.87 -32.37
N LEU D 388 3.64 7.21 -31.22
CA LEU D 388 2.43 6.47 -30.89
C LEU D 388 1.27 7.45 -30.96
N ASP D 389 0.20 7.06 -31.64
CA ASP D 389 -0.85 8.01 -32.01
C ASP D 389 -1.29 8.86 -30.82
N GLY D 390 -0.95 10.14 -30.85
CA GLY D 390 -1.28 11.05 -29.77
C GLY D 390 -0.46 10.87 -28.51
N LYS D 391 0.58 10.04 -28.54
CA LYS D 391 1.40 9.76 -27.35
C LYS D 391 2.84 9.61 -27.79
N GLY D 392 3.70 10.56 -27.38
CA GLY D 392 5.07 10.58 -27.84
C GLY D 392 6.00 9.83 -26.89
N LEU D 393 6.89 9.04 -27.48
CA LEU D 393 7.88 8.28 -26.73
C LEU D 393 9.24 8.95 -26.97
N LEU D 394 9.64 9.81 -26.03
CA LEU D 394 10.86 10.60 -26.16
C LEU D 394 11.98 9.99 -25.33
N TYR D 395 13.16 9.90 -25.92
CA TYR D 395 14.35 9.32 -25.28
C TYR D 395 15.29 10.46 -24.91
N THR D 396 15.15 10.97 -23.68
CA THR D 396 16.01 12.05 -23.22
C THR D 396 17.39 11.57 -22.79
N ARG D 397 17.54 10.29 -22.46
CA ARG D 397 18.83 9.68 -22.19
C ARG D 397 19.14 8.64 -23.25
N GLY D 398 20.42 8.36 -23.43
CA GLY D 398 20.85 7.36 -24.37
C GLY D 398 22.18 7.74 -24.99
N SER D 399 22.47 7.11 -26.13
CA SER D 399 23.73 7.35 -26.82
C SER D 399 23.81 8.80 -27.30
N VAL D 400 24.95 9.43 -27.04
CA VAL D 400 25.17 10.83 -27.39
C VAL D 400 26.33 10.89 -28.38
N PRO D 401 26.11 11.37 -29.62
CA PRO D 401 27.23 11.47 -30.56
C PRO D 401 28.30 12.46 -30.13
N PHE D 402 27.90 13.56 -29.50
CA PHE D 402 28.89 14.53 -29.02
C PHE D 402 29.80 13.92 -27.95
N TYR D 403 29.22 13.16 -27.02
CA TYR D 403 30.01 12.53 -25.97
C TYR D 403 30.72 11.27 -26.45
N GLY D 404 30.35 10.74 -27.61
CA GLY D 404 31.02 9.57 -28.15
C GLY D 404 30.79 8.29 -27.40
N THR D 405 29.75 8.23 -26.57
CA THR D 405 29.44 7.03 -25.78
C THR D 405 28.04 7.21 -25.21
N PHE D 406 27.64 6.25 -24.37
CA PHE D 406 26.41 6.37 -23.61
C PHE D 406 26.76 6.78 -22.19
N PRO D 407 26.39 7.99 -21.75
CA PRO D 407 26.85 8.48 -20.44
C PRO D 407 26.18 7.79 -19.26
N GLY D 408 26.04 6.49 -19.33
CA GLY D 408 25.44 5.73 -18.25
C GLY D 408 25.79 4.27 -18.32
N LEU D 409 24.98 3.47 -17.64
CA LEU D 409 25.18 2.02 -17.62
C LEU D 409 23.85 1.31 -17.90
N ARG D 410 22.86 1.60 -17.06
CA ARG D 410 21.54 0.98 -17.14
C ARG D 410 20.87 1.41 -18.44
N VAL D 411 19.93 0.60 -18.90
CA VAL D 411 19.21 0.94 -20.14
C VAL D 411 18.38 2.19 -19.88
N PRO D 412 18.46 3.22 -20.73
CA PRO D 412 17.61 4.41 -20.55
C PRO D 412 16.14 4.07 -20.77
N ARG D 413 15.30 4.54 -19.86
CA ARG D 413 13.86 4.32 -19.97
C ARG D 413 13.21 5.62 -20.42
N PRO D 414 12.46 5.61 -21.53
CA PRO D 414 12.07 6.87 -22.16
C PRO D 414 10.87 7.52 -21.49
N LEU D 415 10.71 8.81 -21.79
CA LEU D 415 9.54 9.58 -21.36
C LEU D 415 8.42 9.39 -22.37
N LEU D 416 7.19 9.28 -21.87
CA LEU D 416 6.00 9.15 -22.69
C LEU D 416 5.19 10.43 -22.56
N LEU D 417 5.05 11.16 -23.67
CA LEU D 417 4.46 12.49 -23.66
C LEU D 417 3.04 12.41 -24.22
N VAL D 418 2.07 12.79 -23.40
CA VAL D 418 0.66 12.77 -23.77
C VAL D 418 0.13 14.19 -23.74
N PRO D 419 0.01 14.83 -24.90
CA PRO D 419 -0.55 16.19 -24.93
C PRO D 419 -2.06 16.17 -24.72
N HIS D 420 -2.54 17.21 -24.05
CA HIS D 420 -3.97 17.33 -23.80
C HIS D 420 -4.69 17.87 -25.05
N GLU D 421 -5.99 17.56 -25.13
CA GLU D 421 -6.78 18.00 -26.28
C GLU D 421 -6.82 19.52 -26.41
N ASN D 422 -6.58 20.24 -25.33
CA ASN D 422 -6.64 21.70 -25.33
C ASN D 422 -5.35 22.33 -25.82
N SER D 423 -4.40 21.52 -26.28
CA SER D 423 -3.10 22.03 -26.69
C SER D 423 -3.16 22.60 -28.11
N ASP D 424 -2.27 23.55 -28.38
CA ASP D 424 -2.16 24.18 -29.69
C ASP D 424 -1.09 23.53 -30.56
N SER D 425 0.12 23.38 -30.02
CA SER D 425 1.25 22.88 -30.79
C SER D 425 1.08 21.39 -31.09
N THR D 426 1.86 20.91 -32.05
CA THR D 426 1.87 19.49 -32.36
C THR D 426 2.61 18.72 -31.27
N ILE D 427 2.47 17.39 -31.33
CA ILE D 427 3.22 16.54 -30.41
C ILE D 427 4.71 16.57 -30.75
N LEU D 428 5.05 16.83 -32.01
CA LEU D 428 6.44 16.98 -32.40
C LEU D 428 7.02 18.29 -31.86
N THR D 429 6.26 19.38 -31.96
CA THR D 429 6.70 20.65 -31.42
C THR D 429 6.90 20.57 -29.90
N LEU D 430 6.19 19.66 -29.24
CA LEU D 430 6.24 19.55 -27.79
C LEU D 430 7.37 18.64 -27.33
N ALA D 431 7.63 17.55 -28.06
CA ALA D 431 8.75 16.69 -27.70
C ALA D 431 10.08 17.41 -27.92
N LYS D 432 10.17 18.20 -28.99
CA LYS D 432 11.33 19.05 -29.19
C LYS D 432 11.47 20.09 -28.08
N ASP D 433 10.37 20.43 -27.42
CA ASP D 433 10.42 21.34 -26.28
C ASP D 433 10.91 20.61 -25.03
N VAL D 434 10.45 19.39 -24.80
CA VAL D 434 10.86 18.64 -23.61
C VAL D 434 12.34 18.30 -23.67
N LEU D 435 12.82 17.90 -24.86
CA LEU D 435 14.24 17.60 -25.00
C LEU D 435 15.10 18.82 -24.69
N ALA D 436 14.62 20.02 -25.04
CA ALA D 436 15.37 21.23 -24.75
C ALA D 436 15.39 21.51 -23.25
N LEU D 437 14.26 21.27 -22.57
CA LEU D 437 14.17 21.55 -21.14
C LEU D 437 15.05 20.63 -20.29
N THR D 438 15.57 19.55 -20.88
CA THR D 438 16.48 18.68 -20.14
C THR D 438 17.92 19.20 -20.17
N LYS D 439 18.23 20.13 -21.07
CA LYS D 439 19.57 20.72 -21.08
C LYS D 439 19.75 21.67 -19.90
N VAL D 440 18.69 22.33 -19.46
CA VAL D 440 18.78 23.22 -18.31
C VAL D 440 19.15 22.40 -17.08
N ASN D 441 20.29 22.75 -16.47
CA ASN D 441 20.83 21.96 -15.37
C ASN D 441 21.50 22.87 -14.36
N TRP D 442 21.14 22.69 -13.09
CA TRP D 442 21.82 23.34 -11.98
C TRP D 442 22.72 22.36 -11.22
N ASN D 443 22.76 21.11 -11.63
CA ASN D 443 23.54 20.08 -10.95
C ASN D 443 24.93 19.93 -11.57
N THR D 444 24.99 19.66 -12.87
CA THR D 444 26.24 19.39 -13.56
C THR D 444 26.30 20.19 -14.85
N THR D 445 27.40 20.01 -15.59
CA THR D 445 27.54 20.51 -16.94
C THR D 445 27.35 19.41 -17.98
N GLN D 446 26.63 18.35 -17.62
CA GLN D 446 26.35 17.22 -18.49
C GLN D 446 24.94 17.37 -19.02
N PHE D 447 24.80 17.42 -20.35
CA PHE D 447 23.55 17.87 -20.98
C PHE D 447 22.59 16.73 -21.32
N ASP D 448 22.88 15.50 -20.91
CA ASP D 448 21.96 14.39 -21.17
C ASP D 448 21.13 14.04 -19.93
N GLN D 449 20.53 15.07 -19.34
CA GLN D 449 19.70 14.90 -18.15
C GLN D 449 18.33 14.34 -18.53
N LYS D 450 17.79 13.48 -17.67
CA LYS D 450 16.56 12.77 -18.01
C LYS D 450 15.35 13.70 -18.00
N LEU D 451 15.19 14.47 -16.92
CA LEU D 451 13.91 15.13 -16.80
C LEU D 451 13.99 16.61 -17.18
N PRO D 452 12.92 17.17 -17.72
CA PRO D 452 12.88 18.60 -18.00
C PRO D 452 12.95 19.42 -16.71
N ALA D 453 13.34 20.69 -16.88
CA ALA D 453 13.58 21.53 -15.71
C ALA D 453 12.38 21.67 -14.78
N PRO D 454 11.14 21.82 -15.25
CA PRO D 454 10.02 21.87 -14.29
C PRO D 454 9.84 20.60 -13.48
N ILE D 455 10.04 19.43 -14.10
CA ILE D 455 9.87 18.18 -13.37
C ILE D 455 11.02 17.96 -12.39
N LYS D 456 12.25 18.29 -12.81
CA LYS D 456 13.40 18.12 -11.94
C LYS D 456 13.30 19.01 -10.70
N ALA D 457 12.72 20.21 -10.84
CA ALA D 457 12.55 21.09 -9.70
C ALA D 457 11.41 20.64 -8.78
N ALA D 458 10.43 19.93 -9.32
CA ALA D 458 9.29 19.50 -8.52
C ALA D 458 9.70 18.49 -7.46
N ARG D 459 10.53 17.51 -7.83
CA ARG D 459 11.07 16.59 -6.84
C ARG D 459 11.85 17.32 -5.76
N GLU D 460 12.45 18.46 -6.10
CA GLU D 460 13.42 19.12 -5.24
C GLU D 460 12.76 20.11 -4.28
N VAL D 461 11.98 21.05 -4.81
CA VAL D 461 11.31 22.02 -3.95
C VAL D 461 10.31 21.32 -3.04
N GLY D 462 9.68 20.25 -3.54
CA GLY D 462 8.74 19.52 -2.70
C GLY D 462 9.41 18.88 -1.50
N ARG D 463 10.64 18.40 -1.68
CA ARG D 463 11.39 17.84 -0.56
C ARG D 463 11.74 18.91 0.48
N ILE D 464 11.95 20.15 0.04
CA ILE D 464 12.32 21.23 0.95
C ILE D 464 11.09 21.88 1.57
N LEU D 465 10.05 22.14 0.78
CA LEU D 465 8.90 22.88 1.28
C LEU D 465 8.09 22.08 2.30
N LYS D 466 8.24 20.76 2.35
CA LYS D 466 7.54 19.98 3.36
C LYS D 466 8.02 20.29 4.77
N HIS D 467 9.15 20.99 4.91
CA HIS D 467 9.67 21.41 6.21
C HIS D 467 9.39 22.87 6.50
N VAL D 468 8.73 23.59 5.59
CA VAL D 468 8.28 24.95 5.80
C VAL D 468 6.76 24.89 5.96
N GLU D 469 6.28 25.29 7.14
CA GLU D 469 4.87 25.09 7.49
C GLU D 469 3.95 25.75 6.47
N PHE D 470 2.85 25.06 6.15
CA PHE D 470 1.87 25.60 5.21
C PHE D 470 1.27 26.89 5.75
N GLY D 471 1.17 27.89 4.86
CA GLY D 471 0.71 29.21 5.20
C GLY D 471 1.81 30.26 5.20
N THR D 472 3.04 29.85 5.52
CA THR D 472 4.16 30.78 5.49
C THR D 472 4.54 31.08 4.05
N ALA D 473 4.66 32.36 3.73
CA ALA D 473 5.05 32.77 2.39
C ALA D 473 6.48 32.32 2.10
N VAL D 474 6.68 31.70 0.95
CA VAL D 474 7.97 31.15 0.57
C VAL D 474 8.53 31.95 -0.61
N SER D 475 9.86 32.04 -0.66
CA SER D 475 10.52 32.79 -1.71
C SER D 475 10.31 32.11 -3.07
N SER D 476 10.18 32.92 -4.11
CA SER D 476 9.95 32.41 -5.46
C SER D 476 11.26 32.15 -6.21
N ASP D 477 12.38 32.69 -5.74
CA ASP D 477 13.64 32.50 -6.43
C ASP D 477 14.10 31.05 -6.30
N PHE D 478 14.24 30.38 -7.44
CA PHE D 478 14.63 28.97 -7.43
C PHE D 478 16.08 28.77 -6.99
N ARG D 479 16.91 29.81 -7.06
CA ARG D 479 18.30 29.67 -6.67
C ARG D 479 18.45 29.24 -5.22
N ARG D 480 17.54 29.68 -4.35
CA ARG D 480 17.58 29.28 -2.94
C ARG D 480 17.21 27.82 -2.74
N TYR D 481 16.64 27.16 -3.74
CA TYR D 481 16.24 25.77 -3.63
C TYR D 481 17.28 24.79 -4.13
N THR D 482 18.18 25.24 -5.01
CA THR D 482 19.24 24.39 -5.54
C THR D 482 20.28 24.08 -4.47
#